data_5YQS
#
_entry.id   5YQS
#
_cell.length_a   69.787
_cell.length_b   129.911
_cell.length_c   95.162
_cell.angle_alpha   90.000
_cell.angle_beta   94.440
_cell.angle_gamma   90.000
#
_symmetry.space_group_name_H-M   'P 1 21 1'
#
loop_
_entity.id
_entity.type
_entity.pdbx_description
1 polymer 'Isoprimeverose-producing enzyme'
2 branched 2-acetamido-2-deoxy-beta-D-glucopyranose-(1-4)-2-acetamido-2-deoxy-beta-D-glucopyranose
3 branched alpha-D-xylopyranose-(1-6)-beta-D-glucopyranose
4 branched alpha-D-xylopyranose-(1-6)-alpha-D-glucopyranose
5 non-polymer 2-acetamido-2-deoxy-beta-D-glucopyranose
6 non-polymer 'CALCIUM ION'
7 non-polymer beta-D-glucopyranose
8 water water
#
_entity_poly.entity_id   1
_entity_poly.type   'polypeptide(L)'
_entity_poly.pdbx_seq_one_letter_code
;QDEKPRYKDPSVPVEERVTDLLGRMTLEEKMSQLIQGDITNWMNETTGEFNLTGLEWSTKMRGGMFYVGYPVPWDYIADN
VKKAQDYILQNTTLGIPAIVQTESLHGFLIGNATIYNSPIGFACSFNPELIEKMARLIGQEASALGVNHVMGPVVDLARE
LRFGRVEETYGEDPFLAGEIGYHYTKGIQSHNISANVKHFVGFSQPEQGLNTAPVHGGERYLRTTWLPSFKRAIMDAGAW
SIMSAYHSYDGIPAVADYHTLTEILREEWGYKYWVTSDAGASDRVCTAFKLCRADPIDKEAVTLAILPAGNDVEMGGGSY
NFETIIDLVNAGKLDIEIVNTAVSRVLRAKFEMGLFENPYNAAPASEWNKLIHTQEAVDLARELDRESIVLLENHDNALP
LKKSGSIAVIGPMAHGFMNYGDYVVYESQYRGVTPLDGIKAAVGDKATINYAQGCERWSNDQSGFAEAVEAAKKSDVAVV
VVGTWSRDQKELWAGLNATTGEHVDVNSLSLVGAQAPLIKAIIDTGVPTVVVLSSGKPITEPWLSNNTAALVQQFYPSEQ
GGNALADVLFGDYNPSGKLSVSFPHSVGDLPIYYDYLNSAREIGDAGYIYSNGTLEFGHQYALGNPKAWYPFGYGKSYSS
FEYGAVKLDKTNVTEADTVTVSVDVKNTDATREGTEVVQVYVVDEVASVVVPNRLLKGFKKVVIPAGQTKTVEIPLKVQD
LGLWNVRMKYVVEPGAFGVLVGSSSEDIRGNATFYVQVDHHHHHH
;
_entity_poly.pdbx_strand_id   A,B
#
# COMPACT_ATOMS: atom_id res chain seq x y z
N LYS A 4 -56.34 6.51 21.65
CA LYS A 4 -55.67 6.11 20.36
C LYS A 4 -54.46 7.00 20.05
N PRO A 5 -53.23 6.57 20.46
CA PRO A 5 -51.98 7.30 20.16
C PRO A 5 -51.63 7.41 18.66
N ARG A 6 -51.20 8.58 18.23
CA ARG A 6 -50.99 8.86 16.79
C ARG A 6 -49.97 7.91 16.12
N TYR A 7 -48.91 7.51 16.83
CA TYR A 7 -47.85 6.66 16.23
C TYR A 7 -48.39 5.27 15.82
N LYS A 8 -49.48 4.80 16.44
CA LYS A 8 -50.10 3.49 16.06
C LYS A 8 -50.95 3.55 14.77
N ASP A 9 -51.17 4.75 14.23
CA ASP A 9 -52.12 4.98 13.18
C ASP A 9 -51.38 5.04 11.85
N PRO A 10 -51.57 4.02 10.97
CA PRO A 10 -50.83 3.99 9.71
C PRO A 10 -51.23 5.04 8.67
N SER A 11 -52.33 5.77 8.89
CA SER A 11 -52.74 6.83 7.99
C SER A 11 -52.03 8.14 8.32
N VAL A 12 -51.35 8.22 9.46
CA VAL A 12 -50.56 9.39 9.87
C VAL A 12 -49.21 9.31 9.19
N PRO A 13 -48.61 10.44 8.76
CA PRO A 13 -47.35 10.36 8.02
C PRO A 13 -46.17 9.95 8.90
N VAL A 14 -45.19 9.27 8.28
CA VAL A 14 -44.06 8.66 8.99
C VAL A 14 -43.36 9.65 9.94
N GLU A 15 -43.12 10.89 9.51
CA GLU A 15 -42.42 11.80 10.42
C GLU A 15 -43.22 12.10 11.70
N GLU A 16 -44.54 12.22 11.57
CA GLU A 16 -45.44 12.56 12.68
C GLU A 16 -45.58 11.35 13.62
N ARG A 17 -45.56 10.15 13.05
CA ARG A 17 -45.51 8.92 13.82
C ARG A 17 -44.23 8.86 14.67
N VAL A 18 -43.08 9.17 14.07
CA VAL A 18 -41.79 9.17 14.81
C VAL A 18 -41.81 10.21 15.93
N THR A 19 -42.21 11.44 15.59
CA THR A 19 -42.32 12.56 16.54
C THR A 19 -43.23 12.20 17.71
N ASP A 20 -44.37 11.60 17.44
CA ASP A 20 -45.31 11.19 18.43
C ASP A 20 -44.76 10.10 19.37
N LEU A 21 -44.13 9.07 18.81
CA LEU A 21 -43.57 7.97 19.64
C LEU A 21 -42.37 8.46 20.45
N LEU A 22 -41.63 9.41 19.88
CA LEU A 22 -40.37 9.85 20.48
C LEU A 22 -40.66 10.63 21.77
N GLY A 23 -41.72 11.47 21.75
CA GLY A 23 -42.11 12.25 22.93
C GLY A 23 -42.78 11.46 24.06
N ARG A 24 -43.14 10.20 23.84
CA ARG A 24 -43.72 9.34 24.90
C ARG A 24 -42.66 8.49 25.60
N MET A 25 -41.40 8.51 25.11
CA MET A 25 -40.32 7.61 25.56
C MET A 25 -39.49 8.24 26.69
N THR A 26 -39.13 7.43 27.71
CA THR A 26 -38.09 7.79 28.71
C THR A 26 -36.68 7.72 28.11
N LEU A 27 -35.72 8.35 28.78
CA LEU A 27 -34.33 8.23 28.36
C LEU A 27 -33.88 6.74 28.32
N GLU A 28 -34.27 5.98 29.34
CA GLU A 28 -33.96 4.52 29.46
C GLU A 28 -34.48 3.77 28.21
N GLU A 29 -35.67 4.10 27.72
CA GLU A 29 -36.26 3.44 26.54
C GLU A 29 -35.56 3.86 25.23
N LYS A 30 -35.12 5.12 25.17
CA LYS A 30 -34.24 5.62 24.09
C LYS A 30 -32.90 4.86 24.00
N MET A 31 -32.19 4.70 25.11
CA MET A 31 -30.96 3.91 25.21
C MET A 31 -31.18 2.50 24.67
N SER A 32 -32.30 1.89 25.06
CA SER A 32 -32.61 0.52 24.73
C SER A 32 -32.75 0.33 23.22
N GLN A 33 -33.21 1.34 22.49
CA GLN A 33 -33.29 1.26 21.01
C GLN A 33 -31.90 1.26 20.34
N LEU A 34 -30.90 1.91 20.96
CA LEU A 34 -29.58 2.12 20.38
C LEU A 34 -28.53 1.08 20.82
N ILE A 35 -28.95 0.02 21.54
CA ILE A 35 -28.05 -1.07 21.97
C ILE A 35 -28.57 -2.46 21.53
N GLN A 36 -27.72 -3.20 20.83
CA GLN A 36 -28.09 -4.48 20.24
C GLN A 36 -28.15 -5.56 21.31
N GLY A 37 -29.29 -6.27 21.34
CA GLY A 37 -29.47 -7.42 22.16
C GLY A 37 -29.04 -8.69 21.43
N ASP A 38 -29.38 -9.84 22.03
CA ASP A 38 -29.06 -11.16 21.50
C ASP A 38 -30.14 -12.18 21.93
N ILE A 39 -30.57 -13.04 20.99
CA ILE A 39 -31.54 -14.10 21.26
C ILE A 39 -31.07 -15.03 22.41
N THR A 40 -29.74 -15.24 22.58
CA THR A 40 -29.27 -16.17 23.62
C THR A 40 -29.53 -15.65 25.03
N ASN A 41 -29.83 -14.36 25.15
CA ASN A 41 -30.22 -13.76 26.42
C ASN A 41 -31.47 -14.44 26.99
N TRP A 42 -32.30 -15.05 26.12
CA TRP A 42 -33.45 -15.81 26.61
C TRP A 42 -33.62 -17.22 26.00
N MET A 43 -32.76 -17.62 25.07
CA MET A 43 -32.86 -18.92 24.45
C MET A 43 -31.56 -19.65 24.77
N ASN A 44 -31.68 -20.83 25.39
CA ASN A 44 -30.53 -21.64 25.64
C ASN A 44 -30.12 -22.28 24.31
N GLU A 45 -28.87 -22.11 23.93
CA GLU A 45 -28.42 -22.47 22.58
C GLU A 45 -28.35 -23.99 22.36
N THR A 46 -28.08 -24.76 23.42
CA THR A 46 -27.97 -26.21 23.32
C THR A 46 -29.32 -26.91 23.54
N THR A 47 -30.20 -26.37 24.39
CA THR A 47 -31.49 -27.06 24.78
C THR A 47 -32.75 -26.45 24.14
N GLY A 48 -32.72 -25.15 23.81
CA GLY A 48 -33.91 -24.43 23.40
C GLY A 48 -34.74 -23.86 24.53
N GLU A 49 -34.31 -24.04 25.79
CA GLU A 49 -35.10 -23.59 26.94
C GLU A 49 -35.14 -22.06 27.02
N PHE A 50 -36.24 -21.59 27.58
CA PHE A 50 -36.61 -20.19 27.57
C PHE A 50 -36.39 -19.58 28.96
N ASN A 51 -35.66 -18.45 28.98
CA ASN A 51 -35.35 -17.68 30.20
C ASN A 51 -36.12 -16.34 30.17
N LEU A 52 -37.29 -16.33 30.84
CA LEU A 52 -38.17 -15.15 30.86
C LEU A 52 -37.44 -13.94 31.44
N THR A 53 -36.87 -14.12 32.63
CA THR A 53 -36.11 -13.06 33.22
C THR A 53 -35.14 -12.46 32.19
N GLY A 54 -34.45 -13.35 31.48
CA GLY A 54 -33.53 -12.99 30.40
C GLY A 54 -34.16 -12.19 29.26
N LEU A 55 -35.35 -12.61 28.81
CA LEU A 55 -36.12 -11.80 27.87
C LEU A 55 -36.45 -10.38 28.44
N GLU A 56 -36.92 -10.28 29.69
CA GLU A 56 -37.45 -9.02 30.22
C GLU A 56 -36.30 -8.03 30.37
N TRP A 57 -35.13 -8.50 30.83
CA TRP A 57 -33.97 -7.64 30.95
C TRP A 57 -33.47 -7.17 29.58
N SER A 58 -33.38 -8.09 28.62
CA SER A 58 -32.81 -7.78 27.27
C SER A 58 -33.69 -6.74 26.54
N THR A 59 -35.02 -6.91 26.61
CA THR A 59 -35.97 -5.92 26.08
C THR A 59 -35.82 -4.52 26.74
N LYS A 60 -35.62 -4.51 28.05
CA LYS A 60 -35.59 -3.28 28.77
C LYS A 60 -34.27 -2.54 28.45
N MET A 61 -33.17 -3.28 28.36
CA MET A 61 -31.84 -2.66 28.29
C MET A 61 -31.27 -2.60 26.87
N ARG A 62 -31.74 -3.47 25.96
CA ARG A 62 -31.15 -3.54 24.62
C ARG A 62 -32.12 -4.25 23.65
N GLY A 63 -33.29 -3.62 23.49
CA GLY A 63 -34.48 -4.23 22.89
C GLY A 63 -34.85 -3.69 21.53
N GLY A 64 -34.11 -2.69 21.05
CA GLY A 64 -34.30 -2.12 19.70
C GLY A 64 -34.16 -3.18 18.62
N MET A 65 -33.10 -3.99 18.73
CA MET A 65 -32.85 -5.08 17.79
C MET A 65 -31.94 -6.15 18.42
N PHE A 66 -32.11 -7.40 18.01
CA PHE A 66 -31.24 -8.44 18.53
C PHE A 66 -30.77 -9.40 17.43
N TYR A 67 -29.62 -10.02 17.69
CA TYR A 67 -28.96 -10.94 16.74
C TYR A 67 -29.45 -12.37 16.96
N VAL A 68 -29.65 -13.11 15.85
CA VAL A 68 -30.16 -14.49 15.92
C VAL A 68 -29.29 -15.51 15.14
N GLY A 69 -28.04 -15.16 14.83
CA GLY A 69 -27.16 -16.02 13.98
C GLY A 69 -26.42 -17.10 14.75
N TYR A 70 -27.17 -18.11 15.22
CA TYR A 70 -26.61 -19.26 15.92
C TYR A 70 -26.98 -20.55 15.21
N PRO A 71 -26.11 -21.58 15.24
CA PRO A 71 -26.38 -22.84 14.54
C PRO A 71 -27.29 -23.81 15.32
N VAL A 72 -28.59 -23.49 15.33
CA VAL A 72 -29.65 -24.19 16.06
C VAL A 72 -30.77 -24.61 15.09
N PRO A 73 -31.72 -25.44 15.54
CA PRO A 73 -32.83 -25.84 14.69
C PRO A 73 -33.76 -24.66 14.46
N TRP A 74 -34.57 -24.77 13.41
CA TRP A 74 -35.34 -23.68 12.94
C TRP A 74 -36.33 -23.20 14.01
N ASP A 75 -36.95 -24.15 14.71
CA ASP A 75 -37.95 -23.79 15.71
C ASP A 75 -37.32 -22.98 16.85
N TYR A 76 -36.07 -23.24 17.25
CA TYR A 76 -35.47 -22.46 18.35
C TYR A 76 -35.49 -20.96 18.02
N ILE A 77 -35.17 -20.61 16.77
CA ILE A 77 -35.20 -19.19 16.30
C ILE A 77 -36.64 -18.69 16.22
N ALA A 78 -37.49 -19.39 15.46
CA ALA A 78 -38.87 -18.96 15.28
C ALA A 78 -39.60 -18.74 16.61
N ASP A 79 -39.56 -19.72 17.52
CA ASP A 79 -40.36 -19.70 18.80
C ASP A 79 -39.91 -18.53 19.66
N ASN A 80 -38.59 -18.38 19.78
CA ASN A 80 -38.03 -17.36 20.65
C ASN A 80 -38.02 -15.93 20.07
N VAL A 81 -38.13 -15.77 18.74
CA VAL A 81 -38.32 -14.47 18.08
C VAL A 81 -39.75 -14.03 18.35
N LYS A 82 -40.68 -14.93 18.01
CA LYS A 82 -42.08 -14.78 18.32
C LYS A 82 -42.33 -14.40 19.79
N LYS A 83 -41.73 -15.14 20.74
CA LYS A 83 -41.87 -14.78 22.19
C LYS A 83 -41.37 -13.37 22.48
N ALA A 84 -40.24 -12.96 21.87
CA ALA A 84 -39.74 -11.58 22.04
C ALA A 84 -40.67 -10.50 21.47
N GLN A 85 -41.37 -10.79 20.36
CA GLN A 85 -42.29 -9.82 19.75
C GLN A 85 -43.64 -9.83 20.49
N ASP A 86 -44.12 -11.00 20.91
CA ASP A 86 -45.31 -11.11 21.81
C ASP A 86 -45.10 -10.25 23.05
N TYR A 87 -43.93 -10.40 23.68
CA TYR A 87 -43.62 -9.64 24.90
C TYR A 87 -43.57 -8.11 24.70
N ILE A 88 -42.96 -7.64 23.61
CA ILE A 88 -42.96 -6.20 23.28
C ILE A 88 -44.39 -5.73 23.15
N LEU A 89 -45.15 -6.41 22.30
CA LEU A 89 -46.54 -6.02 22.03
C LEU A 89 -47.44 -5.99 23.28
N GLN A 90 -47.41 -7.00 24.16
CA GLN A 90 -48.38 -7.13 25.28
C GLN A 90 -47.82 -6.69 26.65
N ASN A 91 -46.50 -6.67 26.83
CA ASN A 91 -45.93 -6.42 28.14
C ASN A 91 -44.97 -5.22 28.19
N THR A 92 -45.01 -4.31 27.20
CA THR A 92 -44.32 -3.01 27.32
C THR A 92 -45.32 -1.93 26.99
N THR A 93 -45.07 -0.73 27.51
CA THR A 93 -45.98 0.42 27.35
C THR A 93 -46.19 0.72 25.86
N LEU A 94 -45.07 0.92 25.16
CA LEU A 94 -45.09 1.49 23.81
C LEU A 94 -45.17 0.45 22.68
N GLY A 95 -44.85 -0.83 22.93
CA GLY A 95 -44.94 -1.88 21.86
C GLY A 95 -44.08 -1.60 20.62
N ILE A 96 -42.83 -1.19 20.82
CA ILE A 96 -41.92 -0.91 19.69
C ILE A 96 -41.29 -2.20 19.13
N PRO A 97 -41.71 -2.65 17.94
CA PRO A 97 -41.27 -3.94 17.44
C PRO A 97 -39.75 -4.03 17.23
N ALA A 98 -39.23 -5.24 17.41
CA ALA A 98 -37.79 -5.51 17.41
C ALA A 98 -37.39 -5.70 15.97
N ILE A 99 -36.20 -5.20 15.60
CA ILE A 99 -35.49 -5.59 14.35
C ILE A 99 -34.74 -6.86 14.69
N VAL A 100 -34.79 -7.85 13.79
CA VAL A 100 -34.32 -9.22 14.04
C VAL A 100 -33.25 -9.60 12.99
N GLN A 101 -32.01 -9.72 13.48
CA GLN A 101 -30.80 -9.64 12.64
C GLN A 101 -30.11 -11.00 12.39
N THR A 102 -29.76 -11.27 11.13
CA THR A 102 -28.84 -12.40 10.84
C THR A 102 -27.87 -12.05 9.70
N GLU A 103 -27.06 -13.04 9.30
CA GLU A 103 -26.20 -12.91 8.12
C GLU A 103 -26.91 -13.50 6.91
N SER A 104 -26.63 -12.95 5.72
CA SER A 104 -27.31 -13.38 4.47
C SER A 104 -26.36 -13.43 3.27
N LEU A 105 -25.04 -13.33 3.51
CA LEU A 105 -24.05 -12.86 2.54
C LEU A 105 -24.18 -13.57 1.19
N HIS A 106 -24.04 -14.90 1.18
CA HIS A 106 -24.44 -15.73 0.03
C HIS A 106 -25.41 -16.82 0.50
N GLY A 107 -26.41 -16.39 1.27
CA GLY A 107 -27.35 -17.30 1.83
C GLY A 107 -27.70 -17.08 3.28
N PHE A 108 -28.99 -17.31 3.60
CA PHE A 108 -29.55 -17.18 4.92
C PHE A 108 -28.76 -18.13 5.84
N LEU A 109 -28.09 -17.54 6.83
CA LEU A 109 -27.22 -18.25 7.77
C LEU A 109 -27.99 -19.09 8.82
N ILE A 110 -28.55 -20.20 8.34
CA ILE A 110 -29.17 -21.20 9.21
C ILE A 110 -28.85 -22.55 8.57
N GLY A 111 -28.89 -23.63 9.36
CA GLY A 111 -28.62 -24.95 8.83
C GLY A 111 -29.69 -25.35 7.83
N ASN A 112 -29.26 -26.01 6.76
CA ASN A 112 -30.12 -26.52 5.67
C ASN A 112 -30.94 -25.43 4.91
N ALA A 113 -30.48 -24.18 4.86
CA ALA A 113 -30.98 -23.21 3.89
C ALA A 113 -30.12 -23.27 2.61
N THR A 114 -30.54 -22.54 1.58
CA THR A 114 -29.87 -22.58 0.29
C THR A 114 -28.56 -21.81 0.38
N ILE A 115 -27.46 -22.45 -0.07
CA ILE A 115 -26.16 -21.81 -0.18
C ILE A 115 -25.84 -21.49 -1.65
N TYR A 116 -25.64 -20.19 -1.92
CA TYR A 116 -25.19 -19.64 -3.21
C TYR A 116 -23.66 -19.59 -3.17
N ASN A 117 -23.08 -19.33 -4.33
CA ASN A 117 -21.66 -19.21 -4.43
C ASN A 117 -21.25 -17.91 -3.74
N SER A 118 -19.98 -17.81 -3.37
CA SER A 118 -19.48 -16.61 -2.67
C SER A 118 -19.59 -15.34 -3.54
N PRO A 119 -19.76 -14.16 -2.90
CA PRO A 119 -19.93 -12.89 -3.63
C PRO A 119 -18.89 -12.57 -4.72
N ILE A 120 -17.60 -12.70 -4.42
CA ILE A 120 -16.53 -12.51 -5.46
C ILE A 120 -16.88 -13.34 -6.72
N GLY A 121 -17.44 -14.53 -6.53
CA GLY A 121 -17.82 -15.40 -7.66
C GLY A 121 -19.05 -14.92 -8.41
N PHE A 122 -20.16 -14.67 -7.70
CA PHE A 122 -21.33 -14.23 -8.46
C PHE A 122 -21.18 -12.82 -9.05
N ALA A 123 -20.19 -12.04 -8.64
CA ALA A 123 -19.90 -10.79 -9.32
C ALA A 123 -19.40 -11.04 -10.74
N CYS A 124 -18.72 -12.19 -10.91
CA CYS A 124 -18.20 -12.64 -12.22
C CYS A 124 -19.31 -12.94 -13.27
N SER A 125 -20.54 -13.24 -12.80
CA SER A 125 -21.74 -13.42 -13.65
C SER A 125 -22.09 -12.17 -14.45
N PHE A 126 -21.76 -10.99 -13.91
CA PHE A 126 -22.14 -9.69 -14.42
C PHE A 126 -23.64 -9.65 -14.70
N ASN A 127 -24.45 -10.30 -13.83
CA ASN A 127 -25.87 -10.51 -14.06
C ASN A 127 -26.63 -10.00 -12.85
N PRO A 128 -26.84 -8.67 -12.71
CA PRO A 128 -27.43 -8.16 -11.49
C PRO A 128 -28.92 -8.52 -11.30
N GLU A 129 -29.61 -8.82 -12.41
CA GLU A 129 -31.02 -9.19 -12.37
C GLU A 129 -31.17 -10.53 -11.64
N LEU A 130 -30.24 -11.44 -11.91
CA LEU A 130 -30.26 -12.80 -11.39
C LEU A 130 -29.85 -12.78 -9.93
N ILE A 131 -28.89 -11.91 -9.62
CA ILE A 131 -28.53 -11.59 -8.23
C ILE A 131 -29.70 -11.00 -7.44
N GLU A 132 -30.49 -10.09 -8.01
CA GLU A 132 -31.72 -9.62 -7.37
C GLU A 132 -32.64 -10.81 -7.03
N LYS A 133 -32.85 -11.71 -7.99
CA LYS A 133 -33.70 -12.89 -7.78
C LYS A 133 -33.21 -13.69 -6.58
N MET A 134 -31.89 -13.85 -6.48
CA MET A 134 -31.26 -14.53 -5.34
C MET A 134 -31.60 -13.85 -4.01
N ALA A 135 -31.42 -12.53 -3.95
CA ALA A 135 -31.70 -11.75 -2.76
C ALA A 135 -33.17 -11.87 -2.34
N ARG A 136 -34.08 -11.86 -3.32
CA ARG A 136 -35.50 -12.10 -3.05
C ARG A 136 -35.70 -13.48 -2.42
N LEU A 137 -35.09 -14.54 -2.97
CA LEU A 137 -35.31 -15.90 -2.40
C LEU A 137 -34.62 -16.03 -1.03
N ILE A 138 -33.43 -15.43 -0.87
CA ILE A 138 -32.80 -15.34 0.45
C ILE A 138 -33.78 -14.70 1.42
N GLY A 139 -34.29 -13.51 1.09
CA GLY A 139 -35.30 -12.82 1.91
C GLY A 139 -36.48 -13.73 2.28
N GLN A 140 -36.92 -14.56 1.33
CA GLN A 140 -38.03 -15.52 1.58
C GLN A 140 -37.62 -16.51 2.66
N GLU A 141 -36.40 -17.05 2.59
CA GLU A 141 -35.99 -18.06 3.57
C GLU A 141 -35.85 -17.45 4.96
N ALA A 142 -35.24 -16.27 5.06
CA ALA A 142 -35.06 -15.60 6.32
C ALA A 142 -36.41 -15.18 6.92
N SER A 143 -37.27 -14.56 6.12
CA SER A 143 -38.62 -14.10 6.56
C SER A 143 -39.48 -15.23 7.17
N ALA A 144 -39.31 -16.45 6.64
CA ALA A 144 -40.01 -17.64 7.11
C ALA A 144 -39.85 -17.90 8.63
N LEU A 145 -38.71 -17.50 9.21
CA LEU A 145 -38.40 -17.80 10.60
C LEU A 145 -38.48 -16.58 11.51
N GLY A 146 -38.98 -15.46 10.98
CA GLY A 146 -39.16 -14.27 11.82
C GLY A 146 -38.07 -13.19 11.73
N VAL A 147 -37.03 -13.42 10.92
CA VAL A 147 -35.98 -12.44 10.69
C VAL A 147 -36.57 -11.28 9.88
N ASN A 148 -36.15 -10.05 10.19
CA ASN A 148 -36.53 -8.90 9.36
C ASN A 148 -35.33 -7.98 9.03
N HIS A 149 -34.09 -8.42 9.26
CA HIS A 149 -32.91 -7.65 8.93
C HIS A 149 -31.73 -8.59 8.63
N VAL A 150 -30.96 -8.26 7.59
CA VAL A 150 -29.78 -9.04 7.24
C VAL A 150 -28.55 -8.14 7.06
N MET A 151 -27.41 -8.66 7.52
CA MET A 151 -26.18 -7.89 7.59
C MET A 151 -25.40 -8.00 6.27
N GLY A 152 -25.98 -7.37 5.24
CA GLY A 152 -25.44 -7.36 3.87
C GLY A 152 -26.27 -6.41 3.04
N PRO A 153 -25.82 -6.02 1.85
CA PRO A 153 -24.62 -6.56 1.22
C PRO A 153 -23.31 -5.90 1.68
N VAL A 154 -22.20 -6.60 1.50
CA VAL A 154 -20.87 -6.01 1.61
C VAL A 154 -20.57 -5.27 0.28
N VAL A 155 -20.36 -3.96 0.35
CA VAL A 155 -20.01 -3.19 -0.85
C VAL A 155 -18.56 -2.66 -0.77
N ASP A 156 -17.77 -3.28 0.11
CA ASP A 156 -16.31 -3.06 0.11
C ASP A 156 -15.77 -3.65 -1.19
N LEU A 157 -14.63 -3.10 -1.60
CA LEU A 157 -13.94 -3.47 -2.82
C LEU A 157 -12.65 -4.25 -2.53
N ALA A 158 -12.36 -5.22 -3.42
CA ALA A 158 -11.24 -6.16 -3.34
C ALA A 158 -9.95 -5.54 -3.87
N ARG A 159 -9.47 -4.53 -3.15
CA ARG A 159 -8.37 -3.74 -3.66
C ARG A 159 -7.08 -4.12 -2.94
N GLU A 160 -7.20 -5.06 -1.99
CA GLU A 160 -6.03 -5.59 -1.25
C GLU A 160 -6.14 -7.10 -1.17
N LEU A 161 -5.37 -7.78 -2.03
CA LEU A 161 -5.64 -9.21 -2.28
C LEU A 161 -5.20 -10.12 -1.14
N ARG A 162 -4.34 -9.61 -0.25
CA ARG A 162 -3.88 -10.40 0.88
C ARG A 162 -4.98 -10.50 1.96
N PHE A 163 -5.94 -9.56 1.93
CA PHE A 163 -7.01 -9.50 2.95
C PHE A 163 -7.93 -10.73 2.84
N GLY A 164 -8.33 -11.27 4.01
CA GLY A 164 -9.14 -12.49 4.11
C GLY A 164 -10.57 -12.41 3.59
N ARG A 165 -11.17 -11.20 3.53
CA ARG A 165 -12.62 -11.08 3.17
C ARG A 165 -12.83 -10.66 1.69
N VAL A 166 -11.80 -10.81 0.85
CA VAL A 166 -11.93 -10.54 -0.60
C VAL A 166 -13.14 -11.26 -1.14
N GLU A 167 -13.29 -12.54 -0.74
CA GLU A 167 -14.42 -13.38 -1.16
C GLU A 167 -15.78 -12.78 -0.84
N GLU A 168 -15.89 -11.98 0.22
CA GLU A 168 -17.17 -11.42 0.65
C GLU A 168 -17.56 -10.19 -0.18
N THR A 169 -16.64 -9.66 -0.98
CA THR A 169 -16.90 -8.48 -1.83
C THR A 169 -17.42 -8.86 -3.21
N TYR A 170 -17.86 -7.85 -3.97
CA TYR A 170 -18.22 -8.01 -5.36
C TYR A 170 -17.08 -7.58 -6.28
N GLY A 171 -15.83 -7.76 -5.84
CA GLY A 171 -14.68 -7.44 -6.70
C GLY A 171 -14.12 -6.07 -6.44
N GLU A 172 -13.28 -5.61 -7.35
CA GLU A 172 -12.38 -4.42 -7.15
C GLU A 172 -12.92 -3.09 -7.76
N ASP A 173 -13.99 -3.16 -8.55
CA ASP A 173 -14.44 -2.02 -9.34
C ASP A 173 -15.60 -1.36 -8.65
N PRO A 174 -15.58 -0.03 -8.46
CA PRO A 174 -16.72 0.64 -7.86
C PRO A 174 -18.08 0.45 -8.53
N PHE A 175 -18.14 0.61 -9.85
CA PHE A 175 -19.36 0.56 -10.63
C PHE A 175 -20.05 -0.81 -10.46
N LEU A 176 -19.30 -1.88 -10.75
CA LEU A 176 -19.87 -3.24 -10.71
C LEU A 176 -20.39 -3.54 -9.29
N ALA A 177 -19.57 -3.22 -8.28
CA ALA A 177 -19.96 -3.49 -6.88
C ALA A 177 -21.17 -2.64 -6.55
N GLY A 178 -21.17 -1.39 -7.06
CA GLY A 178 -22.37 -0.54 -6.96
C GLY A 178 -23.66 -1.14 -7.54
N GLU A 179 -23.59 -1.72 -8.75
CA GLU A 179 -24.80 -2.27 -9.42
C GLU A 179 -25.28 -3.55 -8.71
N ILE A 180 -24.35 -4.45 -8.37
CA ILE A 180 -24.71 -5.63 -7.63
C ILE A 180 -25.28 -5.26 -6.25
N GLY A 181 -24.67 -4.33 -5.52
CA GLY A 181 -25.17 -3.90 -4.22
C GLY A 181 -26.58 -3.32 -4.26
N TYR A 182 -26.86 -2.56 -5.31
CA TYR A 182 -28.18 -2.01 -5.55
C TYR A 182 -29.23 -3.11 -5.75
N HIS A 183 -28.93 -4.07 -6.60
CA HIS A 183 -29.89 -5.14 -6.96
C HIS A 183 -30.14 -6.08 -5.79
N TYR A 184 -29.06 -6.39 -5.06
CA TYR A 184 -29.10 -7.18 -3.85
C TYR A 184 -30.03 -6.51 -2.83
N THR A 185 -29.72 -5.25 -2.50
CA THR A 185 -30.47 -4.46 -1.51
C THR A 185 -31.94 -4.41 -1.90
N LYS A 186 -32.22 -4.19 -3.17
CA LYS A 186 -33.58 -4.07 -3.64
C LYS A 186 -34.36 -5.40 -3.48
N GLY A 187 -33.70 -6.52 -3.80
CA GLY A 187 -34.29 -7.85 -3.68
C GLY A 187 -34.54 -8.26 -2.25
N ILE A 188 -33.66 -7.87 -1.33
CA ILE A 188 -33.87 -8.09 0.10
C ILE A 188 -35.07 -7.26 0.56
N GLN A 189 -35.05 -5.96 0.27
CA GLN A 189 -36.06 -5.01 0.75
C GLN A 189 -37.44 -5.17 0.07
N SER A 190 -37.54 -5.91 -1.02
CA SER A 190 -38.85 -6.30 -1.60
C SER A 190 -39.75 -7.01 -0.58
N HIS A 191 -39.14 -7.77 0.34
CA HIS A 191 -39.83 -8.53 1.40
C HIS A 191 -40.01 -7.73 2.72
N ASN A 192 -39.83 -6.41 2.67
CA ASN A 192 -39.78 -5.56 3.87
C ASN A 192 -38.75 -6.08 4.90
N ILE A 193 -37.67 -6.69 4.42
CA ILE A 193 -36.49 -7.03 5.22
C ILE A 193 -35.47 -5.90 5.04
N SER A 194 -34.90 -5.39 6.13
CA SER A 194 -33.89 -4.34 6.05
C SER A 194 -32.57 -4.95 5.58
N ALA A 195 -31.92 -4.29 4.64
CA ALA A 195 -30.55 -4.57 4.29
C ALA A 195 -29.67 -3.79 5.26
N ASN A 196 -28.38 -4.08 5.20
CA ASN A 196 -27.42 -3.47 6.06
C ASN A 196 -26.12 -3.34 5.28
N VAL A 197 -25.93 -2.18 4.66
CA VAL A 197 -24.79 -1.95 3.75
C VAL A 197 -23.50 -1.83 4.57
N LYS A 198 -22.52 -2.70 4.30
CA LYS A 198 -21.27 -2.71 5.10
C LYS A 198 -20.01 -2.86 4.23
N HIS A 199 -18.82 -2.42 4.69
CA HIS A 199 -18.53 -1.80 5.97
C HIS A 199 -18.06 -0.35 5.76
N PHE A 200 -18.86 0.61 6.24
CA PHE A 200 -18.71 2.04 5.90
C PHE A 200 -17.53 2.64 6.68
N VAL A 201 -16.48 3.18 6.05
CA VAL A 201 -16.17 3.18 4.62
C VAL A 201 -14.65 3.19 4.41
N GLY A 202 -14.17 2.47 3.39
CA GLY A 202 -12.72 2.36 3.09
C GLY A 202 -12.01 1.21 3.80
N PHE A 203 -12.75 0.17 4.14
CA PHE A 203 -12.33 -0.88 5.08
C PHE A 203 -11.21 -1.78 4.52
N SER A 204 -11.40 -2.21 3.27
CA SER A 204 -10.82 -3.42 2.77
C SER A 204 -9.53 -3.15 1.98
N GLN A 205 -8.79 -2.10 2.35
CA GLN A 205 -7.38 -1.97 1.93
C GLN A 205 -6.45 -1.92 3.14
N PRO A 206 -6.58 -2.89 4.08
CA PRO A 206 -5.83 -2.80 5.32
C PRO A 206 -4.32 -2.89 5.09
N GLU A 207 -3.55 -2.18 5.93
CA GLU A 207 -2.10 -2.23 5.93
C GLU A 207 -1.59 -3.64 6.21
N GLN A 208 -0.67 -4.07 5.35
CA GLN A 208 -0.09 -5.42 5.32
C GLN A 208 -1.12 -6.51 4.89
N GLY A 209 -2.33 -6.11 4.47
CA GLY A 209 -3.45 -7.06 4.28
C GLY A 209 -4.08 -7.63 5.54
N LEU A 210 -3.68 -7.14 6.72
CA LEU A 210 -4.07 -7.78 7.99
C LEU A 210 -5.48 -7.32 8.39
N ASN A 211 -6.28 -8.25 8.92
CA ASN A 211 -7.70 -8.04 9.30
C ASN A 211 -7.82 -6.89 10.29
N THR A 212 -8.59 -5.86 9.91
CA THR A 212 -8.89 -4.64 10.70
C THR A 212 -7.72 -3.64 10.77
N ALA A 213 -6.59 -3.88 10.15
CA ALA A 213 -5.51 -2.91 10.20
C ALA A 213 -5.92 -1.63 9.49
N PRO A 214 -5.27 -0.49 9.81
CA PRO A 214 -5.70 0.80 9.28
C PRO A 214 -5.33 1.02 7.81
N VAL A 215 -6.01 1.99 7.21
CA VAL A 215 -5.94 2.22 5.79
C VAL A 215 -5.34 3.58 5.51
N HIS A 216 -4.38 3.58 4.58
CA HIS A 216 -3.81 4.84 4.16
C HIS A 216 -4.58 5.28 2.91
N GLY A 217 -4.90 6.56 2.92
CA GLY A 217 -5.59 7.13 1.81
C GLY A 217 -6.13 8.51 2.09
N GLY A 218 -6.37 9.23 1.00
CA GLY A 218 -6.86 10.58 1.08
C GLY A 218 -8.32 10.63 0.74
N GLU A 219 -8.87 11.83 0.86
CA GLU A 219 -10.28 12.14 0.69
C GLU A 219 -10.73 11.96 -0.78
N ARG A 220 -9.89 12.36 -1.74
CA ARG A 220 -10.26 12.22 -3.14
C ARG A 220 -10.41 10.73 -3.50
N TYR A 221 -9.52 9.86 -3.00
CA TYR A 221 -9.63 8.39 -3.20
C TYR A 221 -10.88 7.83 -2.49
N LEU A 222 -11.21 8.36 -1.30
CA LEU A 222 -12.38 7.90 -0.60
C LEU A 222 -13.62 8.17 -1.46
N ARG A 223 -13.72 9.40 -2.00
CA ARG A 223 -14.90 9.83 -2.74
C ARG A 223 -14.92 9.32 -4.19
N THR A 224 -13.74 9.14 -4.80
CA THR A 224 -13.66 8.58 -6.17
C THR A 224 -13.93 7.06 -6.25
N THR A 225 -13.41 6.31 -5.28
CA THR A 225 -13.34 4.81 -5.33
C THR A 225 -14.18 4.11 -4.24
N TRP A 226 -14.14 4.59 -2.99
CA TRP A 226 -14.71 3.80 -1.85
C TRP A 226 -16.21 4.05 -1.63
N LEU A 227 -16.65 5.31 -1.80
CA LEU A 227 -18.01 5.66 -1.49
C LEU A 227 -19.02 5.34 -2.58
N PRO A 228 -18.67 5.35 -3.90
CA PRO A 228 -19.72 5.12 -4.91
C PRO A 228 -20.61 3.88 -4.79
N SER A 229 -20.05 2.78 -4.29
CA SER A 229 -20.80 1.53 -4.12
C SER A 229 -21.77 1.63 -2.93
N PHE A 230 -21.43 2.43 -1.92
CA PHE A 230 -22.38 2.75 -0.80
C PHE A 230 -23.53 3.61 -1.32
N LYS A 231 -23.20 4.59 -2.15
CA LYS A 231 -24.13 5.59 -2.66
C LYS A 231 -25.31 4.98 -3.42
N ARG A 232 -25.03 3.94 -4.20
CA ARG A 232 -26.04 3.33 -5.05
C ARG A 232 -27.05 2.56 -4.20
N ALA A 233 -26.53 1.73 -3.28
CA ALA A 233 -27.37 0.96 -2.39
C ALA A 233 -28.17 1.89 -1.45
N ILE A 234 -27.55 2.97 -1.00
CA ILE A 234 -28.17 3.88 -0.04
C ILE A 234 -29.19 4.81 -0.69
N MET A 235 -28.77 5.74 -1.55
CA MET A 235 -29.71 6.74 -2.11
C MET A 235 -30.74 6.11 -3.05
N ASP A 236 -30.29 5.23 -3.95
CA ASP A 236 -31.13 4.78 -5.05
C ASP A 236 -31.96 3.55 -4.68
N ALA A 237 -31.41 2.63 -3.89
CA ALA A 237 -32.20 1.46 -3.49
C ALA A 237 -32.89 1.67 -2.14
N GLY A 238 -32.57 2.77 -1.44
CA GLY A 238 -33.20 3.12 -0.17
C GLY A 238 -32.90 2.14 0.97
N ALA A 239 -31.64 1.68 1.13
CA ALA A 239 -31.24 0.77 2.27
C ALA A 239 -31.64 1.38 3.60
N TRP A 240 -32.25 0.56 4.44
CA TRP A 240 -32.77 1.01 5.76
C TRP A 240 -31.70 1.00 6.85
N SER A 241 -30.53 0.40 6.57
CA SER A 241 -29.49 0.41 7.59
C SER A 241 -28.11 0.26 6.96
N ILE A 242 -27.12 0.70 7.75
CA ILE A 242 -25.72 0.71 7.40
C ILE A 242 -24.92 0.24 8.61
N MET A 243 -23.90 -0.60 8.38
CA MET A 243 -22.87 -0.92 9.40
C MET A 243 -21.57 -0.13 9.13
N SER A 244 -21.07 0.60 10.14
CA SER A 244 -19.70 1.22 10.10
C SER A 244 -18.61 0.16 10.37
N ALA A 245 -17.35 0.51 10.09
CA ALA A 245 -16.29 -0.48 9.99
C ALA A 245 -15.35 -0.49 11.21
N TYR A 246 -14.43 -1.46 11.19
CA TYR A 246 -13.43 -1.63 12.23
C TYR A 246 -12.20 -0.76 12.05
N HIS A 247 -11.94 -0.26 10.85
CA HIS A 247 -10.64 0.41 10.56
C HIS A 247 -10.61 1.91 10.93
N SER A 248 -9.40 2.47 10.98
CA SER A 248 -9.21 3.90 10.77
C SER A 248 -8.78 4.25 9.32
N TYR A 249 -9.27 5.40 8.81
CA TYR A 249 -8.91 5.89 7.49
C TYR A 249 -8.18 7.22 7.66
N ASP A 250 -6.91 7.24 7.21
CA ASP A 250 -5.96 8.32 7.46
C ASP A 250 -6.03 8.80 8.90
N GLY A 251 -6.13 7.87 9.85
CA GLY A 251 -6.09 8.18 11.25
C GLY A 251 -7.40 8.48 11.97
N ILE A 252 -8.55 8.30 11.31
CA ILE A 252 -9.82 8.59 11.93
C ILE A 252 -10.62 7.30 11.89
N PRO A 253 -11.02 6.79 13.06
CA PRO A 253 -11.77 5.55 13.07
C PRO A 253 -13.09 5.75 12.34
N ALA A 254 -13.44 4.78 11.49
CA ALA A 254 -14.73 4.75 10.77
C ALA A 254 -15.95 4.87 11.69
N VAL A 255 -15.86 4.23 12.85
CA VAL A 255 -16.96 4.25 13.83
C VAL A 255 -17.09 5.62 14.50
N ALA A 256 -16.04 6.45 14.40
CA ALA A 256 -16.06 7.75 15.05
C ALA A 256 -15.86 8.94 14.09
N ASP A 257 -16.06 8.75 12.78
CA ASP A 257 -15.74 9.79 11.73
C ASP A 257 -16.99 10.66 11.44
N TYR A 258 -17.01 11.87 12.02
CA TYR A 258 -18.11 12.83 11.80
C TYR A 258 -18.23 13.16 10.31
N HIS A 259 -17.10 13.49 9.68
CA HIS A 259 -17.07 13.88 8.27
C HIS A 259 -17.81 12.89 7.37
N THR A 260 -17.58 11.57 7.55
CA THR A 260 -18.19 10.52 6.68
C THR A 260 -19.62 10.16 7.13
N LEU A 261 -19.77 9.91 8.43
CA LEU A 261 -21.03 9.42 8.98
C LEU A 261 -22.12 10.50 8.97
N THR A 262 -21.75 11.78 9.21
CA THR A 262 -22.69 12.91 9.24
C THR A 262 -22.61 13.81 8.00
N GLU A 263 -21.45 14.43 7.73
CA GLU A 263 -21.33 15.42 6.61
C GLU A 263 -21.62 14.77 5.26
N ILE A 264 -20.97 13.65 4.95
CA ILE A 264 -21.24 13.02 3.69
C ILE A 264 -22.58 12.28 3.74
N LEU A 265 -22.77 11.39 4.73
CA LEU A 265 -23.91 10.45 4.64
C LEU A 265 -25.28 11.14 4.80
N ARG A 266 -25.38 12.10 5.72
CA ARG A 266 -26.63 12.80 5.99
C ARG A 266 -26.68 14.12 5.18
N GLU A 267 -25.67 14.99 5.34
CA GLU A 267 -25.75 16.31 4.71
C GLU A 267 -25.75 16.19 3.18
N GLU A 268 -24.82 15.42 2.60
CA GLU A 268 -24.72 15.37 1.15
C GLU A 268 -25.71 14.38 0.52
N TRP A 269 -25.87 13.21 1.13
CA TRP A 269 -26.57 12.11 0.48
C TRP A 269 -28.05 12.03 0.86
N GLY A 270 -28.41 12.67 1.96
CA GLY A 270 -29.78 12.72 2.48
C GLY A 270 -30.22 11.44 3.19
N TYR A 271 -29.26 10.68 3.73
CA TYR A 271 -29.60 9.42 4.34
C TYR A 271 -30.56 9.59 5.53
N LYS A 272 -31.60 8.77 5.56
CA LYS A 272 -32.73 8.97 6.50
C LYS A 272 -32.71 8.03 7.70
N TYR A 273 -31.91 6.96 7.66
CA TYR A 273 -32.03 5.83 8.62
C TYR A 273 -30.78 5.77 9.53
N TRP A 274 -30.40 4.56 9.95
CA TRP A 274 -29.48 4.39 11.07
C TRP A 274 -28.18 3.70 10.68
N VAL A 275 -27.13 4.00 11.44
CA VAL A 275 -25.82 3.36 11.31
C VAL A 275 -25.58 2.56 12.60
N THR A 276 -25.22 1.27 12.45
CA THR A 276 -24.72 0.46 13.61
C THR A 276 -23.20 0.29 13.53
N SER A 277 -22.56 0.17 14.69
CA SER A 277 -21.13 -0.18 14.78
C SER A 277 -20.99 -1.64 14.34
N ASP A 278 -19.76 -2.09 14.09
CA ASP A 278 -19.46 -3.53 13.88
C ASP A 278 -19.30 -4.18 15.27
N ALA A 279 -19.06 -5.49 15.30
CA ALA A 279 -19.01 -6.28 16.56
C ALA A 279 -17.78 -5.97 17.42
N GLY A 280 -18.01 -5.37 18.60
CA GLY A 280 -16.93 -4.93 19.44
C GLY A 280 -16.19 -3.67 18.95
N ALA A 281 -16.70 -3.03 17.89
CA ALA A 281 -15.99 -1.90 17.24
C ALA A 281 -16.04 -0.64 18.12
N SER A 282 -17.11 -0.49 18.92
CA SER A 282 -17.15 0.58 19.89
C SER A 282 -15.91 0.48 20.80
N ASP A 283 -15.69 -0.69 21.42
CA ASP A 283 -14.58 -0.87 22.38
C ASP A 283 -13.24 -0.55 21.77
N ARG A 284 -13.09 -0.84 20.47
CA ARG A 284 -11.82 -0.58 19.74
C ARG A 284 -11.34 0.89 19.86
N VAL A 285 -12.28 1.84 19.91
CA VAL A 285 -11.92 3.21 20.12
C VAL A 285 -10.86 3.40 21.24
N CYS A 286 -10.95 2.66 22.36
CA CYS A 286 -9.93 2.71 23.43
C CYS A 286 -8.87 1.60 23.22
N THR A 287 -9.29 0.37 22.86
CA THR A 287 -8.45 -0.82 22.98
C THR A 287 -7.47 -0.99 21.83
N ALA A 288 -7.87 -0.67 20.60
CA ALA A 288 -6.97 -0.76 19.44
C ALA A 288 -6.41 0.62 19.04
N PHE A 289 -7.28 1.64 18.93
CA PHE A 289 -6.91 2.99 18.47
C PHE A 289 -6.22 3.83 19.57
N LYS A 290 -6.51 3.56 20.84
CA LYS A 290 -5.89 4.27 22.00
C LYS A 290 -6.30 5.76 22.07
N LEU A 291 -7.60 6.00 21.96
CA LEU A 291 -8.18 7.34 21.97
C LEU A 291 -8.87 7.60 23.32
N CYS A 292 -8.73 6.64 24.22
CA CYS A 292 -9.25 6.69 25.58
C CYS A 292 -8.59 5.56 26.37
N ARG A 293 -8.75 5.58 27.70
CA ARG A 293 -8.19 4.56 28.59
C ARG A 293 -8.88 3.20 28.39
N ALA A 294 -8.08 2.15 28.23
CA ALA A 294 -8.60 0.77 27.92
C ALA A 294 -8.99 -0.04 29.18
N ASP A 295 -8.39 0.25 30.35
CA ASP A 295 -8.57 -0.59 31.52
C ASP A 295 -8.59 0.23 32.80
N PRO A 296 -9.73 0.36 33.50
CA PRO A 296 -11.04 -0.03 32.99
C PRO A 296 -11.46 0.88 31.83
N ILE A 297 -12.08 0.27 30.83
CA ILE A 297 -12.44 0.94 29.60
C ILE A 297 -13.30 2.18 29.92
N ASP A 298 -12.97 3.29 29.25
CA ASP A 298 -13.65 4.56 29.45
C ASP A 298 -14.91 4.59 28.59
N LYS A 299 -15.96 4.00 29.14
CA LYS A 299 -17.24 3.88 28.46
C LYS A 299 -17.78 5.21 27.96
N GLU A 300 -17.68 6.26 28.80
CA GLU A 300 -18.15 7.59 28.42
C GLU A 300 -17.41 8.07 27.17
N ALA A 301 -16.09 7.91 27.15
CA ALA A 301 -15.28 8.45 26.04
C ALA A 301 -15.67 7.77 24.71
N VAL A 302 -15.76 6.44 24.72
CA VAL A 302 -16.29 5.68 23.61
C VAL A 302 -17.58 6.34 23.12
N THR A 303 -18.54 6.53 24.03
CA THR A 303 -19.88 7.03 23.64
C THR A 303 -19.76 8.43 23.02
N LEU A 304 -18.98 9.33 23.66
CA LEU A 304 -18.79 10.72 23.19
C LEU A 304 -18.12 10.78 21.81
N ALA A 305 -17.26 9.79 21.51
CA ALA A 305 -16.55 9.71 20.22
C ALA A 305 -17.48 9.25 19.10
N ILE A 306 -18.37 8.26 19.33
CA ILE A 306 -19.09 7.55 18.25
C ILE A 306 -20.55 7.98 18.09
N LEU A 307 -21.26 8.32 19.16
CA LEU A 307 -22.71 8.65 18.96
C LEU A 307 -22.86 10.01 18.26
N PRO A 308 -22.18 11.07 18.73
CA PRO A 308 -22.24 12.37 18.05
C PRO A 308 -21.58 12.43 16.67
N ALA A 309 -20.63 11.52 16.38
CA ALA A 309 -20.08 11.36 15.05
C ALA A 309 -21.17 10.93 14.07
N GLY A 310 -22.19 10.19 14.53
CA GLY A 310 -23.28 9.68 13.67
C GLY A 310 -23.50 8.16 13.72
N ASN A 311 -22.70 7.45 14.49
CA ASN A 311 -22.93 6.03 14.68
C ASN A 311 -24.02 5.86 15.74
N ASP A 312 -25.22 5.49 15.28
CA ASP A 312 -26.44 5.56 16.08
C ASP A 312 -26.61 4.42 17.09
N VAL A 313 -26.13 3.23 16.74
CA VAL A 313 -26.41 1.99 17.41
C VAL A 313 -25.08 1.30 17.70
N GLU A 314 -24.92 0.85 18.96
CA GLU A 314 -23.81 0.01 19.38
C GLU A 314 -24.18 -1.48 19.26
N MET A 315 -23.34 -2.22 18.57
CA MET A 315 -23.50 -3.68 18.42
CA MET A 315 -23.51 -3.67 18.42
C MET A 315 -22.98 -4.43 19.66
N GLY A 316 -23.41 -5.68 19.84
CA GLY A 316 -22.81 -6.53 20.89
C GLY A 316 -21.38 -6.87 20.51
N GLY A 317 -20.72 -7.70 21.33
CA GLY A 317 -19.32 -8.09 21.14
C GLY A 317 -18.32 -7.16 21.81
N GLY A 318 -18.82 -6.11 22.47
CA GLY A 318 -17.99 -5.11 23.17
C GLY A 318 -18.37 -4.98 24.64
N SER A 319 -18.14 -3.80 25.20
CA SER A 319 -18.48 -3.55 26.62
C SER A 319 -19.81 -2.78 26.80
N TYR A 320 -20.65 -2.70 25.77
CA TYR A 320 -21.97 -2.01 25.88
C TYR A 320 -21.84 -0.59 26.50
N ASN A 321 -20.90 0.18 25.95
CA ASN A 321 -20.46 1.52 26.45
C ASN A 321 -21.64 2.53 26.45
N PHE A 322 -22.62 2.32 25.58
CA PHE A 322 -23.78 3.22 25.41
C PHE A 322 -24.71 3.19 26.63
N GLU A 323 -24.47 2.33 27.64
CA GLU A 323 -25.23 2.35 28.92
C GLU A 323 -24.95 3.60 29.72
N THR A 324 -23.82 4.27 29.47
CA THR A 324 -23.48 5.56 30.09
C THR A 324 -24.19 6.74 29.42
N ILE A 325 -25.07 6.50 28.44
CA ILE A 325 -25.78 7.60 27.74
C ILE A 325 -26.54 8.41 28.78
N ILE A 326 -27.30 7.71 29.60
CA ILE A 326 -28.08 8.29 30.70
C ILE A 326 -27.20 9.19 31.58
N ASP A 327 -26.02 8.70 31.95
CA ASP A 327 -25.09 9.43 32.81
C ASP A 327 -24.54 10.70 32.14
N LEU A 328 -24.19 10.61 30.85
CA LEU A 328 -23.64 11.72 30.11
C LEU A 328 -24.69 12.80 29.84
N VAL A 329 -25.95 12.39 29.66
CA VAL A 329 -27.01 13.36 29.46
C VAL A 329 -27.23 14.15 30.75
N ASN A 330 -27.24 13.45 31.89
CA ASN A 330 -27.44 14.10 33.23
C ASN A 330 -26.24 14.99 33.59
N ALA A 331 -25.03 14.57 33.24
CA ALA A 331 -23.82 15.39 33.47
C ALA A 331 -23.79 16.66 32.61
N GLY A 332 -24.65 16.75 31.58
CA GLY A 332 -24.63 17.83 30.61
C GLY A 332 -23.64 17.62 29.47
N LYS A 333 -23.01 16.44 29.36
CA LYS A 333 -21.90 16.24 28.40
C LYS A 333 -22.35 15.75 27.00
N LEU A 334 -23.59 15.28 26.93
CA LEU A 334 -24.22 14.82 25.73
C LEU A 334 -25.60 15.46 25.64
N ASP A 335 -25.86 16.17 24.56
CA ASP A 335 -27.18 16.78 24.39
C ASP A 335 -28.20 15.69 24.05
N ILE A 336 -29.35 15.73 24.75
CA ILE A 336 -30.50 14.87 24.45
C ILE A 336 -30.89 14.84 22.97
N GLU A 337 -30.66 15.93 22.22
CA GLU A 337 -31.01 15.95 20.80
C GLU A 337 -30.22 14.93 19.98
N ILE A 338 -28.96 14.72 20.34
CA ILE A 338 -28.11 13.72 19.67
C ILE A 338 -28.71 12.33 19.82
N VAL A 339 -29.25 12.05 21.02
CA VAL A 339 -29.87 10.78 21.31
C VAL A 339 -31.17 10.69 20.52
N ASN A 340 -31.95 11.76 20.62
CA ASN A 340 -33.24 11.83 19.97
C ASN A 340 -33.11 11.59 18.48
N THR A 341 -32.03 12.11 17.88
CA THR A 341 -31.78 11.95 16.43
C THR A 341 -31.47 10.48 16.08
N ALA A 342 -30.63 9.84 16.91
CA ALA A 342 -30.25 8.43 16.71
C ALA A 342 -31.50 7.54 16.83
N VAL A 343 -32.28 7.77 17.90
CA VAL A 343 -33.51 7.02 18.12
C VAL A 343 -34.47 7.22 16.96
N SER A 344 -34.67 8.47 16.56
CA SER A 344 -35.55 8.83 15.43
C SER A 344 -35.16 8.03 14.19
N ARG A 345 -33.86 7.92 13.98
CA ARG A 345 -33.34 7.22 12.80
C ARG A 345 -33.73 5.73 12.80
N VAL A 346 -33.62 5.09 13.97
CA VAL A 346 -34.03 3.70 14.14
C VAL A 346 -35.54 3.52 13.93
N LEU A 347 -36.35 4.42 14.49
CA LEU A 347 -37.81 4.32 14.46
C LEU A 347 -38.33 4.58 13.05
N ARG A 348 -37.78 5.54 12.33
CA ARG A 348 -38.17 5.81 10.94
C ARG A 348 -38.00 4.57 10.06
N ALA A 349 -36.83 3.93 10.12
CA ALA A 349 -36.66 2.59 9.54
C ALA A 349 -37.84 1.64 9.90
N LYS A 350 -38.16 1.48 11.18
CA LYS A 350 -39.18 0.53 11.62
C LYS A 350 -40.58 0.88 11.08
N PHE A 351 -40.94 2.16 11.06
CA PHE A 351 -42.24 2.56 10.46
C PHE A 351 -42.32 2.16 8.97
N GLU A 352 -41.33 2.56 8.17
CA GLU A 352 -41.32 2.28 6.73
C GLU A 352 -41.19 0.79 6.39
N MET A 353 -40.47 0.02 7.23
CA MET A 353 -40.47 -1.45 7.10
C MET A 353 -41.85 -2.05 7.34
N GLY A 354 -42.80 -1.30 7.88
CA GLY A 354 -44.16 -1.78 8.15
C GLY A 354 -44.29 -2.56 9.47
N LEU A 355 -43.28 -2.49 10.33
CA LEU A 355 -43.20 -3.34 11.53
C LEU A 355 -44.29 -3.00 12.54
N PHE A 356 -44.75 -1.75 12.57
CA PHE A 356 -45.78 -1.36 13.48
C PHE A 356 -47.14 -1.92 13.07
N GLU A 357 -47.31 -2.25 11.79
CA GLU A 357 -48.58 -2.81 11.28
C GLU A 357 -48.52 -4.33 11.33
N ASN A 358 -47.46 -4.92 10.76
CA ASN A 358 -47.24 -6.38 10.81
C ASN A 358 -45.90 -6.71 11.47
N PRO A 359 -45.80 -6.71 12.81
CA PRO A 359 -44.54 -7.09 13.47
C PRO A 359 -44.20 -8.60 13.42
N TYR A 360 -45.21 -9.47 13.35
CA TYR A 360 -45.02 -10.93 13.25
C TYR A 360 -44.83 -11.26 11.79
N ASN A 361 -43.71 -11.94 11.54
CA ASN A 361 -43.20 -12.23 10.22
C ASN A 361 -43.32 -13.74 9.91
N ALA A 362 -43.01 -14.56 10.92
CA ALA A 362 -42.71 -15.96 10.73
C ALA A 362 -43.92 -16.73 10.21
N ALA A 363 -43.66 -17.55 9.21
CA ALA A 363 -44.61 -18.57 8.79
C ALA A 363 -44.62 -19.72 9.81
N PRO A 364 -45.70 -20.52 9.83
CA PRO A 364 -45.80 -21.65 10.76
C PRO A 364 -44.86 -22.82 10.47
N ALA A 365 -44.58 -23.60 11.49
CA ALA A 365 -43.70 -24.75 11.40
C ALA A 365 -43.95 -25.64 10.16
N SER A 366 -45.22 -25.89 9.85
CA SER A 366 -45.64 -26.80 8.76
C SER A 366 -45.30 -26.27 7.35
N GLU A 367 -45.05 -24.97 7.21
CA GLU A 367 -44.72 -24.35 5.92
C GLU A 367 -43.20 -24.18 5.71
N TRP A 368 -42.38 -24.28 6.75
CA TRP A 368 -40.94 -23.93 6.60
C TRP A 368 -40.28 -24.67 5.42
N ASN A 369 -40.53 -25.98 5.31
CA ASN A 369 -39.94 -26.78 4.25
C ASN A 369 -40.42 -26.40 2.86
N LYS A 370 -41.56 -25.72 2.78
CA LYS A 370 -42.05 -25.22 1.50
C LYS A 370 -41.55 -23.81 1.17
N LEU A 371 -40.88 -23.15 2.10
CA LEU A 371 -40.31 -21.80 1.92
C LEU A 371 -38.77 -21.79 1.93
N ILE A 372 -38.15 -22.80 2.56
CA ILE A 372 -36.70 -22.83 2.78
C ILE A 372 -36.14 -24.02 2.02
N HIS A 373 -35.12 -23.76 1.19
CA HIS A 373 -34.44 -24.76 0.39
C HIS A 373 -35.34 -25.35 -0.71
N THR A 374 -36.23 -24.48 -1.22
CA THR A 374 -37.10 -24.81 -2.35
C THR A 374 -36.29 -25.15 -3.61
N GLN A 375 -36.96 -25.81 -4.55
CA GLN A 375 -36.35 -26.17 -5.79
C GLN A 375 -35.94 -24.93 -6.58
N GLU A 376 -36.81 -23.93 -6.63
CA GLU A 376 -36.56 -22.67 -7.33
C GLU A 376 -35.22 -22.08 -6.90
N ALA A 377 -34.93 -22.16 -5.59
CA ALA A 377 -33.75 -21.58 -4.94
C ALA A 377 -32.50 -22.43 -5.21
N VAL A 378 -32.63 -23.74 -5.02
CA VAL A 378 -31.62 -24.70 -5.49
C VAL A 378 -31.29 -24.50 -7.00
N ASP A 379 -32.31 -24.46 -7.86
CA ASP A 379 -32.07 -24.25 -9.28
C ASP A 379 -31.38 -22.92 -9.54
N LEU A 380 -31.83 -21.86 -8.86
CA LEU A 380 -31.20 -20.56 -9.02
C LEU A 380 -29.73 -20.58 -8.59
N ALA A 381 -29.40 -21.35 -7.55
CA ALA A 381 -28.03 -21.48 -7.11
C ALA A 381 -27.18 -22.15 -8.20
N ARG A 382 -27.73 -23.12 -8.91
CA ARG A 382 -26.99 -23.78 -9.94
C ARG A 382 -26.75 -22.85 -11.12
N GLU A 383 -27.82 -22.18 -11.54
CA GLU A 383 -27.84 -21.19 -12.61
C GLU A 383 -26.81 -20.07 -12.37
N LEU A 384 -26.85 -19.44 -11.21
CA LEU A 384 -25.95 -18.30 -10.91
C LEU A 384 -24.47 -18.74 -10.79
N ASP A 385 -24.21 -19.90 -10.15
CA ASP A 385 -22.87 -20.50 -10.01
C ASP A 385 -22.27 -20.78 -11.40
N ARG A 386 -23.11 -21.32 -12.29
CA ARG A 386 -22.76 -21.75 -13.66
C ARG A 386 -22.40 -20.50 -14.48
N GLU A 387 -23.13 -19.41 -14.24
CA GLU A 387 -22.89 -18.14 -14.93
C GLU A 387 -21.69 -17.36 -14.37
N SER A 388 -21.08 -17.81 -13.26
CA SER A 388 -19.99 -17.16 -12.59
C SER A 388 -18.64 -17.77 -12.93
N ILE A 389 -18.67 -18.94 -13.57
CA ILE A 389 -17.42 -19.65 -13.82
C ILE A 389 -16.71 -18.90 -14.95
N VAL A 390 -15.41 -18.65 -14.77
CA VAL A 390 -14.56 -17.93 -15.76
C VAL A 390 -13.62 -18.92 -16.48
N LEU A 391 -13.78 -19.02 -17.81
CA LEU A 391 -12.81 -19.75 -18.61
C LEU A 391 -11.58 -18.86 -18.84
N LEU A 392 -10.48 -19.21 -18.18
CA LEU A 392 -9.21 -18.45 -18.26
C LEU A 392 -8.39 -18.82 -19.51
N GLU A 393 -8.37 -20.13 -19.84
CA GLU A 393 -7.63 -20.70 -20.99
C GLU A 393 -8.33 -21.95 -21.56
N ASN A 394 -8.13 -22.21 -22.84
CA ASN A 394 -8.70 -23.37 -23.52
C ASN A 394 -7.94 -23.57 -24.84
N HIS A 395 -6.91 -24.41 -24.79
CA HIS A 395 -6.05 -24.66 -25.95
C HIS A 395 -6.58 -25.85 -26.80
N ASP A 396 -6.65 -25.64 -28.12
CA ASP A 396 -6.95 -26.67 -29.15
C ASP A 396 -8.22 -27.43 -28.82
N ASN A 397 -9.29 -26.72 -28.43
CA ASN A 397 -10.62 -27.31 -28.16
C ASN A 397 -10.59 -28.44 -27.12
N ALA A 398 -9.72 -28.30 -26.12
CA ALA A 398 -9.69 -29.27 -25.03
C ALA A 398 -10.99 -29.26 -24.22
N LEU A 399 -11.63 -28.10 -24.09
CA LEU A 399 -13.01 -28.05 -23.58
C LEU A 399 -13.93 -27.55 -24.68
N PRO A 400 -15.22 -27.94 -24.70
CA PRO A 400 -15.83 -28.86 -23.73
C PRO A 400 -15.40 -30.33 -23.89
N LEU A 401 -15.42 -31.08 -22.80
CA LEU A 401 -15.02 -32.49 -22.81
C LEU A 401 -16.17 -33.30 -23.42
N LYS A 402 -15.81 -34.45 -23.97
CA LYS A 402 -16.76 -35.46 -24.43
C LYS A 402 -17.25 -36.32 -23.25
N LYS A 403 -18.52 -36.74 -23.34
CA LYS A 403 -19.17 -37.66 -22.41
C LYS A 403 -18.91 -39.10 -22.88
N SER A 404 -17.63 -39.46 -22.92
CA SER A 404 -17.15 -40.74 -23.43
C SER A 404 -15.68 -40.92 -23.04
N GLY A 405 -15.16 -42.14 -23.21
CA GLY A 405 -13.76 -42.47 -22.94
C GLY A 405 -13.52 -42.61 -21.46
N SER A 406 -12.32 -42.20 -21.01
CA SER A 406 -11.96 -42.21 -19.58
C SER A 406 -11.55 -40.81 -19.07
N ILE A 407 -11.98 -40.49 -17.83
CA ILE A 407 -11.77 -39.16 -17.26
C ILE A 407 -11.21 -39.30 -15.83
N ALA A 408 -9.99 -38.77 -15.62
CA ALA A 408 -9.36 -38.71 -14.31
C ALA A 408 -9.87 -37.45 -13.62
N VAL A 409 -10.34 -37.61 -12.37
CA VAL A 409 -10.79 -36.51 -11.52
C VAL A 409 -9.87 -36.50 -10.29
N ILE A 410 -9.05 -35.45 -10.18
CA ILE A 410 -7.96 -35.45 -9.22
C ILE A 410 -8.05 -34.19 -8.37
N GLY A 411 -7.63 -34.32 -7.10
CA GLY A 411 -7.22 -33.18 -6.32
C GLY A 411 -7.96 -33.06 -5.00
N PRO A 412 -7.36 -32.32 -4.05
CA PRO A 412 -8.00 -32.20 -2.77
C PRO A 412 -9.42 -31.61 -2.87
N MET A 413 -9.63 -30.67 -3.79
CA MET A 413 -10.90 -29.98 -3.84
C MET A 413 -11.94 -30.75 -4.69
N ALA A 414 -11.59 -31.93 -5.21
CA ALA A 414 -12.53 -32.60 -6.16
C ALA A 414 -13.61 -33.35 -5.40
N HIS A 415 -13.32 -33.76 -4.17
CA HIS A 415 -14.24 -34.62 -3.42
C HIS A 415 -13.82 -34.65 -1.95
N GLY A 416 -14.71 -35.13 -1.08
CA GLY A 416 -14.38 -35.33 0.31
C GLY A 416 -14.92 -34.23 1.22
N PHE A 417 -15.22 -33.06 0.66
CA PHE A 417 -15.59 -31.85 1.39
C PHE A 417 -16.05 -30.83 0.34
N MET A 418 -17.03 -30.00 0.66
CA MET A 418 -17.49 -28.95 -0.23
C MET A 418 -16.71 -27.69 0.12
N ASN A 419 -16.14 -27.05 -0.90
CA ASN A 419 -15.22 -25.96 -0.67
C ASN A 419 -15.98 -24.63 -0.55
N TYR A 420 -16.90 -24.51 0.42
CA TYR A 420 -17.65 -23.24 0.67
C TYR A 420 -16.75 -22.09 1.18
N GLY A 421 -17.16 -20.85 0.84
CA GLY A 421 -16.60 -19.69 1.51
C GLY A 421 -17.03 -19.54 2.99
N ASP A 422 -16.48 -18.50 3.65
CA ASP A 422 -16.95 -18.14 4.98
C ASP A 422 -18.43 -17.71 4.89
N TYR A 423 -19.01 -17.52 6.07
CA TYR A 423 -20.41 -17.12 6.27
C TYR A 423 -21.34 -18.18 5.71
N VAL A 424 -20.98 -19.42 6.11
CA VAL A 424 -21.88 -20.58 6.19
C VAL A 424 -21.86 -21.14 7.62
N VAL A 425 -22.94 -21.87 7.96
CA VAL A 425 -23.14 -22.41 9.34
C VAL A 425 -22.38 -23.72 9.50
N TYR A 426 -22.15 -24.02 10.77
CA TYR A 426 -21.40 -25.19 11.18
C TYR A 426 -21.89 -26.44 10.43
N GLU A 427 -20.95 -27.14 9.79
CA GLU A 427 -21.14 -28.45 9.19
C GLU A 427 -21.80 -28.41 7.82
N SER A 428 -22.03 -27.23 7.25
CA SER A 428 -22.45 -27.07 5.85
C SER A 428 -21.53 -27.88 4.92
N GLN A 429 -20.22 -27.90 5.17
CA GLN A 429 -19.29 -28.64 4.28
C GLN A 429 -19.62 -30.13 4.04
N TYR A 430 -20.48 -30.76 4.85
CA TYR A 430 -20.84 -32.21 4.71
C TYR A 430 -22.04 -32.48 3.79
N ARG A 431 -22.64 -31.44 3.17
CA ARG A 431 -23.65 -31.57 2.13
C ARG A 431 -23.24 -30.73 0.91
N GLY A 432 -23.85 -31.06 -0.24
CA GLY A 432 -23.62 -30.34 -1.50
C GLY A 432 -22.94 -31.22 -2.52
N VAL A 433 -22.98 -30.77 -3.78
CA VAL A 433 -22.49 -31.53 -4.93
C VAL A 433 -21.02 -31.14 -5.16
N THR A 434 -20.13 -32.11 -4.96
CA THR A 434 -18.70 -31.90 -5.22
C THR A 434 -18.45 -31.90 -6.73
N PRO A 435 -17.27 -31.43 -7.17
CA PRO A 435 -16.89 -31.63 -8.57
C PRO A 435 -16.93 -33.10 -9.04
N LEU A 436 -16.56 -34.05 -8.17
CA LEU A 436 -16.57 -35.46 -8.58
C LEU A 436 -18.00 -35.92 -8.75
N ASP A 437 -18.85 -35.59 -7.79
CA ASP A 437 -20.30 -35.90 -7.87
C ASP A 437 -20.87 -35.38 -9.18
N GLY A 438 -20.52 -34.14 -9.53
CA GLY A 438 -21.07 -33.47 -10.71
C GLY A 438 -20.66 -34.15 -12.01
N ILE A 439 -19.39 -34.54 -12.07
CA ILE A 439 -18.79 -35.20 -13.23
C ILE A 439 -19.39 -36.61 -13.38
N LYS A 440 -19.50 -37.38 -12.30
CA LYS A 440 -20.14 -38.70 -12.40
C LYS A 440 -21.58 -38.61 -12.93
N ALA A 441 -22.35 -37.64 -12.45
CA ALA A 441 -23.75 -37.49 -12.84
C ALA A 441 -23.89 -36.99 -14.27
N ALA A 442 -22.94 -36.17 -14.72
CA ALA A 442 -22.95 -35.69 -16.13
C ALA A 442 -22.69 -36.82 -17.14
N VAL A 443 -21.76 -37.76 -16.83
CA VAL A 443 -21.42 -38.84 -17.79
C VAL A 443 -22.30 -40.08 -17.61
N GLY A 444 -22.77 -40.36 -16.40
CA GLY A 444 -23.50 -41.61 -16.13
C GLY A 444 -22.67 -42.84 -16.50
N ASP A 445 -23.20 -43.68 -17.40
CA ASP A 445 -22.49 -44.91 -17.83
C ASP A 445 -21.61 -44.67 -19.07
N LYS A 446 -21.70 -43.49 -19.70
CA LYS A 446 -21.07 -43.28 -21.01
C LYS A 446 -19.54 -43.11 -20.95
N ALA A 447 -18.96 -42.87 -19.76
CA ALA A 447 -17.49 -42.68 -19.58
C ALA A 447 -17.03 -43.28 -18.25
N THR A 448 -15.73 -43.61 -18.20
CA THR A 448 -15.05 -44.16 -16.98
C THR A 448 -14.43 -42.99 -16.23
N ILE A 449 -14.74 -42.88 -14.93
CA ILE A 449 -14.21 -41.85 -14.03
C ILE A 449 -13.18 -42.44 -13.06
N ASN A 450 -11.93 -41.95 -13.12
CA ASN A 450 -10.84 -42.47 -12.30
C ASN A 450 -10.44 -41.42 -11.25
N TYR A 451 -10.93 -41.58 -10.02
CA TYR A 451 -10.77 -40.57 -8.99
C TYR A 451 -9.55 -40.84 -8.12
N ALA A 452 -8.78 -39.78 -7.88
CA ALA A 452 -7.69 -39.83 -6.91
C ALA A 452 -7.59 -38.49 -6.17
N GLN A 453 -7.53 -38.51 -4.83
CA GLN A 453 -7.35 -37.28 -4.00
C GLN A 453 -6.07 -36.52 -4.39
N GLY A 454 -4.94 -37.22 -4.53
CA GLY A 454 -3.69 -36.55 -4.90
C GLY A 454 -2.91 -36.03 -3.70
N CYS A 455 -3.50 -35.09 -2.95
CA CYS A 455 -2.83 -34.53 -1.75
C CYS A 455 -3.85 -33.93 -0.80
N GLU A 456 -3.45 -33.70 0.44
CA GLU A 456 -4.26 -32.99 1.39
C GLU A 456 -3.95 -31.50 1.15
N ARG A 457 -4.96 -30.63 1.13
CA ARG A 457 -4.72 -29.18 0.85
C ARG A 457 -3.79 -28.50 1.87
N TRP A 458 -3.80 -29.01 3.10
CA TRP A 458 -3.07 -28.46 4.22
C TRP A 458 -1.71 -29.12 4.47
N SER A 459 -1.19 -29.93 3.54
CA SER A 459 0.07 -30.71 3.73
C SER A 459 0.95 -30.70 2.47
N ASN A 460 2.29 -30.72 2.68
CA ASN A 460 3.32 -30.87 1.63
C ASN A 460 3.63 -32.34 1.30
N ASP A 461 2.95 -33.27 1.96
CA ASP A 461 3.10 -34.71 1.73
C ASP A 461 2.68 -35.12 0.30
N GLN A 462 3.57 -35.87 -0.37
CA GLN A 462 3.36 -36.34 -1.73
C GLN A 462 3.06 -37.84 -1.85
N SER A 463 2.78 -38.51 -0.73
CA SER A 463 2.37 -39.95 -0.65
C SER A 463 1.34 -40.32 -1.70
N GLY A 464 0.35 -39.43 -1.85
CA GLY A 464 -0.84 -39.65 -2.65
C GLY A 464 -0.66 -39.41 -4.16
N PHE A 465 0.52 -38.96 -4.59
CA PHE A 465 0.79 -38.61 -6.00
C PHE A 465 0.76 -39.81 -6.96
N ALA A 466 1.36 -40.94 -6.56
CA ALA A 466 1.41 -42.17 -7.41
C ALA A 466 0.02 -42.62 -7.84
N GLU A 467 -0.92 -42.70 -6.88
CA GLU A 467 -2.34 -43.00 -7.20
C GLU A 467 -2.92 -42.00 -8.23
N ALA A 468 -2.63 -40.71 -8.05
CA ALA A 468 -3.09 -39.63 -8.98
C ALA A 468 -2.52 -39.76 -10.39
N VAL A 469 -1.20 -39.98 -10.46
CA VAL A 469 -0.46 -40.14 -11.73
C VAL A 469 -0.99 -41.38 -12.47
N GLU A 470 -1.15 -42.49 -11.75
CA GLU A 470 -1.75 -43.72 -12.31
C GLU A 470 -3.14 -43.41 -12.88
N ALA A 471 -4.00 -42.75 -12.08
CA ALA A 471 -5.33 -42.33 -12.55
C ALA A 471 -5.26 -41.60 -13.89
N ALA A 472 -4.38 -40.59 -13.97
CA ALA A 472 -4.26 -39.78 -15.16
C ALA A 472 -3.73 -40.62 -16.33
N LYS A 473 -2.69 -41.44 -16.09
CA LYS A 473 -2.00 -42.17 -17.17
C LYS A 473 -2.94 -43.20 -17.81
N LYS A 474 -3.91 -43.71 -17.08
CA LYS A 474 -4.87 -44.59 -17.73
C LYS A 474 -6.13 -43.85 -18.20
N SER A 475 -6.08 -42.53 -18.40
CA SER A 475 -7.29 -41.77 -18.80
C SER A 475 -6.98 -40.97 -20.08
N ASP A 476 -8.04 -40.56 -20.80
CA ASP A 476 -7.86 -39.75 -22.03
C ASP A 476 -7.63 -38.28 -21.66
N VAL A 477 -8.14 -37.89 -20.49
CA VAL A 477 -8.08 -36.50 -20.04
C VAL A 477 -8.03 -36.49 -18.50
N ALA A 478 -7.46 -35.42 -17.94
CA ALA A 478 -7.39 -35.24 -16.51
C ALA A 478 -7.90 -33.86 -16.08
N VAL A 479 -8.77 -33.87 -15.05
CA VAL A 479 -9.28 -32.69 -14.34
C VAL A 479 -8.68 -32.65 -12.93
N VAL A 480 -7.99 -31.55 -12.63
CA VAL A 480 -7.36 -31.37 -11.34
C VAL A 480 -8.00 -30.18 -10.62
N VAL A 481 -8.61 -30.44 -9.46
CA VAL A 481 -9.30 -29.39 -8.73
C VAL A 481 -8.52 -29.04 -7.48
N VAL A 482 -7.97 -27.82 -7.51
CA VAL A 482 -7.13 -27.25 -6.42
C VAL A 482 -7.59 -25.82 -6.03
N GLY A 483 -7.02 -25.27 -4.93
CA GLY A 483 -7.23 -23.86 -4.62
C GLY A 483 -6.91 -23.43 -3.19
N THR A 484 -7.80 -22.62 -2.65
CA THR A 484 -7.75 -22.09 -1.29
C THR A 484 -8.97 -22.69 -0.60
N TRP A 485 -9.08 -22.51 0.69
CA TRP A 485 -10.23 -23.02 1.44
C TRP A 485 -10.53 -22.08 2.60
N SER A 486 -11.79 -22.07 3.03
CA SER A 486 -12.15 -21.32 4.23
C SER A 486 -12.75 -22.26 5.29
N ARG A 487 -13.46 -21.67 6.26
CA ARG A 487 -14.14 -22.41 7.33
C ARG A 487 -15.48 -21.77 7.66
N ASP A 488 -16.42 -22.63 8.08
CA ASP A 488 -17.70 -22.21 8.61
C ASP A 488 -17.57 -21.39 9.90
N GLN A 489 -18.69 -20.85 10.39
CA GLN A 489 -18.65 -19.87 11.49
C GLN A 489 -18.15 -20.45 12.83
N LYS A 490 -18.37 -21.75 13.08
CA LYS A 490 -17.81 -22.38 14.28
C LYS A 490 -16.31 -22.69 14.08
N GLU A 491 -15.98 -23.38 12.98
CA GLU A 491 -14.57 -23.84 12.77
C GLU A 491 -13.60 -22.66 12.47
N LEU A 492 -14.10 -21.60 11.83
CA LEU A 492 -13.28 -20.42 11.56
C LEU A 492 -12.80 -19.80 12.87
N TRP A 493 -13.72 -19.58 13.81
CA TRP A 493 -13.37 -18.93 15.12
C TRP A 493 -12.82 -19.86 16.19
N ALA A 494 -12.79 -21.17 15.92
CA ALA A 494 -12.09 -22.15 16.73
C ALA A 494 -10.63 -22.33 16.30
N GLY A 495 -10.24 -21.63 15.23
CA GLY A 495 -8.82 -21.62 14.80
C GLY A 495 -8.38 -22.75 13.87
N LEU A 496 -9.31 -23.49 13.25
CA LEU A 496 -8.94 -24.56 12.30
C LEU A 496 -8.34 -23.93 11.05
N ASN A 497 -7.40 -24.65 10.45
CA ASN A 497 -6.56 -24.10 9.37
C ASN A 497 -7.39 -23.66 8.16
N ALA A 498 -6.94 -22.55 7.55
CA ALA A 498 -7.56 -21.97 6.36
C ALA A 498 -6.57 -21.06 5.62
N THR A 499 -6.93 -20.76 4.36
CA THR A 499 -6.23 -19.83 3.50
C THR A 499 -7.02 -18.55 3.14
N THR A 500 -8.35 -18.58 3.27
CA THR A 500 -9.17 -17.36 3.15
C THR A 500 -10.24 -17.33 4.23
N GLY A 501 -10.78 -16.13 4.41
CA GLY A 501 -11.96 -15.85 5.21
C GLY A 501 -11.69 -14.77 6.24
N GLU A 502 -12.73 -14.34 6.94
CA GLU A 502 -12.58 -13.30 7.96
C GLU A 502 -11.53 -13.73 9.01
N HIS A 503 -10.51 -12.88 9.26
CA HIS A 503 -9.32 -13.13 10.18
C HIS A 503 -8.34 -14.21 9.68
N VAL A 504 -8.40 -14.52 8.38
CA VAL A 504 -7.44 -15.40 7.69
C VAL A 504 -6.81 -14.63 6.52
N ASP A 505 -5.68 -13.97 6.77
CA ASP A 505 -4.96 -13.17 5.78
C ASP A 505 -3.67 -13.87 5.36
N VAL A 506 -3.28 -13.75 4.08
CA VAL A 506 -2.12 -14.46 3.50
C VAL A 506 -1.04 -13.48 3.01
N ASN A 507 0.22 -13.94 3.03
CA ASN A 507 1.35 -13.17 2.54
C ASN A 507 1.91 -13.73 1.23
N SER A 508 1.11 -14.61 0.62
CA SER A 508 1.44 -15.30 -0.61
C SER A 508 0.11 -15.72 -1.25
N LEU A 509 0.03 -15.60 -2.58
CA LEU A 509 -1.12 -16.02 -3.38
C LEU A 509 -0.83 -17.28 -4.18
N SER A 510 0.38 -17.85 -4.06
CA SER A 510 0.68 -19.19 -4.66
C SER A 510 -0.12 -20.34 -4.02
N LEU A 511 -0.31 -21.41 -4.80
CA LEU A 511 -0.96 -22.59 -4.29
C LEU A 511 -0.17 -23.10 -3.09
N VAL A 512 -0.91 -23.31 -2.00
CA VAL A 512 -0.36 -23.80 -0.74
C VAL A 512 -0.04 -25.32 -0.82
N GLY A 513 1.01 -25.71 -0.11
CA GLY A 513 1.34 -27.12 0.10
C GLY A 513 1.72 -27.85 -1.17
N ALA A 514 1.14 -29.04 -1.34
CA ALA A 514 1.55 -29.98 -2.39
C ALA A 514 0.81 -29.76 -3.71
N GLN A 515 0.00 -28.70 -3.81
CA GLN A 515 -0.98 -28.57 -4.89
C GLN A 515 -0.31 -28.28 -6.25
N ALA A 516 0.65 -27.34 -6.28
CA ALA A 516 1.42 -27.02 -7.49
C ALA A 516 2.27 -28.21 -7.93
N PRO A 517 3.02 -28.92 -7.04
CA PRO A 517 3.70 -30.14 -7.48
C PRO A 517 2.75 -31.22 -8.02
N LEU A 518 1.59 -31.35 -7.36
CA LEU A 518 0.52 -32.26 -7.83
C LEU A 518 0.18 -31.97 -9.30
N ILE A 519 -0.12 -30.72 -9.61
CA ILE A 519 -0.43 -30.39 -10.98
C ILE A 519 0.73 -30.76 -11.90
N LYS A 520 1.95 -30.43 -11.48
CA LYS A 520 3.15 -30.72 -12.30
C LYS A 520 3.29 -32.22 -12.55
N ALA A 521 3.01 -33.05 -11.53
CA ALA A 521 3.07 -34.49 -11.70
C ALA A 521 2.07 -34.96 -12.75
N ILE A 522 0.88 -34.37 -12.77
CA ILE A 522 -0.15 -34.81 -13.73
C ILE A 522 0.18 -34.33 -15.16
N ILE A 523 0.64 -33.09 -15.29
CA ILE A 523 0.98 -32.56 -16.60
C ILE A 523 2.06 -33.44 -17.24
N ASP A 524 3.08 -33.82 -16.48
CA ASP A 524 4.24 -34.60 -16.99
C ASP A 524 3.86 -35.97 -17.54
N THR A 525 2.68 -36.50 -17.18
CA THR A 525 2.17 -37.71 -17.79
C THR A 525 1.90 -37.57 -19.30
N GLY A 526 1.84 -36.32 -19.79
CA GLY A 526 1.48 -36.02 -21.17
C GLY A 526 -0.02 -36.03 -21.40
N VAL A 527 -0.82 -36.53 -20.46
CA VAL A 527 -2.29 -36.50 -20.65
C VAL A 527 -2.82 -35.07 -20.62
N PRO A 528 -3.73 -34.71 -21.53
CA PRO A 528 -4.31 -33.37 -21.47
C PRO A 528 -4.94 -33.05 -20.09
N THR A 529 -4.38 -32.02 -19.44
CA THR A 529 -4.68 -31.67 -18.06
C THR A 529 -5.46 -30.34 -18.00
N VAL A 530 -6.68 -30.39 -17.48
CA VAL A 530 -7.49 -29.21 -17.20
C VAL A 530 -7.38 -28.86 -15.71
N VAL A 531 -6.96 -27.63 -15.39
CA VAL A 531 -6.91 -27.20 -13.97
C VAL A 531 -8.15 -26.36 -13.70
N VAL A 532 -8.81 -26.67 -12.58
CA VAL A 532 -9.91 -25.90 -12.06
C VAL A 532 -9.45 -25.28 -10.74
N LEU A 533 -9.38 -23.95 -10.69
CA LEU A 533 -9.10 -23.22 -9.42
C LEU A 533 -10.43 -23.08 -8.68
N SER A 534 -10.49 -23.65 -7.47
CA SER A 534 -11.63 -23.56 -6.58
C SER A 534 -11.20 -22.70 -5.39
N SER A 535 -11.69 -21.44 -5.28
CA SER A 535 -11.02 -20.50 -4.35
C SER A 535 -11.85 -19.27 -3.97
N GLY A 536 -11.27 -18.44 -3.09
CA GLY A 536 -11.89 -17.19 -2.61
C GLY A 536 -11.24 -15.92 -3.13
N LYS A 537 -10.16 -16.04 -3.92
CA LYS A 537 -9.41 -14.86 -4.39
C LYS A 537 -8.42 -15.25 -5.48
N PRO A 538 -7.70 -14.29 -6.11
CA PRO A 538 -6.67 -14.65 -7.06
C PRO A 538 -5.62 -15.63 -6.52
N ILE A 539 -5.09 -16.49 -7.41
CA ILE A 539 -3.98 -17.44 -7.14
C ILE A 539 -2.91 -17.19 -8.19
N THR A 540 -1.67 -17.11 -7.76
CA THR A 540 -0.58 -16.73 -8.65
C THR A 540 0.24 -17.95 -9.06
N GLU A 541 -0.11 -18.54 -10.22
CA GLU A 541 0.64 -19.62 -10.86
C GLU A 541 0.67 -19.38 -12.37
N PRO A 542 1.40 -18.32 -12.83
CA PRO A 542 1.40 -17.95 -14.25
C PRO A 542 1.74 -19.09 -15.24
N TRP A 543 2.62 -20.00 -14.81
CA TRP A 543 3.02 -21.18 -15.58
C TRP A 543 1.85 -22.07 -16.03
N LEU A 544 0.72 -22.00 -15.33
CA LEU A 544 -0.43 -22.81 -15.67
C LEU A 544 -1.04 -22.45 -17.01
N SER A 545 -0.98 -21.16 -17.40
CA SER A 545 -1.65 -20.67 -18.63
C SER A 545 -1.35 -21.53 -19.89
N ASN A 546 -0.07 -21.75 -20.18
CA ASN A 546 0.36 -22.39 -21.40
C ASN A 546 0.93 -23.81 -21.18
N ASN A 547 0.90 -24.33 -19.95
CA ASN A 547 1.38 -25.69 -19.66
C ASN A 547 0.23 -26.65 -19.32
N THR A 548 -1.02 -26.21 -19.44
CA THR A 548 -2.22 -27.03 -19.28
C THR A 548 -2.98 -26.98 -20.59
N ALA A 549 -3.94 -27.90 -20.77
CA ALA A 549 -4.84 -27.93 -21.92
C ALA A 549 -5.89 -26.82 -21.73
N ALA A 550 -6.38 -26.68 -20.48
CA ALA A 550 -7.34 -25.63 -20.15
C ALA A 550 -7.25 -25.25 -18.66
N LEU A 551 -7.72 -24.02 -18.34
CA LEU A 551 -7.68 -23.45 -16.97
C LEU A 551 -9.00 -22.75 -16.69
N VAL A 552 -9.67 -23.13 -15.60
CA VAL A 552 -11.01 -22.68 -15.28
C VAL A 552 -11.04 -22.18 -13.83
N GLN A 553 -11.80 -21.09 -13.60
CA GLN A 553 -11.95 -20.48 -12.27
C GLN A 553 -13.41 -20.58 -11.78
N GLN A 554 -13.61 -21.28 -10.68
CA GLN A 554 -14.88 -21.27 -10.04
C GLN A 554 -14.58 -20.75 -8.65
N PHE A 555 -14.95 -19.49 -8.37
CA PHE A 555 -14.84 -18.99 -7.03
C PHE A 555 -15.76 -19.83 -6.13
N TYR A 556 -15.55 -19.77 -4.81
CA TYR A 556 -16.16 -20.73 -3.86
C TYR A 556 -17.60 -21.04 -4.26
N PRO A 557 -17.91 -22.33 -4.45
CA PRO A 557 -19.16 -22.70 -5.07
C PRO A 557 -20.40 -22.57 -4.18
N SER A 558 -21.52 -22.75 -4.85
CA SER A 558 -22.80 -22.98 -4.27
C SER A 558 -22.90 -24.44 -3.87
N GLU A 559 -24.04 -24.79 -3.27
CA GLU A 559 -24.37 -26.17 -2.91
C GLU A 559 -24.57 -27.05 -4.14
N GLN A 560 -24.68 -26.42 -5.33
CA GLN A 560 -24.72 -27.08 -6.64
C GLN A 560 -23.41 -26.89 -7.43
N GLY A 561 -22.33 -26.60 -6.72
CA GLY A 561 -21.06 -26.24 -7.36
C GLY A 561 -20.62 -27.20 -8.46
N GLY A 562 -20.65 -28.49 -8.12
CA GLY A 562 -20.20 -29.54 -9.04
C GLY A 562 -21.10 -29.75 -10.23
N ASN A 563 -22.40 -29.62 -10.04
CA ASN A 563 -23.28 -29.63 -11.22
C ASN A 563 -22.98 -28.43 -12.14
N ALA A 564 -22.79 -27.25 -11.54
CA ALA A 564 -22.52 -26.06 -12.30
C ALA A 564 -21.19 -26.20 -13.05
N LEU A 565 -20.15 -26.67 -12.35
CA LEU A 565 -18.82 -26.92 -12.99
C LEU A 565 -18.93 -27.88 -14.18
N ALA A 566 -19.66 -29.00 -14.03
CA ALA A 566 -19.83 -30.00 -15.11
C ALA A 566 -20.69 -29.48 -16.26
N ASP A 567 -21.73 -28.68 -15.96
CA ASP A 567 -22.46 -27.97 -16.98
C ASP A 567 -21.50 -27.24 -17.93
N VAL A 568 -20.48 -26.58 -17.39
CA VAL A 568 -19.45 -25.88 -18.17
C VAL A 568 -18.45 -26.89 -18.78
N LEU A 569 -17.93 -27.81 -17.96
CA LEU A 569 -16.83 -28.71 -18.42
C LEU A 569 -17.29 -29.49 -19.64
N PHE A 570 -18.56 -29.92 -19.65
CA PHE A 570 -19.07 -30.76 -20.72
C PHE A 570 -19.89 -30.01 -21.79
N GLY A 571 -20.05 -28.70 -21.67
CA GLY A 571 -20.59 -27.87 -22.76
C GLY A 571 -22.10 -27.72 -22.74
N ASP A 572 -22.82 -28.30 -21.77
CA ASP A 572 -24.25 -28.01 -21.73
C ASP A 572 -24.48 -26.51 -21.51
N TYR A 573 -23.54 -25.84 -20.80
CA TYR A 573 -23.54 -24.37 -20.67
C TYR A 573 -22.22 -23.79 -21.22
N ASN A 574 -22.32 -22.90 -22.22
CA ASN A 574 -21.15 -22.19 -22.75
C ASN A 574 -20.68 -21.12 -21.75
N PRO A 575 -19.55 -21.33 -21.04
CA PRO A 575 -19.13 -20.43 -19.97
C PRO A 575 -19.09 -18.96 -20.37
N SER A 576 -19.56 -18.12 -19.44
CA SER A 576 -19.84 -16.71 -19.68
C SER A 576 -19.24 -15.77 -18.63
N GLY A 577 -18.51 -16.28 -17.65
CA GLY A 577 -18.00 -15.46 -16.59
C GLY A 577 -16.94 -14.48 -17.05
N LYS A 578 -16.86 -13.33 -16.36
CA LYS A 578 -15.75 -12.36 -16.52
C LYS A 578 -15.18 -12.02 -15.15
N LEU A 579 -13.86 -11.77 -15.08
CA LEU A 579 -13.21 -11.58 -13.78
C LEU A 579 -13.74 -10.33 -13.06
N SER A 580 -14.11 -10.48 -11.77
CA SER A 580 -14.60 -9.38 -10.94
C SER A 580 -13.41 -8.68 -10.26
N VAL A 581 -12.24 -9.30 -10.36
CA VAL A 581 -11.05 -8.87 -9.66
C VAL A 581 -9.86 -9.26 -10.52
N SER A 582 -8.85 -8.38 -10.56
CA SER A 582 -7.64 -8.60 -11.39
C SER A 582 -6.71 -9.63 -10.69
N PHE A 583 -6.03 -10.47 -11.51
CA PHE A 583 -5.08 -11.51 -11.03
C PHE A 583 -3.67 -11.03 -11.28
N PRO A 584 -2.86 -10.89 -10.21
CA PRO A 584 -1.47 -10.51 -10.39
C PRO A 584 -0.57 -11.69 -10.78
N HIS A 585 0.67 -11.40 -11.20
CA HIS A 585 1.68 -12.45 -11.42
C HIS A 585 2.23 -12.96 -10.07
N SER A 586 2.27 -12.12 -9.04
CA SER A 586 2.90 -12.45 -7.77
C SER A 586 2.38 -11.51 -6.72
N VAL A 587 2.46 -11.94 -5.47
CA VAL A 587 2.08 -11.12 -4.31
C VAL A 587 3.06 -9.96 -4.20
N GLY A 588 4.26 -10.11 -4.76
CA GLY A 588 5.22 -9.02 -4.86
C GLY A 588 4.77 -7.82 -5.71
N ASP A 589 3.70 -8.01 -6.50
CA ASP A 589 3.25 -7.07 -7.55
C ASP A 589 2.04 -6.22 -7.15
N LEU A 590 1.65 -6.29 -5.88
CA LEU A 590 0.39 -5.65 -5.48
C LEU A 590 0.58 -4.17 -5.19
N PRO A 591 -0.49 -3.34 -5.26
CA PRO A 591 -1.82 -3.72 -5.71
C PRO A 591 -1.92 -3.92 -7.23
N ILE A 592 -3.04 -4.46 -7.71
CA ILE A 592 -3.15 -4.85 -9.11
C ILE A 592 -4.47 -4.41 -9.79
N TYR A 593 -5.21 -3.50 -9.16
CA TYR A 593 -6.54 -3.05 -9.67
C TYR A 593 -6.43 -2.33 -11.04
N TYR A 594 -7.39 -2.61 -11.94
CA TYR A 594 -7.40 -2.10 -13.38
C TYR A 594 -7.57 -0.56 -13.45
N ASP A 595 -8.27 0.02 -12.45
CA ASP A 595 -8.65 1.47 -12.41
C ASP A 595 -7.55 2.38 -11.83
N TYR A 596 -6.30 1.94 -11.88
CA TYR A 596 -5.16 2.74 -11.35
C TYR A 596 -5.18 4.16 -11.93
N LEU A 597 -4.81 5.16 -11.11
CA LEU A 597 -4.65 6.53 -11.62
C LEU A 597 -3.58 6.58 -12.72
N ASN A 598 -3.82 7.47 -13.67
CA ASN A 598 -2.80 7.82 -14.62
C ASN A 598 -1.49 8.14 -13.90
N SER A 599 -0.39 7.61 -14.47
CA SER A 599 1.01 7.73 -14.02
C SER A 599 1.44 6.45 -13.30
N ALA A 600 0.50 5.50 -13.14
CA ALA A 600 0.71 4.17 -12.52
C ALA A 600 0.86 3.07 -13.55
N ARG A 601 1.37 1.92 -13.08
CA ARG A 601 1.30 0.59 -13.75
C ARG A 601 2.23 0.48 -14.97
N GLU A 602 2.04 1.37 -15.95
CA GLU A 602 2.65 1.30 -17.28
C GLU A 602 3.84 2.22 -17.36
N ILE A 603 5.00 1.75 -16.87
CA ILE A 603 6.10 2.67 -16.68
C ILE A 603 7.28 2.28 -17.59
N GLY A 604 8.00 1.21 -17.30
CA GLY A 604 9.13 0.89 -18.16
C GLY A 604 8.96 -0.50 -18.69
N ASP A 605 10.03 -1.27 -18.62
CA ASP A 605 10.10 -2.60 -19.18
C ASP A 605 10.17 -3.61 -18.04
N ALA A 606 9.46 -4.72 -18.20
CA ALA A 606 9.44 -5.79 -17.22
C ALA A 606 10.53 -6.81 -17.56
N GLY A 607 11.18 -7.32 -16.52
CA GLY A 607 12.09 -8.44 -16.64
C GLY A 607 11.35 -9.74 -16.45
N TYR A 608 12.10 -10.85 -16.42
CA TYR A 608 11.54 -12.17 -16.55
C TYR A 608 12.53 -13.25 -16.07
N ILE A 609 12.02 -14.17 -15.25
CA ILE A 609 12.72 -15.41 -14.88
C ILE A 609 12.19 -16.60 -15.70
N TYR A 610 13.03 -17.14 -16.58
CA TYR A 610 12.64 -18.31 -17.38
C TYR A 610 12.74 -19.55 -16.52
N SER A 611 11.93 -20.55 -16.83
CA SER A 611 11.98 -21.83 -16.08
C SER A 611 13.31 -22.61 -16.30
N ASN A 612 13.97 -22.47 -17.45
CA ASN A 612 15.31 -23.10 -17.63
C ASN A 612 16.43 -22.40 -16.83
N GLY A 613 16.15 -21.28 -16.15
CA GLY A 613 17.09 -20.66 -15.23
C GLY A 613 17.58 -19.28 -15.65
N THR A 614 17.34 -18.89 -16.91
CA THR A 614 17.82 -17.60 -17.40
C THR A 614 17.04 -16.45 -16.74
N LEU A 615 17.79 -15.40 -16.42
CA LEU A 615 17.22 -14.14 -15.94
C LEU A 615 17.31 -13.08 -17.05
N GLU A 616 16.21 -12.39 -17.32
CA GLU A 616 16.17 -11.26 -18.26
C GLU A 616 15.83 -10.04 -17.42
N PHE A 617 16.83 -9.20 -17.15
CA PHE A 617 16.67 -8.08 -16.22
C PHE A 617 15.91 -6.96 -16.93
N GLY A 618 14.93 -6.38 -16.23
CA GLY A 618 14.20 -5.20 -16.68
C GLY A 618 14.28 -4.12 -15.61
N HIS A 619 13.21 -3.32 -15.54
CA HIS A 619 13.24 -2.17 -14.67
C HIS A 619 12.04 -2.09 -13.71
N GLN A 620 10.82 -2.23 -14.25
CA GLN A 620 9.59 -2.25 -13.52
C GLN A 620 8.97 -3.57 -13.91
N TYR A 621 9.39 -4.70 -13.32
CA TYR A 621 10.40 -4.84 -12.28
C TYR A 621 11.66 -5.49 -12.86
N ALA A 622 12.76 -5.37 -12.12
CA ALA A 622 14.01 -6.06 -12.46
C ALA A 622 13.76 -7.50 -12.92
N LEU A 623 12.93 -8.28 -12.20
CA LEU A 623 12.68 -9.71 -12.59
C LEU A 623 11.20 -10.12 -12.41
N GLY A 624 10.29 -9.27 -12.87
CA GLY A 624 8.88 -9.52 -12.75
C GLY A 624 8.08 -8.48 -13.50
N ASN A 625 6.77 -8.58 -13.41
CA ASN A 625 5.87 -7.81 -14.25
C ASN A 625 4.75 -7.20 -13.41
N PRO A 626 4.62 -5.85 -13.35
CA PRO A 626 3.50 -5.20 -12.68
C PRO A 626 2.14 -5.30 -13.37
N LYS A 627 2.10 -5.74 -14.62
CA LYS A 627 0.80 -5.92 -15.32
C LYS A 627 0.08 -7.20 -14.85
N ALA A 628 -1.25 -7.14 -14.91
CA ALA A 628 -2.12 -8.21 -14.45
C ALA A 628 -1.79 -9.44 -15.27
N TRP A 629 -1.73 -10.58 -14.60
CA TRP A 629 -1.73 -11.83 -15.31
C TRP A 629 -3.02 -11.95 -16.12
N TYR A 630 -4.15 -11.78 -15.43
CA TYR A 630 -5.45 -11.64 -16.07
C TYR A 630 -6.11 -10.37 -15.57
N PRO A 631 -6.53 -9.46 -16.49
CA PRO A 631 -7.16 -8.22 -16.06
C PRO A 631 -8.63 -8.34 -15.67
N PHE A 632 -9.13 -7.35 -14.91
CA PHE A 632 -10.53 -7.19 -14.57
C PHE A 632 -11.39 -7.34 -15.85
N GLY A 633 -12.46 -8.14 -15.81
CA GLY A 633 -13.38 -8.28 -16.97
C GLY A 633 -12.99 -9.31 -18.03
N TYR A 634 -11.92 -10.07 -17.76
CA TYR A 634 -11.39 -11.09 -18.63
C TYR A 634 -12.20 -12.36 -18.46
N GLY A 635 -12.48 -12.97 -19.59
CA GLY A 635 -13.16 -14.23 -19.61
C GLY A 635 -13.38 -14.69 -21.02
N LYS A 636 -13.07 -15.95 -21.27
CA LYS A 636 -13.26 -16.50 -22.60
C LYS A 636 -14.57 -17.29 -22.68
N SER A 637 -14.87 -17.77 -23.90
CA SER A 637 -16.06 -18.55 -24.23
C SER A 637 -15.62 -19.71 -25.12
N TYR A 638 -16.51 -20.71 -25.31
CA TYR A 638 -16.27 -21.73 -26.32
C TYR A 638 -16.55 -21.14 -27.72
N SER A 639 -17.31 -20.05 -27.80
CA SER A 639 -17.54 -19.30 -29.01
C SER A 639 -16.51 -18.17 -29.06
N SER A 640 -16.50 -17.46 -30.19
CA SER A 640 -15.75 -16.23 -30.39
C SER A 640 -16.74 -15.14 -30.83
N PHE A 641 -16.43 -13.89 -30.47
CA PHE A 641 -17.32 -12.78 -30.74
C PHE A 641 -16.60 -11.70 -31.54
N GLU A 642 -17.32 -11.19 -32.53
CA GLU A 642 -16.87 -10.16 -33.44
C GLU A 642 -17.78 -8.92 -33.27
N TYR A 643 -17.14 -7.80 -32.90
CA TYR A 643 -17.79 -6.55 -32.61
C TYR A 643 -17.78 -5.71 -33.87
N GLY A 644 -18.90 -5.06 -34.18
CA GLY A 644 -18.92 -4.00 -35.17
C GLY A 644 -18.41 -2.66 -34.65
N ALA A 645 -18.72 -1.63 -35.43
CA ALA A 645 -18.37 -0.26 -35.12
C ALA A 645 -19.19 0.21 -33.91
N VAL A 646 -18.55 0.96 -33.01
CA VAL A 646 -19.22 1.54 -31.86
C VAL A 646 -19.89 2.82 -32.33
N LYS A 647 -21.07 3.05 -31.80
CA LYS A 647 -22.00 4.06 -32.29
C LYS A 647 -22.60 4.78 -31.09
N LEU A 648 -22.48 6.11 -31.04
CA LEU A 648 -23.08 6.93 -29.96
C LEU A 648 -24.31 7.71 -30.47
N ASP A 649 -25.44 7.59 -29.77
CA ASP A 649 -26.68 8.34 -30.17
C ASP A 649 -26.47 9.86 -30.13
N LYS A 650 -25.56 10.36 -29.27
CA LYS A 650 -25.21 11.78 -29.20
C LYS A 650 -23.70 11.96 -29.10
N THR A 651 -23.17 12.99 -29.76
CA THR A 651 -21.73 13.31 -29.77
C THR A 651 -21.41 14.56 -28.92
N ASN A 652 -22.29 15.59 -28.97
CA ASN A 652 -22.05 16.89 -28.34
C ASN A 652 -23.14 17.05 -27.28
N VAL A 653 -22.76 17.06 -26.00
CA VAL A 653 -23.75 16.80 -24.95
C VAL A 653 -23.48 17.70 -23.74
N THR A 654 -24.45 17.71 -22.83
CA THR A 654 -24.47 18.48 -21.59
C THR A 654 -24.44 17.44 -20.47
N GLU A 655 -24.12 17.85 -19.23
CA GLU A 655 -24.04 16.90 -18.11
C GLU A 655 -25.40 16.35 -17.65
N ALA A 656 -26.46 16.90 -18.23
CA ALA A 656 -27.84 16.43 -18.07
C ALA A 656 -28.18 15.24 -18.97
N ASP A 657 -27.43 15.03 -20.05
CA ASP A 657 -27.79 14.06 -21.09
C ASP A 657 -27.36 12.62 -20.74
N THR A 658 -27.83 11.67 -21.55
CA THR A 658 -27.50 10.28 -21.50
C THR A 658 -26.98 9.88 -22.88
N VAL A 659 -25.72 9.45 -22.93
CA VAL A 659 -25.10 8.99 -24.17
C VAL A 659 -25.33 7.48 -24.22
N THR A 660 -26.10 7.01 -25.21
CA THR A 660 -26.36 5.57 -25.38
C THR A 660 -25.30 4.95 -26.29
N VAL A 661 -24.55 4.00 -25.75
CA VAL A 661 -23.57 3.28 -26.53
C VAL A 661 -24.22 2.07 -27.17
N SER A 662 -23.97 1.95 -28.48
CA SER A 662 -24.54 0.92 -29.36
C SER A 662 -23.41 0.22 -30.13
N VAL A 663 -23.57 -1.08 -30.32
CA VAL A 663 -22.56 -1.90 -31.05
C VAL A 663 -23.17 -3.26 -31.38
N ASP A 664 -22.88 -3.74 -32.58
CA ASP A 664 -23.37 -5.06 -33.02
C ASP A 664 -22.32 -6.12 -32.71
N VAL A 665 -22.74 -7.19 -32.07
CA VAL A 665 -21.85 -8.28 -31.70
C VAL A 665 -22.35 -9.53 -32.42
N LYS A 666 -21.42 -10.13 -33.20
CA LYS A 666 -21.64 -11.38 -33.92
C LYS A 666 -20.98 -12.59 -33.23
N ASN A 667 -21.75 -13.68 -33.06
CA ASN A 667 -21.22 -14.97 -32.60
C ASN A 667 -20.73 -15.71 -33.86
N THR A 668 -19.41 -15.79 -34.06
CA THR A 668 -18.80 -16.43 -35.24
C THR A 668 -18.83 -17.96 -35.15
N ASP A 669 -19.21 -18.52 -33.99
CA ASP A 669 -19.41 -19.96 -33.83
C ASP A 669 -20.68 -20.41 -34.56
N ALA A 670 -20.50 -21.37 -35.47
CA ALA A 670 -21.57 -21.93 -36.30
C ALA A 670 -22.44 -22.91 -35.50
N THR A 671 -21.82 -23.71 -34.62
CA THR A 671 -22.49 -24.82 -33.96
C THR A 671 -23.25 -24.39 -32.69
N ARG A 672 -22.71 -23.46 -31.87
CA ARG A 672 -23.38 -23.19 -30.55
C ARG A 672 -23.59 -21.72 -30.15
N GLU A 673 -24.71 -21.52 -29.47
CA GLU A 673 -25.05 -20.30 -28.77
C GLU A 673 -23.96 -19.96 -27.75
N GLY A 674 -23.72 -18.66 -27.58
CA GLY A 674 -22.68 -18.16 -26.71
C GLY A 674 -23.08 -16.82 -26.14
N THR A 675 -22.64 -16.58 -24.91
CA THR A 675 -22.97 -15.42 -24.13
C THR A 675 -21.70 -14.56 -24.00
N GLU A 676 -21.85 -13.27 -24.27
CA GLU A 676 -20.78 -12.31 -24.11
C GLU A 676 -21.23 -11.20 -23.14
N VAL A 677 -20.25 -10.65 -22.41
CA VAL A 677 -20.43 -9.51 -21.51
C VAL A 677 -19.70 -8.30 -22.13
N VAL A 678 -20.46 -7.49 -22.87
CA VAL A 678 -19.95 -6.29 -23.48
C VAL A 678 -19.74 -5.28 -22.39
N GLN A 679 -18.52 -4.75 -22.29
CA GLN A 679 -18.11 -3.83 -21.20
C GLN A 679 -17.79 -2.45 -21.78
N VAL A 680 -18.27 -1.37 -21.14
CA VAL A 680 -17.96 0.00 -21.58
C VAL A 680 -17.06 0.73 -20.56
N TYR A 681 -15.86 1.10 -21.01
CA TYR A 681 -14.91 1.86 -20.20
C TYR A 681 -14.92 3.31 -20.64
N VAL A 682 -15.13 4.19 -19.66
CA VAL A 682 -15.01 5.65 -19.86
C VAL A 682 -13.60 6.17 -19.48
N VAL A 683 -13.01 6.98 -20.37
CA VAL A 683 -11.73 7.66 -20.14
C VAL A 683 -11.95 9.18 -20.20
N ASP A 684 -11.71 9.89 -19.11
CA ASP A 684 -11.76 11.33 -19.10
C ASP A 684 -10.39 11.80 -19.56
N GLU A 685 -10.31 12.26 -20.82
CA GLU A 685 -9.05 12.40 -21.54
C GLU A 685 -8.11 13.39 -20.82
N VAL A 686 -8.63 14.58 -20.52
CA VAL A 686 -7.86 15.68 -19.95
C VAL A 686 -8.63 16.17 -18.73
N ALA A 687 -7.96 16.22 -17.57
CA ALA A 687 -8.64 16.52 -16.28
C ALA A 687 -7.90 17.56 -15.40
N SER A 688 -8.62 18.17 -14.44
CA SER A 688 -8.01 19.22 -13.57
C SER A 688 -7.19 18.60 -12.42
N VAL A 689 -7.51 17.35 -12.06
CA VAL A 689 -6.72 16.55 -11.13
C VAL A 689 -6.55 15.16 -11.75
N VAL A 690 -5.66 14.35 -11.14
CA VAL A 690 -5.35 13.06 -11.64
C VAL A 690 -6.55 12.15 -11.34
N VAL A 691 -6.97 11.42 -12.39
CA VAL A 691 -8.15 10.53 -12.30
C VAL A 691 -7.79 9.10 -12.72
N PRO A 692 -8.65 8.10 -12.38
CA PRO A 692 -8.42 6.73 -12.85
C PRO A 692 -8.27 6.66 -14.39
N ASN A 693 -7.36 5.79 -14.85
CA ASN A 693 -6.96 5.68 -16.28
C ASN A 693 -8.17 5.33 -17.14
N ARG A 694 -9.01 4.44 -16.60
CA ARG A 694 -10.27 4.06 -17.23
C ARG A 694 -11.22 3.54 -16.14
N LEU A 695 -12.52 3.54 -16.43
CA LEU A 695 -13.53 3.09 -15.47
C LEU A 695 -14.68 2.35 -16.19
N LEU A 696 -15.06 1.18 -15.66
CA LEU A 696 -16.28 0.50 -16.10
C LEU A 696 -17.45 1.40 -15.70
N LYS A 697 -18.27 1.81 -16.68
CA LYS A 697 -19.43 2.69 -16.44
C LYS A 697 -20.74 2.13 -17.03
N GLY A 698 -20.69 0.91 -17.58
CA GLY A 698 -21.86 0.21 -18.05
C GLY A 698 -21.45 -1.13 -18.61
N PHE A 699 -22.38 -2.08 -18.68
CA PHE A 699 -22.11 -3.33 -19.34
C PHE A 699 -23.44 -4.03 -19.65
N LYS A 700 -23.38 -5.06 -20.52
CA LYS A 700 -24.55 -5.86 -20.81
C LYS A 700 -24.15 -7.31 -21.16
N LYS A 701 -24.82 -8.25 -20.51
CA LYS A 701 -24.66 -9.67 -20.75
C LYS A 701 -25.70 -10.08 -21.79
N VAL A 702 -25.25 -10.57 -22.94
CA VAL A 702 -26.18 -10.94 -24.04
C VAL A 702 -25.92 -12.37 -24.52
N VAL A 703 -27.03 -13.10 -24.72
CA VAL A 703 -27.05 -14.44 -25.30
C VAL A 703 -27.29 -14.33 -26.82
N ILE A 704 -26.26 -14.77 -27.58
CA ILE A 704 -26.20 -14.60 -29.01
C ILE A 704 -26.28 -15.99 -29.64
N PRO A 705 -27.36 -16.24 -30.40
CA PRO A 705 -27.48 -17.50 -31.11
C PRO A 705 -26.34 -17.71 -32.11
N ALA A 706 -26.04 -18.98 -32.35
CA ALA A 706 -24.97 -19.39 -33.22
C ALA A 706 -25.10 -18.67 -34.56
N GLY A 707 -23.98 -18.12 -35.03
CA GLY A 707 -23.92 -17.43 -36.30
C GLY A 707 -24.65 -16.10 -36.39
N GLN A 708 -25.38 -15.70 -35.34
CA GLN A 708 -26.22 -14.49 -35.37
C GLN A 708 -25.48 -13.25 -34.83
N THR A 709 -26.11 -12.11 -35.05
CA THR A 709 -25.62 -10.87 -34.58
C THR A 709 -26.67 -10.30 -33.64
N LYS A 710 -26.21 -9.72 -32.54
CA LYS A 710 -27.07 -8.98 -31.65
C LYS A 710 -26.59 -7.53 -31.47
N THR A 711 -27.55 -6.60 -31.38
CA THR A 711 -27.31 -5.18 -31.10
C THR A 711 -27.39 -5.00 -29.59
N VAL A 712 -26.36 -4.35 -29.02
CA VAL A 712 -26.23 -4.12 -27.59
C VAL A 712 -26.23 -2.61 -27.36
N GLU A 713 -27.11 -2.15 -26.48
CA GLU A 713 -27.22 -0.75 -26.11
C GLU A 713 -26.92 -0.60 -24.63
N ILE A 714 -25.97 0.28 -24.29
CA ILE A 714 -25.57 0.52 -22.90
C ILE A 714 -25.70 2.02 -22.65
N PRO A 715 -26.51 2.45 -21.66
CA PRO A 715 -26.68 3.88 -21.41
C PRO A 715 -25.55 4.39 -20.52
N LEU A 716 -25.01 5.57 -20.80
CA LEU A 716 -24.08 6.26 -19.88
C LEU A 716 -24.68 7.62 -19.50
N LYS A 717 -25.09 7.77 -18.24
CA LYS A 717 -25.53 9.06 -17.72
C LYS A 717 -24.31 9.94 -17.48
N VAL A 718 -24.23 11.06 -18.21
CA VAL A 718 -23.06 12.00 -18.15
C VAL A 718 -22.78 12.49 -16.71
N GLN A 719 -23.82 12.69 -15.91
CA GLN A 719 -23.68 13.17 -14.51
C GLN A 719 -22.85 12.22 -13.64
N ASP A 720 -22.75 10.94 -14.03
CA ASP A 720 -21.99 9.97 -13.21
C ASP A 720 -20.54 9.84 -13.66
N LEU A 721 -20.07 10.68 -14.59
CA LEU A 721 -18.71 10.51 -15.14
C LEU A 721 -17.71 11.58 -14.67
N GLY A 722 -18.00 12.27 -13.57
CA GLY A 722 -17.16 13.40 -13.16
C GLY A 722 -16.03 13.00 -12.21
N LEU A 723 -15.45 14.04 -11.59
CA LEU A 723 -14.36 13.91 -10.66
C LEU A 723 -14.52 14.85 -9.46
N TRP A 724 -13.64 14.67 -8.47
CA TRP A 724 -13.53 15.53 -7.33
C TRP A 724 -12.33 16.44 -7.55
N ASN A 725 -12.60 17.75 -7.72
CA ASN A 725 -11.61 18.71 -8.17
C ASN A 725 -10.77 19.10 -6.97
N VAL A 726 -9.86 20.05 -7.22
CA VAL A 726 -8.91 20.47 -6.21
C VAL A 726 -9.62 20.99 -4.95
N ARG A 727 -10.81 21.59 -5.07
CA ARG A 727 -11.63 22.06 -3.92
C ARG A 727 -12.60 20.99 -3.35
N MET A 728 -12.39 19.74 -3.75
CA MET A 728 -13.19 18.59 -3.33
C MET A 728 -14.69 18.82 -3.63
N LYS A 729 -14.94 19.36 -4.83
CA LYS A 729 -16.26 19.46 -5.42
C LYS A 729 -16.37 18.50 -6.60
N TYR A 730 -17.53 17.87 -6.71
CA TYR A 730 -17.86 17.01 -7.80
C TYR A 730 -18.28 17.83 -9.02
N VAL A 731 -17.59 17.65 -10.14
CA VAL A 731 -17.87 18.42 -11.35
C VAL A 731 -17.68 17.49 -12.55
N VAL A 732 -18.51 17.68 -13.57
CA VAL A 732 -18.29 17.06 -14.86
C VAL A 732 -17.68 18.15 -15.73
N GLU A 733 -16.36 18.10 -15.93
CA GLU A 733 -15.69 19.17 -16.65
C GLU A 733 -16.04 19.09 -18.15
N PRO A 734 -16.30 20.25 -18.78
CA PRO A 734 -16.36 20.33 -20.24
C PRO A 734 -15.09 19.78 -20.87
N GLY A 735 -15.24 18.98 -21.93
CA GLY A 735 -14.08 18.34 -22.56
C GLY A 735 -14.43 16.97 -23.12
N ALA A 736 -13.41 16.25 -23.60
CA ALA A 736 -13.59 14.97 -24.28
C ALA A 736 -13.60 13.78 -23.29
N PHE A 737 -14.45 12.80 -23.62
CA PHE A 737 -14.59 11.55 -22.89
C PHE A 737 -14.47 10.42 -23.89
N GLY A 738 -13.48 9.56 -23.71
CA GLY A 738 -13.33 8.34 -24.50
C GLY A 738 -14.26 7.24 -23.99
N VAL A 739 -14.77 6.46 -24.93
CA VAL A 739 -15.63 5.34 -24.69
C VAL A 739 -14.94 4.18 -25.37
N LEU A 740 -14.46 3.23 -24.57
CA LEU A 740 -13.78 2.05 -25.02
C LEU A 740 -14.70 0.88 -24.73
N VAL A 741 -15.06 0.13 -25.77
CA VAL A 741 -15.99 -0.97 -25.65
C VAL A 741 -15.21 -2.25 -25.86
N GLY A 742 -15.39 -3.21 -24.96
CA GLY A 742 -14.61 -4.45 -25.06
C GLY A 742 -15.16 -5.68 -24.37
N SER A 743 -14.35 -6.74 -24.54
CA SER A 743 -14.54 -8.08 -23.99
C SER A 743 -13.84 -8.25 -22.62
N SER A 744 -13.03 -7.25 -22.22
CA SER A 744 -12.33 -7.20 -20.96
C SER A 744 -11.89 -5.75 -20.77
N SER A 745 -11.31 -5.45 -19.61
CA SER A 745 -10.76 -4.13 -19.36
C SER A 745 -9.56 -3.78 -20.25
N GLU A 746 -8.75 -4.77 -20.68
CA GLU A 746 -7.64 -4.56 -21.68
C GLU A 746 -8.07 -4.84 -23.14
N ASP A 747 -9.00 -5.78 -23.34
CA ASP A 747 -9.39 -6.28 -24.67
C ASP A 747 -10.47 -5.38 -25.30
N ILE A 748 -10.05 -4.24 -25.85
CA ILE A 748 -10.93 -3.22 -26.43
C ILE A 748 -11.11 -3.52 -27.92
N ARG A 749 -12.37 -3.54 -28.37
CA ARG A 749 -12.77 -3.91 -29.76
C ARG A 749 -13.29 -2.73 -30.59
N GLY A 750 -13.50 -1.57 -29.94
CA GLY A 750 -13.99 -0.40 -30.60
C GLY A 750 -14.02 0.77 -29.64
N ASN A 751 -14.04 1.99 -30.19
CA ASN A 751 -14.09 3.18 -29.39
C ASN A 751 -14.88 4.29 -30.07
N ALA A 752 -15.23 5.31 -29.29
CA ALA A 752 -15.84 6.53 -29.78
C ALA A 752 -15.49 7.61 -28.77
N THR A 753 -15.95 8.85 -29.02
CA THR A 753 -15.63 10.01 -28.20
C THR A 753 -16.84 10.93 -28.19
N PHE A 754 -17.26 11.38 -27.00
CA PHE A 754 -18.26 12.44 -26.96
C PHE A 754 -17.64 13.64 -26.25
N TYR A 755 -18.31 14.77 -26.37
CA TYR A 755 -17.80 16.05 -25.91
C TYR A 755 -18.84 16.75 -25.05
N VAL A 756 -18.51 16.97 -23.79
CA VAL A 756 -19.39 17.69 -22.87
C VAL A 756 -19.15 19.18 -23.07
N GLN A 757 -20.22 19.98 -23.10
CA GLN A 757 -20.13 21.45 -23.28
C GLN A 757 -20.77 22.13 -22.07
N LYS B 4 26.21 54.29 -8.72
CA LYS B 4 26.05 52.84 -9.13
C LYS B 4 24.92 52.19 -8.32
N PRO B 5 24.31 51.10 -8.85
CA PRO B 5 23.01 50.66 -8.34
C PRO B 5 23.05 49.98 -6.97
N ARG B 6 21.95 50.14 -6.21
CA ARG B 6 21.83 49.66 -4.83
C ARG B 6 21.90 48.12 -4.73
N TYR B 7 21.52 47.38 -5.77
CA TYR B 7 21.59 45.91 -5.68
C TYR B 7 23.04 45.41 -5.61
N LYS B 8 23.99 46.19 -6.15
CA LYS B 8 25.43 45.86 -6.08
C LYS B 8 26.07 46.10 -4.70
N ASP B 9 25.34 46.72 -3.76
CA ASP B 9 25.92 47.24 -2.52
C ASP B 9 25.73 46.24 -1.38
N PRO B 10 26.81 45.60 -0.88
CA PRO B 10 26.64 44.59 0.19
C PRO B 10 26.21 45.12 1.58
N SER B 11 26.27 46.44 1.78
CA SER B 11 25.76 47.08 2.98
C SER B 11 24.22 47.21 2.97
N VAL B 12 23.60 47.25 1.78
CA VAL B 12 22.12 47.35 1.66
C VAL B 12 21.49 46.01 2.02
N PRO B 13 20.34 45.99 2.75
CA PRO B 13 19.77 44.72 3.15
C PRO B 13 19.21 43.92 1.95
N VAL B 14 19.23 42.59 2.10
CA VAL B 14 18.87 41.65 1.06
C VAL B 14 17.51 42.00 0.43
N GLU B 15 16.49 42.30 1.23
CA GLU B 15 15.17 42.55 0.64
C GLU B 15 15.16 43.79 -0.27
N GLU B 16 15.91 44.84 0.08
CA GLU B 16 16.00 46.06 -0.74
C GLU B 16 16.92 45.82 -1.95
N ARG B 17 17.94 44.96 -1.80
CA ARG B 17 18.76 44.50 -2.94
C ARG B 17 17.90 43.82 -4.02
N VAL B 18 17.09 42.84 -3.60
CA VAL B 18 16.16 42.09 -4.49
C VAL B 18 15.17 43.04 -5.18
N THR B 19 14.50 43.88 -4.39
CA THR B 19 13.59 44.92 -4.94
C THR B 19 14.30 45.73 -6.04
N ASP B 20 15.47 46.26 -5.71
CA ASP B 20 16.22 47.08 -6.63
C ASP B 20 16.47 46.33 -7.94
N LEU B 21 16.97 45.10 -7.84
CA LEU B 21 17.36 44.29 -9.02
C LEU B 21 16.12 43.92 -9.84
N LEU B 22 15.07 43.48 -9.17
CA LEU B 22 13.86 43.08 -9.84
C LEU B 22 13.29 44.23 -10.69
N GLY B 23 13.30 45.43 -10.11
CA GLY B 23 12.76 46.62 -10.81
C GLY B 23 13.51 47.05 -12.07
N ARG B 24 14.70 46.49 -12.32
CA ARG B 24 15.49 46.83 -13.49
C ARG B 24 15.39 45.72 -14.53
N MET B 25 14.66 44.63 -14.26
CA MET B 25 14.71 43.44 -15.11
C MET B 25 13.55 43.49 -16.10
N THR B 26 13.86 43.11 -17.34
CA THR B 26 12.82 42.84 -18.34
C THR B 26 12.11 41.53 -18.01
N LEU B 27 10.95 41.33 -18.61
CA LEU B 27 10.23 40.07 -18.51
C LEU B 27 11.09 38.94 -19.08
N GLU B 28 11.74 39.17 -20.22
CA GLU B 28 12.68 38.19 -20.83
C GLU B 28 13.80 37.79 -19.83
N GLU B 29 14.33 38.76 -19.06
CA GLU B 29 15.38 38.46 -18.06
C GLU B 29 14.84 37.67 -16.85
N LYS B 30 13.60 37.94 -16.45
CA LYS B 30 12.93 37.24 -15.37
C LYS B 30 12.69 35.77 -15.73
N MET B 31 12.18 35.48 -16.94
CA MET B 31 12.01 34.09 -17.47
C MET B 31 13.31 33.31 -17.35
N SER B 32 14.40 33.93 -17.81
CA SER B 32 15.69 33.32 -17.90
C SER B 32 16.17 32.85 -16.52
N GLN B 33 15.82 33.60 -15.48
CA GLN B 33 16.08 33.13 -14.08
C GLN B 33 15.35 31.82 -13.70
N LEU B 34 14.12 31.63 -14.17
CA LEU B 34 13.26 30.50 -13.79
C LEU B 34 13.35 29.25 -14.71
N ILE B 35 14.30 29.22 -15.66
CA ILE B 35 14.51 28.07 -16.54
C ILE B 35 15.95 27.61 -16.43
N GLN B 36 16.14 26.33 -16.09
CA GLN B 36 17.46 25.70 -15.93
C GLN B 36 18.21 25.53 -17.26
N GLY B 37 19.45 26.06 -17.33
CA GLY B 37 20.40 25.79 -18.40
C GLY B 37 21.20 24.51 -18.19
N ASP B 38 22.18 24.29 -19.07
CA ASP B 38 23.01 23.10 -19.06
C ASP B 38 24.37 23.49 -19.60
N ILE B 39 25.45 23.03 -18.94
CA ILE B 39 26.81 23.38 -19.34
C ILE B 39 27.17 22.85 -20.73
N THR B 40 26.51 21.76 -21.18
CA THR B 40 26.80 21.19 -22.52
C THR B 40 26.28 22.11 -23.62
N ASN B 41 25.46 23.12 -23.28
CA ASN B 41 25.04 24.14 -24.24
C ASN B 41 26.23 24.96 -24.78
N TRP B 42 27.36 24.99 -24.06
CA TRP B 42 28.59 25.61 -24.59
C TRP B 42 29.85 24.78 -24.43
N MET B 43 29.77 23.57 -23.86
CA MET B 43 30.95 22.74 -23.65
C MET B 43 30.66 21.44 -24.34
N ASN B 44 31.52 21.04 -25.26
CA ASN B 44 31.41 19.76 -25.90
C ASN B 44 31.87 18.72 -24.87
N GLU B 45 31.01 17.73 -24.61
CA GLU B 45 31.23 16.72 -23.57
C GLU B 45 32.45 15.82 -23.85
N THR B 46 32.69 15.52 -25.13
CA THR B 46 33.74 14.60 -25.55
C THR B 46 35.08 15.35 -25.66
N THR B 47 35.09 16.51 -26.33
CA THR B 47 36.33 17.26 -26.63
C THR B 47 36.67 18.35 -25.61
N GLY B 48 35.65 18.98 -25.02
CA GLY B 48 35.87 20.16 -24.24
C GLY B 48 35.90 21.45 -25.05
N GLU B 49 35.61 21.41 -26.35
CA GLU B 49 35.59 22.67 -27.14
C GLU B 49 34.44 23.60 -26.71
N PHE B 50 34.72 24.91 -26.82
CA PHE B 50 33.83 25.97 -26.40
C PHE B 50 32.96 26.49 -27.56
N ASN B 51 31.64 26.54 -27.34
CA ASN B 51 30.69 27.16 -28.27
C ASN B 51 30.19 28.51 -27.70
N LEU B 52 30.80 29.63 -28.12
CA LEU B 52 30.39 30.98 -27.61
C LEU B 52 28.92 31.26 -27.89
N THR B 53 28.53 31.11 -29.14
CA THR B 53 27.16 31.23 -29.54
C THR B 53 26.25 30.53 -28.51
N GLY B 54 26.66 29.34 -28.05
CA GLY B 54 25.86 28.49 -27.19
C GLY B 54 25.67 29.09 -25.81
N LEU B 55 26.76 29.59 -25.24
CA LEU B 55 26.77 30.36 -24.02
C LEU B 55 25.83 31.58 -24.10
N GLU B 56 25.92 32.36 -25.17
CA GLU B 56 25.13 33.56 -25.31
C GLU B 56 23.66 33.20 -25.39
N TRP B 57 23.32 32.13 -26.11
CA TRP B 57 21.93 31.72 -26.14
C TRP B 57 21.45 31.21 -24.77
N SER B 58 22.29 30.42 -24.06
CA SER B 58 21.91 29.82 -22.74
C SER B 58 21.72 30.85 -21.64
N THR B 59 22.66 31.78 -21.50
CA THR B 59 22.55 32.89 -20.57
C THR B 59 21.26 33.71 -20.78
N LYS B 60 20.88 33.93 -22.04
CA LYS B 60 19.77 34.80 -22.35
C LYS B 60 18.48 34.12 -21.94
N MET B 61 18.29 32.86 -22.39
CA MET B 61 17.02 32.13 -22.30
C MET B 61 16.92 31.26 -21.03
N ARG B 62 18.06 30.83 -20.49
CA ARG B 62 18.01 29.93 -19.35
C ARG B 62 19.29 30.00 -18.51
N GLY B 63 19.51 31.19 -17.97
CA GLY B 63 20.80 31.56 -17.37
C GLY B 63 20.83 31.75 -15.86
N GLY B 64 19.67 31.61 -15.19
CA GLY B 64 19.59 31.67 -13.72
C GLY B 64 20.44 30.60 -13.07
N MET B 65 20.35 29.37 -13.61
CA MET B 65 21.16 28.27 -13.12
C MET B 65 21.40 27.19 -14.20
N PHE B 66 22.51 26.44 -14.07
CA PHE B 66 22.74 25.37 -15.01
C PHE B 66 23.40 24.17 -14.35
N TYR B 67 23.24 23.02 -15.03
CA TYR B 67 23.66 21.70 -14.54
C TYR B 67 25.02 21.36 -15.12
N VAL B 68 25.89 20.75 -14.29
CA VAL B 68 27.27 20.40 -14.67
C VAL B 68 27.63 18.94 -14.34
N GLY B 69 26.62 18.09 -14.16
CA GLY B 69 26.84 16.70 -13.78
C GLY B 69 27.14 15.76 -14.94
N TYR B 70 28.28 15.97 -15.58
CA TYR B 70 28.75 15.13 -16.67
C TYR B 70 30.08 14.46 -16.32
N PRO B 71 30.27 13.18 -16.72
CA PRO B 71 31.50 12.43 -16.43
C PRO B 71 32.70 12.84 -17.30
N VAL B 72 33.25 14.03 -17.06
CA VAL B 72 34.34 14.63 -17.86
C VAL B 72 35.50 15.01 -16.94
N PRO B 73 36.66 15.42 -17.50
CA PRO B 73 37.76 15.86 -16.65
C PRO B 73 37.47 17.15 -15.89
N TRP B 74 38.24 17.35 -14.83
CA TRP B 74 38.01 18.42 -13.90
C TRP B 74 38.05 19.79 -14.60
N ASP B 75 39.02 19.96 -15.49
CA ASP B 75 39.21 21.25 -16.14
C ASP B 75 38.05 21.57 -17.07
N TYR B 76 37.33 20.57 -17.62
CA TYR B 76 36.21 20.90 -18.51
C TYR B 76 35.10 21.62 -17.74
N ILE B 77 34.84 21.21 -16.49
CA ILE B 77 33.85 21.89 -15.64
C ILE B 77 34.37 23.26 -15.23
N ALA B 78 35.58 23.29 -14.66
CA ALA B 78 36.11 24.52 -14.07
C ALA B 78 36.19 25.67 -15.10
N ASP B 79 36.80 25.42 -16.26
CA ASP B 79 37.02 26.44 -17.32
C ASP B 79 35.70 26.95 -17.91
N ASN B 80 34.73 26.05 -18.09
CA ASN B 80 33.48 26.41 -18.74
C ASN B 80 32.45 27.00 -17.77
N VAL B 81 32.61 26.71 -16.47
CA VAL B 81 31.87 27.42 -15.42
C VAL B 81 32.36 28.87 -15.32
N LYS B 82 33.68 29.04 -15.32
CA LYS B 82 34.30 30.35 -15.21
C LYS B 82 33.95 31.23 -16.42
N LYS B 83 33.95 30.65 -17.62
CA LYS B 83 33.56 31.38 -18.85
C LYS B 83 32.12 31.85 -18.76
N ALA B 84 31.22 31.02 -18.21
CA ALA B 84 29.80 31.44 -17.96
C ALA B 84 29.65 32.56 -16.93
N GLN B 85 30.41 32.50 -15.83
CA GLN B 85 30.39 33.57 -14.84
C GLN B 85 31.12 34.81 -15.40
N ASP B 86 32.26 34.64 -16.09
CA ASP B 86 32.91 35.80 -16.78
C ASP B 86 31.89 36.48 -17.71
N TYR B 87 31.19 35.69 -18.53
CA TYR B 87 30.27 36.26 -19.49
C TYR B 87 29.13 37.00 -18.80
N ILE B 88 28.60 36.47 -17.70
CA ILE B 88 27.54 37.14 -16.96
C ILE B 88 28.01 38.53 -16.46
N LEU B 89 29.16 38.55 -15.77
CA LEU B 89 29.73 39.80 -15.25
C LEU B 89 30.04 40.86 -16.31
N GLN B 90 30.82 40.49 -17.33
CA GLN B 90 31.34 41.41 -18.35
C GLN B 90 30.34 41.73 -19.48
N ASN B 91 29.48 40.77 -19.87
CA ASN B 91 28.72 40.90 -21.13
C ASN B 91 27.19 40.77 -20.98
N THR B 92 26.65 40.95 -19.77
CA THR B 92 25.20 41.16 -19.60
C THR B 92 25.02 42.50 -18.89
N THR B 93 23.81 43.04 -18.96
CA THR B 93 23.43 44.34 -18.34
C THR B 93 23.56 44.30 -16.81
N LEU B 94 22.93 43.30 -16.19
CA LEU B 94 22.69 43.26 -14.73
C LEU B 94 23.71 42.38 -13.99
N GLY B 95 24.35 41.44 -14.68
CA GLY B 95 25.41 40.68 -14.03
C GLY B 95 24.93 39.74 -12.91
N ILE B 96 23.81 39.06 -13.13
CA ILE B 96 23.22 38.16 -12.12
C ILE B 96 23.95 36.81 -12.15
N PRO B 97 24.83 36.52 -11.18
CA PRO B 97 25.60 35.27 -11.24
C PRO B 97 24.72 34.01 -11.24
N ALA B 98 25.25 32.95 -11.86
CA ALA B 98 24.60 31.68 -12.03
C ALA B 98 24.78 30.81 -10.79
N ILE B 99 23.74 30.04 -10.47
CA ILE B 99 23.81 28.88 -9.56
C ILE B 99 24.30 27.71 -10.40
N VAL B 100 25.21 26.90 -9.88
CA VAL B 100 25.97 25.92 -10.68
C VAL B 100 25.74 24.58 -9.97
N GLN B 101 24.91 23.73 -10.61
CA GLN B 101 24.25 22.55 -10.00
C GLN B 101 24.96 21.23 -10.33
N THR B 102 25.16 20.38 -9.34
CA THR B 102 25.54 18.98 -9.59
C THR B 102 24.86 18.11 -8.53
N GLU B 103 25.33 16.85 -8.42
CA GLU B 103 24.82 15.84 -7.48
C GLU B 103 25.88 15.65 -6.40
N SER B 104 25.45 15.43 -5.17
CA SER B 104 26.37 15.26 -4.03
C SER B 104 25.96 14.09 -3.13
N LEU B 105 25.01 13.26 -3.58
CA LEU B 105 24.25 12.36 -2.67
C LEU B 105 25.15 11.65 -1.65
N HIS B 106 26.13 10.89 -2.15
CA HIS B 106 27.12 10.25 -1.29
C HIS B 106 28.54 10.47 -1.80
N GLY B 107 28.79 11.69 -2.24
CA GLY B 107 30.02 12.04 -2.90
C GLY B 107 29.74 13.06 -3.99
N PHE B 108 30.72 13.95 -4.21
CA PHE B 108 30.76 14.89 -5.34
C PHE B 108 30.80 14.05 -6.62
N LEU B 109 29.80 14.27 -7.50
CA LEU B 109 29.61 13.44 -8.72
C LEU B 109 30.53 13.91 -9.86
N ILE B 110 31.79 13.49 -9.77
CA ILE B 110 32.80 13.75 -10.78
C ILE B 110 33.87 12.69 -10.58
N GLY B 111 34.53 12.31 -11.67
CA GLY B 111 35.52 11.25 -11.67
C GLY B 111 36.60 11.55 -10.67
N ASN B 112 37.07 10.49 -10.02
CA ASN B 112 38.15 10.48 -9.01
C ASN B 112 37.92 11.42 -7.78
N ALA B 113 36.68 11.62 -7.38
CA ALA B 113 36.38 12.29 -6.10
C ALA B 113 36.09 11.24 -5.03
N THR B 114 35.88 11.70 -3.80
CA THR B 114 35.76 10.79 -2.68
C THR B 114 34.34 10.25 -2.67
N ILE B 115 34.23 8.92 -2.71
CA ILE B 115 32.94 8.20 -2.64
C ILE B 115 32.73 7.65 -1.21
N TYR B 116 31.71 8.19 -0.56
CA TYR B 116 31.21 7.68 0.73
C TYR B 116 30.22 6.53 0.50
N ASN B 117 29.89 5.85 1.60
CA ASN B 117 28.94 4.77 1.56
C ASN B 117 27.56 5.39 1.25
N SER B 118 26.60 4.56 0.77
CA SER B 118 25.28 5.05 0.36
C SER B 118 24.51 5.57 1.57
N PRO B 119 23.60 6.54 1.37
CA PRO B 119 22.86 7.14 2.48
C PRO B 119 22.11 6.21 3.48
N ILE B 120 21.49 5.14 2.93
CA ILE B 120 20.77 4.16 3.74
C ILE B 120 21.81 3.55 4.70
N GLY B 121 23.04 3.39 4.21
CA GLY B 121 24.12 2.88 5.07
C GLY B 121 24.54 3.88 6.13
N PHE B 122 24.97 5.08 5.72
CA PHE B 122 25.49 6.03 6.73
C PHE B 122 24.45 6.50 7.74
N ALA B 123 23.17 6.35 7.43
CA ALA B 123 22.11 6.53 8.44
C ALA B 123 22.19 5.52 9.57
N CYS B 124 22.68 4.31 9.27
CA CYS B 124 22.90 3.29 10.31
C CYS B 124 23.97 3.66 11.36
N SER B 125 24.82 4.66 11.07
CA SER B 125 25.82 5.12 12.01
C SER B 125 25.16 5.83 13.18
N PHE B 126 23.98 6.40 12.97
CA PHE B 126 23.34 7.22 13.99
C PHE B 126 24.30 8.29 14.51
N ASN B 127 25.13 8.82 13.58
CA ASN B 127 26.19 9.78 13.93
C ASN B 127 26.07 11.04 13.08
N PRO B 128 25.14 11.96 13.38
CA PRO B 128 24.90 13.09 12.49
C PRO B 128 26.01 14.16 12.44
N GLU B 129 26.83 14.24 13.49
CA GLU B 129 27.95 15.19 13.54
C GLU B 129 29.04 14.73 12.56
N LEU B 130 29.17 13.42 12.43
CA LEU B 130 30.11 12.84 11.51
C LEU B 130 29.62 12.99 10.06
N ILE B 131 28.31 12.85 9.85
CA ILE B 131 27.72 13.13 8.52
C ILE B 131 27.91 14.59 8.10
N GLU B 132 27.77 15.52 9.04
CA GLU B 132 28.07 16.92 8.83
C GLU B 132 29.52 17.14 8.40
N LYS B 133 30.48 16.50 9.07
CA LYS B 133 31.85 16.57 8.57
C LYS B 133 31.90 16.11 7.11
N MET B 134 31.20 15.02 6.78
CA MET B 134 31.18 14.49 5.41
C MET B 134 30.62 15.52 4.44
N ALA B 135 29.49 16.14 4.80
CA ALA B 135 28.90 17.17 3.97
C ALA B 135 29.87 18.35 3.82
N ARG B 136 30.59 18.73 4.88
CA ARG B 136 31.60 19.80 4.77
C ARG B 136 32.70 19.46 3.76
N LEU B 137 33.27 18.24 3.82
CA LEU B 137 34.34 17.84 2.85
C LEU B 137 33.79 17.72 1.42
N ILE B 138 32.53 17.30 1.28
CA ILE B 138 31.88 17.21 -0.02
C ILE B 138 31.78 18.61 -0.61
N GLY B 139 31.30 19.56 0.18
CA GLY B 139 31.25 20.95 -0.27
C GLY B 139 32.63 21.41 -0.74
N GLN B 140 33.70 21.03 -0.02
CA GLN B 140 35.10 21.39 -0.38
C GLN B 140 35.38 20.87 -1.79
N GLU B 141 35.04 19.61 -2.07
CA GLU B 141 35.43 19.07 -3.37
C GLU B 141 34.65 19.73 -4.52
N ALA B 142 33.36 19.98 -4.32
CA ALA B 142 32.49 20.62 -5.32
C ALA B 142 32.91 22.05 -5.63
N SER B 143 33.21 22.81 -4.57
CA SER B 143 33.58 24.23 -4.61
C SER B 143 34.91 24.49 -5.38
N ALA B 144 35.83 23.53 -5.24
CA ALA B 144 37.10 23.53 -5.96
C ALA B 144 36.95 23.66 -7.48
N LEU B 145 35.81 23.23 -8.05
CA LEU B 145 35.61 23.29 -9.51
C LEU B 145 34.56 24.31 -9.94
N GLY B 146 34.11 25.14 -9.01
CA GLY B 146 33.20 26.23 -9.38
C GLY B 146 31.73 25.94 -9.11
N VAL B 147 31.41 24.72 -8.65
CA VAL B 147 30.02 24.36 -8.26
C VAL B 147 29.57 25.15 -7.02
N ASN B 148 28.32 25.66 -7.00
CA ASN B 148 27.77 26.30 -5.77
C ASN B 148 26.38 25.84 -5.33
N HIS B 149 25.90 24.71 -5.86
CA HIS B 149 24.62 24.16 -5.47
C HIS B 149 24.68 22.64 -5.71
N VAL B 150 24.12 21.87 -4.78
CA VAL B 150 24.12 20.41 -4.89
C VAL B 150 22.72 19.85 -4.63
N MET B 151 22.34 18.89 -5.48
CA MET B 151 20.95 18.37 -5.53
C MET B 151 20.74 17.21 -4.54
N GLY B 152 20.70 17.62 -3.26
CA GLY B 152 20.58 16.80 -2.04
C GLY B 152 20.55 17.75 -0.85
N PRO B 153 20.27 17.28 0.39
CA PRO B 153 19.98 15.87 0.70
C PRO B 153 18.61 15.32 0.26
N VAL B 154 18.56 13.99 0.12
CA VAL B 154 17.24 13.28 0.05
C VAL B 154 16.69 13.05 1.48
N VAL B 155 15.59 13.75 1.78
CA VAL B 155 14.83 13.56 3.02
C VAL B 155 13.55 12.71 2.80
N ASP B 156 13.41 12.06 1.64
CA ASP B 156 12.39 11.01 1.46
C ASP B 156 12.64 9.82 2.40
N LEU B 157 11.55 9.16 2.81
CA LEU B 157 11.63 8.05 3.73
C LEU B 157 11.48 6.72 3.00
N ALA B 158 12.19 5.71 3.53
CA ALA B 158 12.22 4.36 3.02
C ALA B 158 11.01 3.53 3.49
N ARG B 159 9.83 3.92 3.02
CA ARG B 159 8.59 3.34 3.53
C ARG B 159 8.05 2.27 2.59
N GLU B 160 8.61 2.22 1.36
CA GLU B 160 8.28 1.25 0.31
C GLU B 160 9.57 0.59 -0.21
N LEU B 161 9.81 -0.62 0.29
CA LEU B 161 11.05 -1.33 0.13
C LEU B 161 11.19 -1.89 -1.27
N ARG B 162 10.12 -1.90 -2.05
CA ARG B 162 10.26 -2.33 -3.46
C ARG B 162 10.85 -1.22 -4.35
N PHE B 163 10.77 0.03 -3.89
CA PHE B 163 11.21 1.20 -4.67
C PHE B 163 12.73 1.19 -4.84
N GLY B 164 13.21 1.49 -6.04
CA GLY B 164 14.65 1.46 -6.31
C GLY B 164 15.52 2.49 -5.60
N ARG B 165 14.93 3.51 -4.98
CA ARG B 165 15.71 4.61 -4.40
C ARG B 165 15.73 4.58 -2.86
N VAL B 166 15.36 3.45 -2.26
CA VAL B 166 15.53 3.24 -0.82
C VAL B 166 16.97 3.61 -0.40
N GLU B 167 17.95 3.13 -1.17
CA GLU B 167 19.38 3.41 -0.89
C GLU B 167 19.70 4.91 -0.78
N GLU B 168 18.91 5.76 -1.42
CA GLU B 168 19.18 7.22 -1.45
C GLU B 168 18.62 7.97 -0.23
N THR B 169 17.81 7.29 0.57
CA THR B 169 17.17 7.84 1.76
C THR B 169 18.00 7.53 2.99
N TYR B 170 17.69 8.26 4.07
CA TYR B 170 18.25 8.03 5.39
C TYR B 170 17.41 7.03 6.23
N GLY B 171 16.74 6.06 5.59
CA GLY B 171 15.88 5.09 6.30
C GLY B 171 14.41 5.48 6.34
N GLU B 172 13.64 4.76 7.16
CA GLU B 172 12.14 4.81 7.22
C GLU B 172 11.57 5.78 8.28
N ASP B 173 12.43 6.35 9.14
CA ASP B 173 11.99 7.10 10.33
C ASP B 173 12.04 8.59 10.05
N PRO B 174 10.99 9.35 10.39
CA PRO B 174 11.03 10.80 10.17
C PRO B 174 12.07 11.57 10.99
N PHE B 175 12.23 11.23 12.28
CA PHE B 175 13.16 11.90 13.16
C PHE B 175 14.63 11.76 12.69
N LEU B 176 15.04 10.53 12.36
CA LEU B 176 16.44 10.23 12.03
C LEU B 176 16.83 10.87 10.70
N ALA B 177 15.91 10.80 9.72
CA ALA B 177 16.03 11.47 8.41
C ALA B 177 16.05 12.99 8.59
N GLY B 178 15.27 13.51 9.53
CA GLY B 178 15.31 14.94 9.84
C GLY B 178 16.62 15.43 10.44
N GLU B 179 17.19 14.66 11.37
CA GLU B 179 18.48 14.98 12.01
C GLU B 179 19.62 14.88 10.99
N ILE B 180 19.68 13.79 10.22
CA ILE B 180 20.72 13.61 9.21
C ILE B 180 20.60 14.68 8.12
N GLY B 181 19.38 15.01 7.71
CA GLY B 181 19.17 15.96 6.67
C GLY B 181 19.62 17.35 7.05
N TYR B 182 19.32 17.72 8.30
CA TYR B 182 19.71 18.99 8.90
C TYR B 182 21.24 19.18 8.93
N HIS B 183 21.91 18.17 9.47
CA HIS B 183 23.34 18.16 9.63
C HIS B 183 24.03 18.19 8.28
N TYR B 184 23.50 17.40 7.34
CA TYR B 184 24.02 17.38 5.97
C TYR B 184 23.82 18.76 5.32
N THR B 185 22.59 19.30 5.45
CA THR B 185 22.27 20.61 4.89
C THR B 185 23.23 21.67 5.44
N LYS B 186 23.51 21.64 6.74
CA LYS B 186 24.36 22.63 7.38
C LYS B 186 25.82 22.49 6.91
N GLY B 187 26.29 21.26 6.75
CA GLY B 187 27.64 20.98 6.32
C GLY B 187 27.91 21.53 4.93
N ILE B 188 26.92 21.41 4.06
CA ILE B 188 27.01 21.90 2.69
C ILE B 188 27.00 23.42 2.74
N GLN B 189 25.98 24.01 3.36
CA GLN B 189 25.79 25.47 3.29
C GLN B 189 26.91 26.24 4.02
N SER B 190 27.69 25.56 4.86
CA SER B 190 28.84 26.17 5.54
C SER B 190 29.82 26.77 4.53
N HIS B 191 29.89 26.18 3.33
CA HIS B 191 30.72 26.65 2.22
C HIS B 191 30.00 27.64 1.27
N ASN B 192 28.81 28.13 1.65
CA ASN B 192 27.96 28.95 0.76
C ASN B 192 27.54 28.21 -0.53
N ILE B 193 27.38 26.89 -0.43
CA ILE B 193 26.88 26.02 -1.45
C ILE B 193 25.44 25.78 -1.07
N SER B 194 24.52 26.04 -1.99
CA SER B 194 23.08 25.84 -1.70
C SER B 194 22.83 24.35 -1.64
N ALA B 195 22.06 23.95 -0.64
CA ALA B 195 21.50 22.61 -0.55
C ALA B 195 20.23 22.58 -1.40
N ASN B 196 19.67 21.39 -1.60
CA ASN B 196 18.51 21.22 -2.43
C ASN B 196 17.73 20.02 -1.89
N VAL B 197 16.80 20.33 -0.98
CA VAL B 197 16.08 19.32 -0.21
C VAL B 197 15.07 18.69 -1.18
N LYS B 198 15.20 17.37 -1.44
CA LYS B 198 14.36 16.63 -2.42
C LYS B 198 13.79 15.37 -1.78
N HIS B 199 12.65 14.82 -2.21
CA HIS B 199 11.79 15.23 -3.30
C HIS B 199 10.41 15.57 -2.72
N PHE B 200 10.08 16.86 -2.72
CA PHE B 200 8.95 17.42 -2.00
C PHE B 200 7.65 17.06 -2.72
N VAL B 201 6.70 16.31 -2.13
CA VAL B 201 6.74 15.70 -0.81
C VAL B 201 5.82 14.46 -0.83
N GLY B 202 6.31 13.36 -0.23
CA GLY B 202 5.57 12.09 -0.16
C GLY B 202 5.86 11.18 -1.34
N PHE B 203 7.07 11.28 -1.87
CA PHE B 203 7.49 10.64 -3.14
C PHE B 203 7.66 9.11 -3.03
N SER B 204 8.25 8.67 -1.93
CA SER B 204 8.89 7.34 -1.88
C SER B 204 7.99 6.24 -1.31
N GLN B 205 6.67 6.30 -1.56
CA GLN B 205 5.74 5.16 -1.36
C GLN B 205 4.91 4.94 -2.63
N PRO B 206 5.58 4.80 -3.80
CA PRO B 206 4.87 4.63 -5.05
C PRO B 206 4.07 3.32 -5.15
N GLU B 207 2.86 3.39 -5.74
CA GLU B 207 2.00 2.24 -5.97
C GLU B 207 2.76 1.12 -6.68
N GLN B 208 2.71 -0.09 -6.08
CA GLN B 208 3.41 -1.27 -6.59
C GLN B 208 4.94 -1.18 -6.40
N GLY B 209 5.46 -0.13 -5.73
CA GLY B 209 6.91 0.23 -5.75
C GLY B 209 7.53 0.77 -7.03
N LEU B 210 6.74 1.02 -8.07
CA LEU B 210 7.28 1.42 -9.38
C LEU B 210 7.70 2.89 -9.41
N ASN B 211 8.82 3.14 -10.08
CA ASN B 211 9.46 4.44 -10.13
C ASN B 211 8.53 5.52 -10.70
N THR B 212 8.23 6.53 -9.88
CA THR B 212 7.38 7.69 -10.20
C THR B 212 5.89 7.36 -10.14
N ALA B 213 5.49 6.17 -9.68
CA ALA B 213 4.08 5.86 -9.56
C ALA B 213 3.42 6.69 -8.44
N PRO B 214 2.12 6.94 -8.55
CA PRO B 214 1.42 7.82 -7.64
C PRO B 214 1.27 7.14 -6.29
N VAL B 215 1.04 7.98 -5.28
CA VAL B 215 1.01 7.58 -3.89
C VAL B 215 -0.36 7.82 -3.26
N HIS B 216 -0.82 6.81 -2.52
CA HIS B 216 -2.07 6.93 -1.76
C HIS B 216 -1.74 7.39 -0.35
N GLY B 217 -2.41 8.45 0.10
CA GLY B 217 -2.30 8.87 1.45
C GLY B 217 -3.15 10.08 1.74
N GLY B 218 -3.52 10.26 3.01
CA GLY B 218 -4.21 11.46 3.41
C GLY B 218 -3.27 12.55 3.96
N GLU B 219 -3.87 13.70 4.26
CA GLU B 219 -3.13 14.86 4.69
C GLU B 219 -2.57 14.68 6.13
N ARG B 220 -3.28 13.95 6.99
CA ARG B 220 -2.74 13.66 8.31
C ARG B 220 -1.44 12.86 8.19
N TYR B 221 -1.41 11.85 7.30
CA TYR B 221 -0.17 11.04 7.06
C TYR B 221 0.97 11.93 6.50
N LEU B 222 0.60 12.84 5.58
CA LEU B 222 1.60 13.70 4.95
C LEU B 222 2.30 14.58 6.00
N ARG B 223 1.45 15.21 6.82
CA ARG B 223 1.89 16.08 7.88
C ARG B 223 2.62 15.35 9.00
N THR B 224 2.12 14.20 9.42
CA THR B 224 2.68 13.42 10.55
C THR B 224 4.01 12.74 10.19
N THR B 225 4.13 12.24 8.97
CA THR B 225 5.24 11.33 8.57
C THR B 225 6.16 11.94 7.50
N TRP B 226 5.58 12.54 6.45
CA TRP B 226 6.41 12.93 5.29
C TRP B 226 7.07 14.31 5.43
N LEU B 227 6.33 15.28 5.95
CA LEU B 227 6.85 16.65 5.98
C LEU B 227 7.94 16.85 7.04
N PRO B 228 7.91 16.20 8.23
CA PRO B 228 8.90 16.56 9.26
C PRO B 228 10.39 16.62 8.90
N SER B 229 10.86 15.72 8.04
CA SER B 229 12.27 15.70 7.56
C SER B 229 12.63 16.91 6.69
N PHE B 230 11.65 17.38 5.90
CA PHE B 230 11.76 18.61 5.10
C PHE B 230 11.89 19.80 6.04
N LYS B 231 11.04 19.81 7.07
CA LYS B 231 10.91 20.91 8.07
C LYS B 231 12.21 21.23 8.82
N ARG B 232 12.98 20.22 9.23
CA ARG B 232 14.22 20.41 9.96
C ARG B 232 15.28 21.03 9.04
N ALA B 233 15.43 20.43 7.84
CA ALA B 233 16.36 20.94 6.83
C ALA B 233 15.97 22.35 6.35
N ILE B 234 14.69 22.64 6.19
CA ILE B 234 14.23 23.89 5.57
C ILE B 234 14.25 25.04 6.60
N MET B 235 13.51 24.87 7.69
CA MET B 235 13.27 25.92 8.68
C MET B 235 14.46 26.11 9.64
N ASP B 236 15.12 25.02 10.03
CA ASP B 236 16.13 25.09 11.10
C ASP B 236 17.54 25.12 10.51
N ALA B 237 17.82 24.33 9.48
CA ALA B 237 19.10 24.46 8.75
C ALA B 237 19.14 25.61 7.71
N GLY B 238 18.01 26.20 7.35
CA GLY B 238 18.02 27.35 6.39
C GLY B 238 18.37 26.97 4.94
N ALA B 239 17.87 25.82 4.45
CA ALA B 239 18.15 25.35 3.09
C ALA B 239 17.75 26.42 2.09
N TRP B 240 18.65 26.68 1.14
CA TRP B 240 18.45 27.78 0.14
C TRP B 240 17.62 27.36 -1.08
N SER B 241 17.42 26.06 -1.29
CA SER B 241 16.55 25.58 -2.35
C SER B 241 15.87 24.27 -1.97
N ILE B 242 14.80 23.96 -2.73
CA ILE B 242 14.01 22.73 -2.66
C ILE B 242 13.76 22.22 -4.10
N MET B 243 13.71 20.90 -4.30
CA MET B 243 13.23 20.25 -5.52
C MET B 243 11.89 19.54 -5.23
N SER B 244 10.86 19.83 -6.04
CA SER B 244 9.53 19.14 -5.98
C SER B 244 9.59 17.78 -6.73
N ALA B 245 8.60 16.89 -6.49
CA ALA B 245 8.74 15.51 -6.97
C ALA B 245 7.93 15.19 -8.25
N TYR B 246 8.21 13.99 -8.75
CA TYR B 246 7.62 13.43 -9.91
C TYR B 246 6.19 12.88 -9.69
N HIS B 247 5.81 12.61 -8.43
CA HIS B 247 4.53 11.91 -8.11
C HIS B 247 3.32 12.82 -7.89
N SER B 248 2.16 12.18 -7.86
CA SER B 248 0.95 12.72 -7.28
C SER B 248 0.67 12.08 -5.89
N TYR B 249 0.14 12.85 -4.94
CA TYR B 249 -0.25 12.37 -3.61
C TYR B 249 -1.75 12.61 -3.50
N ASP B 250 -2.52 11.53 -3.33
CA ASP B 250 -3.97 11.56 -3.40
C ASP B 250 -4.46 12.30 -4.63
N GLY B 251 -3.77 12.14 -5.77
CA GLY B 251 -4.17 12.65 -7.06
C GLY B 251 -3.89 14.12 -7.37
N ILE B 252 -3.04 14.77 -6.58
CA ILE B 252 -2.58 16.11 -6.88
C ILE B 252 -1.10 15.97 -7.15
N PRO B 253 -0.65 16.37 -8.35
CA PRO B 253 0.77 16.27 -8.64
C PRO B 253 1.63 17.18 -7.76
N ALA B 254 2.73 16.62 -7.23
CA ALA B 254 3.62 17.34 -6.32
C ALA B 254 4.09 18.65 -6.92
N VAL B 255 4.40 18.64 -8.22
CA VAL B 255 4.87 19.79 -8.97
C VAL B 255 3.78 20.84 -9.10
N ALA B 256 2.49 20.44 -8.99
CA ALA B 256 1.34 21.34 -9.19
C ALA B 256 0.44 21.56 -7.95
N ASP B 257 0.95 21.35 -6.73
CA ASP B 257 0.16 21.35 -5.46
C ASP B 257 0.32 22.69 -4.73
N TYR B 258 -0.63 23.60 -4.94
CA TYR B 258 -0.72 24.84 -4.18
C TYR B 258 -0.72 24.63 -2.63
N HIS B 259 -1.53 23.69 -2.12
CA HIS B 259 -1.59 23.41 -0.68
C HIS B 259 -0.20 23.13 -0.05
N THR B 260 0.63 22.31 -0.67
CA THR B 260 1.93 21.95 -0.09
C THR B 260 2.98 23.02 -0.42
N LEU B 261 3.03 23.40 -1.70
CA LEU B 261 4.09 24.28 -2.18
C LEU B 261 3.96 25.72 -1.67
N THR B 262 2.72 26.17 -1.44
CA THR B 262 2.45 27.57 -1.04
C THR B 262 1.84 27.62 0.38
N GLU B 263 0.65 27.05 0.61
CA GLU B 263 -0.01 27.16 1.95
C GLU B 263 0.87 26.59 3.07
N ILE B 264 1.40 25.39 2.90
CA ILE B 264 2.24 24.84 3.95
C ILE B 264 3.60 25.52 3.95
N LEU B 265 4.28 25.39 2.82
CA LEU B 265 5.71 25.74 2.73
C LEU B 265 5.98 27.23 3.00
N ARG B 266 5.15 28.11 2.45
CA ARG B 266 5.34 29.55 2.66
C ARG B 266 4.46 30.08 3.83
N GLU B 267 3.13 29.96 3.70
CA GLU B 267 2.23 30.58 4.68
C GLU B 267 2.43 30.01 6.10
N GLU B 268 2.66 28.71 6.25
CA GLU B 268 2.82 28.08 7.57
C GLU B 268 4.30 28.02 7.97
N TRP B 269 5.22 27.60 7.09
CA TRP B 269 6.63 27.47 7.50
C TRP B 269 7.52 28.71 7.29
N GLY B 270 7.01 29.72 6.59
CA GLY B 270 7.75 30.96 6.31
C GLY B 270 9.01 30.78 5.42
N TYR B 271 9.01 29.75 4.57
CA TYR B 271 10.13 29.48 3.70
C TYR B 271 10.40 30.65 2.75
N LYS B 272 11.65 31.06 2.64
CA LYS B 272 12.01 32.34 2.00
C LYS B 272 12.54 32.16 0.58
N TYR B 273 12.93 30.95 0.19
CA TYR B 273 13.63 30.71 -1.09
C TYR B 273 12.75 30.00 -2.14
N TRP B 274 13.37 29.20 -3.00
CA TRP B 274 12.80 28.77 -4.27
C TRP B 274 12.68 27.24 -4.35
N VAL B 275 11.78 26.82 -5.23
CA VAL B 275 11.51 25.44 -5.51
C VAL B 275 11.76 25.23 -7.02
N THR B 276 12.52 24.18 -7.34
CA THR B 276 12.67 23.72 -8.75
C THR B 276 11.88 22.41 -8.97
N SER B 277 11.41 22.18 -10.21
CA SER B 277 10.77 20.93 -10.56
C SER B 277 11.91 19.89 -10.61
N ASP B 278 11.54 18.62 -10.65
CA ASP B 278 12.49 17.57 -10.99
C ASP B 278 12.67 17.58 -12.52
N ALA B 279 13.54 16.71 -13.03
CA ALA B 279 13.89 16.64 -14.48
C ALA B 279 12.77 16.07 -15.39
N GLY B 280 12.21 16.93 -16.24
CA GLY B 280 11.02 16.55 -17.01
C GLY B 280 9.71 16.52 -16.22
N ALA B 281 9.70 16.97 -14.95
CA ALA B 281 8.48 16.87 -14.13
C ALA B 281 7.38 17.82 -14.60
N SER B 282 7.77 18.94 -15.22
CA SER B 282 6.82 19.88 -15.83
C SER B 282 5.97 19.15 -16.88
N ASP B 283 6.67 18.54 -17.85
CA ASP B 283 6.04 17.89 -18.97
C ASP B 283 5.03 16.90 -18.47
N ARG B 284 5.35 16.25 -17.34
CA ARG B 284 4.51 15.19 -16.78
C ARG B 284 3.11 15.68 -16.43
N VAL B 285 2.92 16.97 -16.16
CA VAL B 285 1.56 17.44 -15.91
C VAL B 285 0.63 17.02 -17.07
N CYS B 286 1.11 17.11 -18.32
CA CYS B 286 0.33 16.70 -19.48
C CYS B 286 0.56 15.20 -19.78
N THR B 287 1.84 14.76 -19.90
CA THR B 287 2.20 13.42 -20.46
C THR B 287 1.82 12.25 -19.55
N ALA B 288 2.15 12.26 -18.25
CA ALA B 288 1.82 11.10 -17.37
C ALA B 288 0.49 11.29 -16.65
N PHE B 289 0.28 12.50 -16.12
CA PHE B 289 -0.93 12.83 -15.33
C PHE B 289 -2.18 13.12 -16.19
N LYS B 290 -2.00 13.47 -17.47
CA LYS B 290 -3.12 13.77 -18.37
C LYS B 290 -4.03 14.90 -17.85
N LEU B 291 -3.42 15.99 -17.39
CA LEU B 291 -4.13 17.20 -17.00
C LEU B 291 -4.12 18.28 -18.09
N CYS B 292 -3.51 17.98 -19.24
CA CYS B 292 -3.50 18.86 -20.39
C CYS B 292 -3.08 18.05 -21.62
N ARG B 293 -3.39 18.56 -22.82
CA ARG B 293 -2.98 17.96 -24.11
C ARG B 293 -1.47 17.68 -24.17
N ALA B 294 -1.10 16.44 -24.50
CA ALA B 294 0.33 15.97 -24.62
C ALA B 294 0.99 16.22 -26.00
N ASP B 295 0.21 16.19 -27.08
CA ASP B 295 0.76 16.32 -28.43
C ASP B 295 -0.14 17.20 -29.30
N PRO B 296 0.34 18.40 -29.72
CA PRO B 296 1.55 19.05 -29.15
C PRO B 296 1.32 19.52 -27.70
N ILE B 297 2.35 19.40 -26.85
CA ILE B 297 2.24 19.62 -25.42
C ILE B 297 1.78 21.06 -25.16
N ASP B 298 0.84 21.22 -24.22
CA ASP B 298 0.23 22.49 -23.91
C ASP B 298 1.14 23.19 -22.91
N LYS B 299 2.13 23.87 -23.44
CA LYS B 299 3.12 24.59 -22.65
C LYS B 299 2.46 25.59 -21.72
N GLU B 300 1.43 26.28 -22.22
CA GLU B 300 0.72 27.25 -21.41
C GLU B 300 0.09 26.57 -20.19
N ALA B 301 -0.59 25.46 -20.41
CA ALA B 301 -1.32 24.80 -19.35
C ALA B 301 -0.33 24.27 -18.30
N VAL B 302 0.79 23.72 -18.75
CA VAL B 302 1.84 23.26 -17.84
C VAL B 302 2.29 24.43 -16.98
N THR B 303 2.53 25.58 -17.60
CA THR B 303 3.04 26.72 -16.86
C THR B 303 1.98 27.22 -15.88
N LEU B 304 0.72 27.22 -16.32
CA LEU B 304 -0.35 27.73 -15.46
C LEU B 304 -0.62 26.82 -14.25
N ALA B 305 -0.40 25.51 -14.41
CA ALA B 305 -0.57 24.53 -13.36
C ALA B 305 0.50 24.64 -12.28
N ILE B 306 1.79 24.87 -12.68
CA ILE B 306 2.91 24.71 -11.72
C ILE B 306 3.50 26.02 -11.13
N LEU B 307 3.55 27.10 -11.91
CA LEU B 307 4.23 28.28 -11.45
C LEU B 307 3.40 28.96 -10.34
N PRO B 308 2.09 29.19 -10.57
CA PRO B 308 1.25 29.79 -9.53
C PRO B 308 0.96 28.89 -8.32
N ALA B 309 1.13 27.58 -8.49
CA ALA B 309 1.11 26.63 -7.37
C ALA B 309 2.27 26.89 -6.41
N GLY B 310 3.40 27.44 -6.88
CA GLY B 310 4.57 27.67 -6.02
C GLY B 310 5.85 26.98 -6.52
N ASN B 311 5.81 26.36 -7.69
CA ASN B 311 6.98 25.80 -8.29
C ASN B 311 7.62 26.86 -9.18
N ASP B 312 8.70 27.44 -8.66
CA ASP B 312 9.35 28.66 -9.24
C ASP B 312 10.18 28.40 -10.52
N VAL B 313 10.83 27.24 -10.60
CA VAL B 313 11.87 26.98 -11.55
C VAL B 313 11.59 25.65 -12.23
N GLU B 314 11.73 25.67 -13.57
CA GLU B 314 11.56 24.51 -14.42
C GLU B 314 12.92 23.90 -14.72
N MET B 315 13.12 22.61 -14.43
CA MET B 315 14.34 21.90 -14.82
CA MET B 315 14.34 21.93 -14.84
C MET B 315 14.33 21.61 -16.34
N GLY B 316 15.54 21.32 -16.85
CA GLY B 316 15.70 20.73 -18.16
C GLY B 316 15.13 19.32 -18.13
N GLY B 317 15.32 18.60 -19.23
CA GLY B 317 14.82 17.24 -19.41
C GLY B 317 13.36 17.17 -19.83
N GLY B 318 12.70 18.30 -20.10
CA GLY B 318 11.35 18.30 -20.68
C GLY B 318 11.30 19.16 -21.91
N SER B 319 10.18 19.89 -22.06
CA SER B 319 9.93 20.74 -23.25
C SER B 319 10.07 22.25 -22.93
N TYR B 320 10.70 22.61 -21.81
CA TYR B 320 10.95 24.04 -21.44
C TYR B 320 9.67 24.91 -21.63
N ASN B 321 8.57 24.48 -21.00
CA ASN B 321 7.20 25.09 -21.04
C ASN B 321 7.16 26.54 -20.49
N PHE B 322 8.06 26.88 -19.57
CA PHE B 322 8.13 28.24 -18.98
C PHE B 322 8.51 29.32 -20.03
N GLU B 323 8.91 28.92 -21.25
CA GLU B 323 9.17 29.90 -22.33
C GLU B 323 7.89 30.61 -22.77
N THR B 324 6.72 30.07 -22.41
CA THR B 324 5.42 30.71 -22.64
C THR B 324 5.01 31.69 -21.53
N ILE B 325 5.84 31.91 -20.52
CA ILE B 325 5.53 32.87 -19.42
C ILE B 325 5.17 34.20 -20.07
N ILE B 326 6.04 34.67 -20.96
CA ILE B 326 5.88 35.99 -21.62
C ILE B 326 4.54 36.12 -22.30
N ASP B 327 4.09 35.03 -22.93
CA ASP B 327 2.84 35.01 -23.66
C ASP B 327 1.62 34.97 -22.73
N LEU B 328 1.71 34.21 -21.63
CA LEU B 328 0.65 34.18 -20.63
C LEU B 328 0.42 35.56 -19.99
N VAL B 329 1.51 36.27 -19.76
CA VAL B 329 1.46 37.59 -19.14
C VAL B 329 0.80 38.57 -20.10
N ASN B 330 1.24 38.57 -21.36
CA ASN B 330 0.64 39.39 -22.45
C ASN B 330 -0.85 39.11 -22.67
N ALA B 331 -1.31 37.88 -22.49
CA ALA B 331 -2.70 37.51 -22.68
C ALA B 331 -3.59 37.80 -21.47
N GLY B 332 -3.01 38.26 -20.35
CA GLY B 332 -3.79 38.54 -19.13
C GLY B 332 -4.04 37.31 -18.28
N LYS B 333 -3.40 36.18 -18.61
CA LYS B 333 -3.72 34.88 -17.99
C LYS B 333 -2.83 34.57 -16.79
N LEU B 334 -1.64 35.15 -16.76
CA LEU B 334 -0.69 35.02 -15.67
C LEU B 334 -0.33 36.41 -15.17
N ASP B 335 -0.51 36.61 -13.87
CA ASP B 335 -0.21 37.87 -13.26
C ASP B 335 1.31 38.01 -13.15
N ILE B 336 1.83 39.14 -13.62
CA ILE B 336 3.26 39.51 -13.47
C ILE B 336 3.77 39.33 -12.03
N GLU B 337 2.91 39.58 -11.04
CA GLU B 337 3.33 39.41 -9.64
C GLU B 337 3.69 37.94 -9.29
N ILE B 338 3.06 36.96 -9.93
CA ILE B 338 3.45 35.53 -9.74
C ILE B 338 4.90 35.32 -10.19
N VAL B 339 5.24 35.85 -11.38
CA VAL B 339 6.56 35.76 -11.92
C VAL B 339 7.55 36.49 -10.99
N ASN B 340 7.13 37.67 -10.55
CA ASN B 340 7.97 38.55 -9.76
C ASN B 340 8.35 37.87 -8.44
N THR B 341 7.41 37.15 -7.85
CA THR B 341 7.65 36.42 -6.59
C THR B 341 8.60 35.23 -6.80
N ALA B 342 8.49 34.57 -7.96
CA ALA B 342 9.32 33.40 -8.23
C ALA B 342 10.79 33.80 -8.42
N VAL B 343 10.97 34.90 -9.15
CA VAL B 343 12.28 35.46 -9.41
C VAL B 343 12.90 35.96 -8.10
N SER B 344 12.13 36.77 -7.36
CA SER B 344 12.54 37.28 -6.04
C SER B 344 13.16 36.17 -5.19
N ARG B 345 12.48 35.02 -5.15
CA ARG B 345 12.89 33.83 -4.39
C ARG B 345 14.27 33.33 -4.85
N VAL B 346 14.46 33.28 -6.17
CA VAL B 346 15.76 32.91 -6.76
C VAL B 346 16.85 33.94 -6.39
N LEU B 347 16.54 35.24 -6.57
CA LEU B 347 17.52 36.34 -6.32
C LEU B 347 17.88 36.41 -4.83
N ARG B 348 16.88 36.29 -3.95
CA ARG B 348 17.09 36.30 -2.49
C ARG B 348 18.10 35.23 -2.06
N ALA B 349 17.88 34.00 -2.53
CA ALA B 349 18.84 32.91 -2.33
C ALA B 349 20.25 33.31 -2.83
N LYS B 350 20.35 33.85 -4.05
CA LYS B 350 21.63 34.24 -4.62
C LYS B 350 22.37 35.25 -3.73
N PHE B 351 21.66 36.28 -3.26
CA PHE B 351 22.23 37.25 -2.31
C PHE B 351 22.72 36.61 -0.99
N GLU B 352 21.91 35.78 -0.35
CA GLU B 352 22.32 35.09 0.92
C GLU B 352 23.56 34.23 0.69
N MET B 353 23.67 33.56 -0.46
CA MET B 353 24.85 32.76 -0.77
C MET B 353 26.11 33.63 -0.93
N GLY B 354 25.95 34.93 -1.13
CA GLY B 354 27.07 35.86 -1.22
C GLY B 354 27.66 35.85 -2.61
N LEU B 355 26.88 35.32 -3.57
CA LEU B 355 27.30 35.18 -4.99
C LEU B 355 27.58 36.54 -5.64
N PHE B 356 26.78 37.57 -5.34
CA PHE B 356 27.04 38.88 -5.94
C PHE B 356 28.39 39.46 -5.47
N GLU B 357 28.88 39.05 -4.28
CA GLU B 357 30.18 39.53 -3.75
C GLU B 357 31.30 38.62 -4.23
N ASN B 358 31.09 37.30 -4.22
CA ASN B 358 32.09 36.34 -4.74
C ASN B 358 31.46 35.43 -5.79
N PRO B 359 31.36 35.87 -7.05
CA PRO B 359 30.86 35.00 -8.09
C PRO B 359 31.76 33.79 -8.44
N TYR B 360 33.08 33.89 -8.17
CA TYR B 360 34.09 32.89 -8.59
C TYR B 360 34.45 31.99 -7.42
N ASN B 361 34.09 30.72 -7.59
CA ASN B 361 34.26 29.68 -6.58
C ASN B 361 35.61 28.98 -6.75
N ALA B 362 35.93 28.67 -8.01
CA ALA B 362 36.93 27.65 -8.32
C ALA B 362 38.29 28.02 -7.76
N ALA B 363 38.98 26.98 -7.30
CA ALA B 363 40.37 27.07 -6.98
C ALA B 363 41.15 26.85 -8.27
N PRO B 364 42.39 27.33 -8.36
CA PRO B 364 43.26 27.03 -9.49
C PRO B 364 43.50 25.53 -9.79
N ALA B 365 43.84 25.25 -11.04
CA ALA B 365 44.15 23.91 -11.53
C ALA B 365 45.17 23.16 -10.65
N SER B 366 46.18 23.90 -10.16
CA SER B 366 47.28 23.36 -9.38
C SER B 366 46.86 22.92 -7.96
N GLU B 367 45.77 23.50 -7.44
CA GLU B 367 45.26 23.14 -6.08
C GLU B 367 44.23 21.97 -6.08
N TRP B 368 43.61 21.62 -7.21
CA TRP B 368 42.55 20.60 -7.19
C TRP B 368 42.97 19.27 -6.52
N ASN B 369 44.18 18.74 -6.78
CA ASN B 369 44.61 17.50 -6.10
C ASN B 369 44.80 17.68 -4.60
N LYS B 370 44.90 18.93 -4.12
CA LYS B 370 45.01 19.17 -2.69
C LYS B 370 43.65 19.46 -2.05
N LEU B 371 42.58 19.55 -2.85
CA LEU B 371 41.21 19.79 -2.31
C LEU B 371 40.29 18.58 -2.46
N ILE B 372 40.52 17.78 -3.50
CA ILE B 372 39.69 16.64 -3.92
C ILE B 372 40.42 15.31 -3.67
N HIS B 373 39.74 14.34 -3.04
CA HIS B 373 40.33 13.03 -2.70
C HIS B 373 41.54 13.16 -1.74
N THR B 374 41.43 14.11 -0.83
CA THR B 374 42.35 14.27 0.28
C THR B 374 42.28 13.07 1.24
N GLN B 375 43.37 12.87 1.97
CA GLN B 375 43.44 11.87 3.02
C GLN B 375 42.41 12.12 4.13
N GLU B 376 42.07 13.39 4.39
CA GLU B 376 41.05 13.71 5.40
C GLU B 376 39.67 13.13 4.99
N ALA B 377 39.29 13.32 3.71
CA ALA B 377 38.03 12.82 3.11
C ALA B 377 38.02 11.30 3.01
N VAL B 378 39.14 10.74 2.56
CA VAL B 378 39.28 9.30 2.38
C VAL B 378 39.16 8.57 3.73
N ASP B 379 39.87 9.09 4.73
CA ASP B 379 39.83 8.54 6.08
C ASP B 379 38.44 8.66 6.69
N LEU B 380 37.80 9.80 6.51
CA LEU B 380 36.43 10.02 6.95
C LEU B 380 35.53 8.98 6.29
N ALA B 381 35.72 8.72 4.99
CA ALA B 381 34.92 7.71 4.28
C ALA B 381 35.00 6.34 4.95
N ARG B 382 36.19 5.95 5.40
CA ARG B 382 36.40 4.68 6.08
C ARG B 382 35.75 4.67 7.46
N GLU B 383 35.93 5.77 8.18
CA GLU B 383 35.39 5.94 9.53
C GLU B 383 33.85 5.85 9.53
N LEU B 384 33.21 6.62 8.65
CA LEU B 384 31.77 6.66 8.55
C LEU B 384 31.21 5.31 8.08
N ASP B 385 31.90 4.70 7.11
CA ASP B 385 31.53 3.38 6.64
C ASP B 385 31.60 2.33 7.75
N ARG B 386 32.69 2.31 8.54
CA ARG B 386 32.85 1.26 9.58
C ARG B 386 31.85 1.45 10.72
N GLU B 387 31.52 2.71 10.98
CA GLU B 387 30.46 3.12 11.91
C GLU B 387 29.04 2.80 11.40
N SER B 388 28.86 2.48 10.12
CA SER B 388 27.54 2.19 9.50
C SER B 388 27.25 0.70 9.43
N ILE B 389 28.29 -0.12 9.61
CA ILE B 389 28.10 -1.57 9.51
C ILE B 389 27.27 -2.08 10.69
N VAL B 390 26.33 -2.99 10.40
CA VAL B 390 25.37 -3.49 11.38
C VAL B 390 25.61 -4.97 11.56
N LEU B 391 25.85 -5.36 12.81
CA LEU B 391 26.07 -6.77 13.14
C LEU B 391 24.70 -7.38 13.43
N LEU B 392 24.28 -8.35 12.60
CA LEU B 392 22.90 -8.91 12.73
C LEU B 392 22.85 -10.15 13.67
N GLU B 393 23.83 -11.03 13.52
CA GLU B 393 24.04 -12.21 14.37
C GLU B 393 25.53 -12.47 14.58
N ASN B 394 25.84 -13.18 15.67
CA ASN B 394 27.20 -13.60 15.98
C ASN B 394 27.12 -14.71 17.02
N HIS B 395 27.01 -15.95 16.57
CA HIS B 395 26.88 -17.13 17.44
C HIS B 395 28.25 -17.59 17.99
N ASP B 396 28.32 -17.89 19.30
CA ASP B 396 29.50 -18.53 19.94
C ASP B 396 30.82 -17.79 19.71
N ASN B 397 30.78 -16.45 19.69
CA ASN B 397 31.96 -15.63 19.42
C ASN B 397 32.69 -16.03 18.11
N ALA B 398 31.96 -16.40 17.06
CA ALA B 398 32.61 -16.54 15.73
C ALA B 398 33.31 -15.26 15.26
N LEU B 399 32.84 -14.09 15.68
CA LEU B 399 33.46 -12.83 15.36
C LEU B 399 33.86 -12.22 16.70
N PRO B 400 34.95 -11.43 16.77
CA PRO B 400 35.80 -11.13 15.63
C PRO B 400 36.68 -12.32 15.25
N LEU B 401 37.07 -12.38 13.97
CA LEU B 401 37.94 -13.44 13.45
C LEU B 401 39.41 -13.25 13.92
N LYS B 402 40.14 -14.37 13.93
CA LYS B 402 41.57 -14.39 14.28
C LYS B 402 42.41 -14.03 13.05
N LYS B 403 43.43 -13.19 13.23
CA LYS B 403 44.42 -12.93 12.14
C LYS B 403 45.47 -14.07 12.11
N SER B 404 45.02 -15.26 11.72
CA SER B 404 45.82 -16.47 11.77
C SER B 404 45.00 -17.58 11.12
N GLY B 405 45.62 -18.76 11.02
CA GLY B 405 45.05 -19.90 10.33
C GLY B 405 44.73 -19.58 8.88
N SER B 406 43.71 -20.29 8.36
CA SER B 406 43.20 -20.12 7.00
C SER B 406 41.83 -19.42 7.02
N ILE B 407 41.62 -18.51 6.05
CA ILE B 407 40.33 -17.82 5.85
C ILE B 407 39.90 -17.93 4.38
N ALA B 408 38.70 -18.49 4.14
CA ALA B 408 38.07 -18.46 2.81
C ALA B 408 37.30 -17.14 2.64
N VAL B 409 37.44 -16.53 1.45
CA VAL B 409 36.70 -15.35 1.07
C VAL B 409 35.97 -15.66 -0.25
N ILE B 410 34.63 -15.71 -0.17
CA ILE B 410 33.76 -16.30 -1.22
C ILE B 410 32.67 -15.30 -1.61
N GLY B 411 32.25 -15.40 -2.88
CA GLY B 411 31.03 -14.76 -3.37
C GLY B 411 31.27 -13.62 -4.36
N PRO B 412 30.25 -13.36 -5.21
CA PRO B 412 30.36 -12.35 -6.27
C PRO B 412 30.74 -10.93 -5.81
N MET B 413 30.30 -10.51 -4.62
CA MET B 413 30.59 -9.15 -4.14
C MET B 413 31.91 -9.08 -3.34
N ALA B 414 32.66 -10.20 -3.27
CA ALA B 414 33.92 -10.20 -2.50
C ALA B 414 35.05 -9.55 -3.31
N HIS B 415 34.97 -9.62 -4.64
CA HIS B 415 36.05 -9.12 -5.49
C HIS B 415 35.58 -8.98 -6.93
N GLY B 416 36.30 -8.18 -7.72
CA GLY B 416 36.11 -8.17 -9.14
C GLY B 416 35.57 -6.84 -9.59
N PHE B 417 34.73 -6.24 -8.74
CA PHE B 417 34.09 -4.96 -8.98
C PHE B 417 33.74 -4.40 -7.60
N MET B 418 33.54 -3.09 -7.51
CA MET B 418 33.10 -2.45 -6.28
C MET B 418 31.59 -2.24 -6.41
N ASN B 419 30.88 -2.65 -5.37
CA ASN B 419 29.42 -2.68 -5.31
C ASN B 419 28.90 -1.30 -4.87
N TYR B 420 29.20 -0.26 -5.63
CA TYR B 420 28.75 1.06 -5.31
C TYR B 420 27.22 1.15 -5.51
N GLY B 421 26.58 2.02 -4.76
CA GLY B 421 25.21 2.39 -5.12
C GLY B 421 25.16 3.35 -6.30
N ASP B 422 23.93 3.69 -6.69
CA ASP B 422 23.67 4.72 -7.70
C ASP B 422 24.16 6.09 -7.21
N TYR B 423 24.13 7.05 -8.15
CA TYR B 423 24.70 8.40 -8.01
C TYR B 423 26.21 8.36 -7.77
N VAL B 424 26.80 7.55 -8.64
CA VAL B 424 28.22 7.40 -8.81
C VAL B 424 28.53 7.52 -10.31
N VAL B 425 29.67 8.14 -10.65
CA VAL B 425 30.00 8.42 -12.08
C VAL B 425 30.60 7.19 -12.75
N TYR B 426 30.56 7.25 -14.08
CA TYR B 426 30.94 6.19 -14.98
C TYR B 426 32.35 5.69 -14.66
N GLU B 427 32.47 4.37 -14.52
CA GLU B 427 33.73 3.65 -14.30
C GLU B 427 34.28 3.77 -12.87
N SER B 428 33.51 4.36 -11.93
CA SER B 428 33.83 4.36 -10.50
C SER B 428 34.08 2.94 -10.00
N GLN B 429 33.29 1.97 -10.48
CA GLN B 429 33.34 0.60 -9.98
C GLN B 429 34.71 -0.06 -10.10
N TYR B 430 35.60 0.48 -10.96
CA TYR B 430 36.95 -0.09 -11.21
C TYR B 430 38.01 0.40 -10.22
N ARG B 431 37.66 1.35 -9.33
CA ARG B 431 38.51 1.77 -8.22
C ARG B 431 37.78 1.51 -6.89
N GLY B 432 38.58 1.40 -5.82
CA GLY B 432 38.12 1.22 -4.45
C GLY B 432 38.65 -0.07 -3.85
N VAL B 433 38.45 -0.21 -2.53
CA VAL B 433 38.87 -1.37 -1.75
C VAL B 433 37.73 -2.39 -1.66
N THR B 434 37.94 -3.54 -2.29
CA THR B 434 36.98 -4.65 -2.22
C THR B 434 37.10 -5.34 -0.86
N PRO B 435 36.08 -6.12 -0.43
CA PRO B 435 36.24 -7.00 0.72
C PRO B 435 37.51 -7.87 0.70
N LEU B 436 37.86 -8.45 -0.46
CA LEU B 436 39.06 -9.28 -0.56
C LEU B 436 40.29 -8.43 -0.30
N ASP B 437 40.40 -7.29 -1.00
CA ASP B 437 41.51 -6.31 -0.80
C ASP B 437 41.71 -5.99 0.69
N GLY B 438 40.62 -5.65 1.39
CA GLY B 438 40.68 -5.28 2.80
C GLY B 438 41.06 -6.41 3.73
N ILE B 439 40.62 -7.63 3.43
CA ILE B 439 40.93 -8.83 4.23
C ILE B 439 42.40 -9.23 4.04
N LYS B 440 42.94 -9.14 2.82
CA LYS B 440 44.38 -9.42 2.59
C LYS B 440 45.25 -8.45 3.40
N ALA B 441 44.96 -7.15 3.34
CA ALA B 441 45.72 -6.07 4.03
C ALA B 441 45.71 -6.18 5.58
N ALA B 442 44.62 -6.73 6.12
CA ALA B 442 44.39 -6.82 7.55
C ALA B 442 45.29 -7.90 8.16
N VAL B 443 45.38 -9.05 7.48
CA VAL B 443 46.15 -10.20 7.98
C VAL B 443 47.61 -10.15 7.51
N GLY B 444 47.85 -9.64 6.28
CA GLY B 444 49.18 -9.68 5.68
C GLY B 444 49.57 -11.13 5.46
N ASP B 445 50.65 -11.56 6.11
CA ASP B 445 51.11 -12.95 5.91
C ASP B 445 50.81 -13.81 7.13
N LYS B 446 50.06 -13.27 8.09
CA LYS B 446 49.73 -14.01 9.31
C LYS B 446 48.65 -15.07 9.07
N ALA B 447 47.95 -15.01 7.94
CA ALA B 447 46.85 -15.93 7.62
C ALA B 447 46.86 -16.29 6.14
N THR B 448 46.41 -17.51 5.81
CA THR B 448 46.25 -17.88 4.40
C THR B 448 44.82 -17.49 3.95
N ILE B 449 44.72 -16.73 2.84
CA ILE B 449 43.45 -16.29 2.26
C ILE B 449 43.14 -17.07 0.98
N ASN B 450 42.05 -17.84 1.01
CA ASN B 450 41.63 -18.68 -0.15
C ASN B 450 40.41 -18.14 -0.91
N TYR B 451 40.64 -17.36 -1.97
CA TYR B 451 39.55 -16.73 -2.75
C TYR B 451 38.82 -17.70 -3.73
N ALA B 452 37.50 -17.51 -3.87
CA ALA B 452 36.66 -18.19 -4.85
C ALA B 452 35.40 -17.35 -5.09
N GLN B 453 35.14 -17.00 -6.36
CA GLN B 453 33.96 -16.18 -6.70
C GLN B 453 32.65 -16.90 -6.36
N GLY B 454 32.59 -18.23 -6.50
CA GLY B 454 31.34 -18.95 -6.23
C GLY B 454 30.31 -18.87 -7.37
N CYS B 455 29.77 -17.66 -7.64
CA CYS B 455 28.70 -17.46 -8.65
C CYS B 455 28.79 -16.05 -9.22
N GLU B 456 28.13 -15.83 -10.35
CA GLU B 456 27.93 -14.47 -10.84
C GLU B 456 26.63 -13.95 -10.17
N ARG B 457 26.55 -12.65 -9.86
CA ARG B 457 25.34 -12.12 -9.22
C ARG B 457 24.07 -12.17 -10.09
N TRP B 458 24.28 -12.14 -11.41
CA TRP B 458 23.27 -12.05 -12.43
C TRP B 458 22.94 -13.41 -13.08
N SER B 459 23.41 -14.52 -12.48
CA SER B 459 23.23 -15.85 -13.09
C SER B 459 22.84 -16.91 -12.06
N ASN B 460 22.05 -17.92 -12.51
CA ASN B 460 21.64 -19.11 -11.71
C ASN B 460 22.63 -20.26 -11.91
N ASP B 461 23.63 -20.03 -12.77
CA ASP B 461 24.71 -20.99 -13.04
C ASP B 461 25.53 -21.23 -11.77
N GLN B 462 25.65 -22.52 -11.42
CA GLN B 462 26.43 -23.00 -10.28
C GLN B 462 27.76 -23.71 -10.66
N SER B 463 28.32 -23.49 -11.85
CA SER B 463 29.67 -24.01 -12.23
C SER B 463 30.73 -23.81 -11.13
N GLY B 464 30.76 -22.59 -10.58
CA GLY B 464 31.79 -22.15 -9.66
C GLY B 464 31.67 -22.72 -8.25
N PHE B 465 30.64 -23.54 -7.95
CA PHE B 465 30.40 -23.95 -6.53
C PHE B 465 31.51 -24.87 -5.98
N ALA B 466 32.01 -25.81 -6.81
CA ALA B 466 33.07 -26.74 -6.41
C ALA B 466 34.31 -25.98 -5.89
N GLU B 467 34.77 -25.03 -6.69
CA GLU B 467 35.89 -24.18 -6.32
C GLU B 467 35.65 -23.47 -4.98
N ALA B 468 34.41 -23.02 -4.74
CA ALA B 468 34.02 -22.33 -3.48
C ALA B 468 34.08 -23.27 -2.30
N VAL B 469 33.38 -24.40 -2.44
CA VAL B 469 33.34 -25.49 -1.44
C VAL B 469 34.78 -25.90 -1.08
N GLU B 470 35.62 -26.14 -2.11
CA GLU B 470 37.02 -26.52 -1.92
C GLU B 470 37.71 -25.45 -1.08
N ALA B 471 37.62 -24.18 -1.47
CA ALA B 471 38.21 -23.07 -0.67
C ALA B 471 37.73 -23.09 0.80
N ALA B 472 36.44 -23.36 1.03
CA ALA B 472 35.90 -23.45 2.38
C ALA B 472 36.55 -24.60 3.18
N LYS B 473 36.52 -25.80 2.57
CA LYS B 473 37.01 -27.04 3.23
C LYS B 473 38.45 -26.94 3.76
N LYS B 474 39.30 -26.16 3.10
CA LYS B 474 40.69 -26.02 3.56
C LYS B 474 40.91 -24.69 4.29
N SER B 475 39.85 -24.13 4.87
CA SER B 475 39.96 -22.94 5.72
C SER B 475 39.33 -23.26 7.06
N ASP B 476 39.72 -22.50 8.08
CA ASP B 476 39.19 -22.70 9.45
C ASP B 476 37.81 -22.00 9.58
N VAL B 477 37.62 -20.96 8.77
CA VAL B 477 36.40 -20.13 8.75
C VAL B 477 36.19 -19.64 7.31
N ALA B 478 34.95 -19.23 6.97
CA ALA B 478 34.60 -18.75 5.61
C ALA B 478 33.81 -17.43 5.65
N VAL B 479 34.18 -16.47 4.79
CA VAL B 479 33.44 -15.23 4.61
C VAL B 479 32.80 -15.22 3.20
N VAL B 480 31.47 -15.08 3.13
CA VAL B 480 30.70 -15.11 1.87
C VAL B 480 29.98 -13.76 1.68
N VAL B 481 30.33 -13.05 0.63
CA VAL B 481 29.82 -11.69 0.45
C VAL B 481 28.89 -11.71 -0.74
N VAL B 482 27.59 -11.59 -0.46
CA VAL B 482 26.52 -11.57 -1.49
C VAL B 482 25.66 -10.32 -1.31
N GLY B 483 24.70 -10.09 -2.22
CA GLY B 483 23.65 -9.07 -1.99
C GLY B 483 22.97 -8.58 -3.26
N THR B 484 22.75 -7.27 -3.29
CA THR B 484 22.15 -6.57 -4.41
C THR B 484 23.27 -5.76 -5.09
N TRP B 485 22.97 -5.21 -6.25
CA TRP B 485 23.89 -4.32 -6.94
C TRP B 485 23.11 -3.24 -7.69
N SER B 486 23.82 -2.16 -8.05
CA SER B 486 23.26 -1.07 -8.79
C SER B 486 24.21 -0.72 -9.94
N ARG B 487 24.07 0.51 -10.46
CA ARG B 487 24.85 0.95 -11.63
C ARG B 487 25.16 2.44 -11.54
N ASP B 488 26.26 2.84 -12.22
CA ASP B 488 26.72 4.26 -12.29
C ASP B 488 25.81 5.06 -13.22
N GLN B 489 26.02 6.38 -13.31
CA GLN B 489 25.07 7.24 -14.06
C GLN B 489 24.91 6.87 -15.54
N LYS B 490 25.95 6.37 -16.23
CA LYS B 490 25.82 5.95 -17.66
C LYS B 490 25.18 4.56 -17.77
N GLU B 491 25.73 3.57 -17.03
CA GLU B 491 25.28 2.17 -17.13
C GLU B 491 23.82 1.98 -16.63
N LEU B 492 23.44 2.70 -15.59
CA LEU B 492 22.08 2.63 -15.11
C LEU B 492 21.09 3.02 -16.22
N TRP B 493 21.40 4.10 -16.96
CA TRP B 493 20.49 4.69 -17.99
C TRP B 493 20.66 4.10 -19.39
N ALA B 494 21.71 3.30 -19.60
CA ALA B 494 21.87 2.53 -20.84
C ALA B 494 21.29 1.13 -20.67
N GLY B 495 20.68 0.83 -19.52
CA GLY B 495 19.82 -0.35 -19.37
C GLY B 495 20.49 -1.64 -18.88
N LEU B 496 21.70 -1.56 -18.31
CA LEU B 496 22.38 -2.74 -17.81
C LEU B 496 21.71 -3.26 -16.52
N ASN B 497 21.92 -4.54 -16.26
CA ASN B 497 21.19 -5.22 -15.26
C ASN B 497 21.52 -4.69 -13.87
N ALA B 498 20.49 -4.69 -13.02
CA ALA B 498 20.56 -4.20 -11.63
C ALA B 498 19.37 -4.69 -10.78
N THR B 499 19.55 -4.65 -9.46
CA THR B 499 18.51 -5.01 -8.50
C THR B 499 18.05 -3.83 -7.66
N THR B 500 18.84 -2.74 -7.60
CA THR B 500 18.47 -1.47 -6.96
C THR B 500 18.99 -0.30 -7.79
N GLY B 501 18.48 0.89 -7.46
CA GLY B 501 18.86 2.15 -8.08
C GLY B 501 17.67 2.85 -8.71
N GLU B 502 17.81 4.16 -8.96
CA GLU B 502 16.78 4.91 -9.63
C GLU B 502 16.29 4.17 -10.90
N HIS B 503 14.97 3.94 -10.99
CA HIS B 503 14.27 3.20 -12.10
C HIS B 503 14.60 1.71 -12.15
N VAL B 504 15.14 1.14 -11.06
CA VAL B 504 15.29 -0.30 -10.91
C VAL B 504 14.51 -0.78 -9.68
N ASP B 505 13.25 -1.18 -9.89
CA ASP B 505 12.37 -1.58 -8.82
C ASP B 505 12.22 -3.10 -8.85
N VAL B 506 11.85 -3.68 -7.72
CA VAL B 506 11.82 -5.16 -7.57
C VAL B 506 10.56 -5.66 -6.88
N ASN B 507 10.17 -6.87 -7.21
CA ASN B 507 8.95 -7.45 -6.69
C ASN B 507 9.29 -8.58 -5.71
N SER B 508 10.58 -8.65 -5.34
CA SER B 508 11.13 -9.66 -4.45
C SER B 508 12.36 -9.07 -3.72
N LEU B 509 12.52 -9.42 -2.45
CA LEU B 509 13.69 -9.01 -1.69
C LEU B 509 14.63 -10.18 -1.39
N SER B 510 14.28 -11.37 -1.85
CA SER B 510 15.13 -12.54 -1.77
C SER B 510 16.42 -12.35 -2.63
N LEU B 511 17.48 -13.05 -2.22
CA LEU B 511 18.75 -13.05 -2.95
C LEU B 511 18.49 -13.55 -4.36
N VAL B 512 18.90 -12.75 -5.34
CA VAL B 512 18.73 -13.09 -6.72
C VAL B 512 19.78 -14.15 -7.11
N GLY B 513 19.41 -14.96 -8.10
CA GLY B 513 20.35 -15.83 -8.81
C GLY B 513 20.84 -16.98 -7.95
N ALA B 514 22.13 -17.30 -8.13
CA ALA B 514 22.78 -18.42 -7.41
C ALA B 514 23.17 -18.11 -5.94
N GLN B 515 22.97 -16.88 -5.45
CA GLN B 515 23.62 -16.41 -4.18
C GLN B 515 23.16 -17.20 -2.94
N ALA B 516 21.86 -17.51 -2.84
CA ALA B 516 21.34 -18.28 -1.71
C ALA B 516 21.80 -19.74 -1.78
N PRO B 517 21.72 -20.43 -2.94
CA PRO B 517 22.29 -21.78 -2.98
C PRO B 517 23.81 -21.80 -2.76
N LEU B 518 24.53 -20.78 -3.26
CA LEU B 518 25.97 -20.60 -2.92
C LEU B 518 26.12 -20.66 -1.41
N ILE B 519 25.37 -19.82 -0.70
CA ILE B 519 25.50 -19.85 0.76
C ILE B 519 25.29 -21.27 1.30
N LYS B 520 24.20 -21.92 0.91
CA LYS B 520 23.83 -23.22 1.47
C LYS B 520 24.97 -24.23 1.22
N ALA B 521 25.53 -24.23 0.00
CA ALA B 521 26.66 -25.08 -0.39
C ALA B 521 27.83 -24.91 0.59
N ILE B 522 28.20 -23.67 0.87
CA ILE B 522 29.30 -23.38 1.82
C ILE B 522 28.95 -23.80 3.24
N ILE B 523 27.70 -23.63 3.65
CA ILE B 523 27.26 -23.92 5.02
C ILE B 523 27.37 -25.43 5.25
N ASP B 524 26.85 -26.21 4.29
CA ASP B 524 26.73 -27.68 4.38
C ASP B 524 28.11 -28.35 4.54
N THR B 525 29.16 -27.63 4.19
CA THR B 525 30.53 -28.09 4.37
C THR B 525 30.95 -28.23 5.85
N GLY B 526 30.14 -27.79 6.83
CA GLY B 526 30.48 -27.89 8.26
C GLY B 526 31.36 -26.75 8.79
N VAL B 527 31.99 -25.97 7.90
CA VAL B 527 32.92 -24.88 8.26
C VAL B 527 32.15 -23.65 8.70
N PRO B 528 32.51 -23.05 9.86
CA PRO B 528 31.84 -21.83 10.34
C PRO B 528 31.77 -20.74 9.25
N THR B 529 30.55 -20.29 8.93
CA THR B 529 30.30 -19.43 7.75
C THR B 529 29.78 -18.04 8.19
N VAL B 530 30.52 -17.00 7.81
CA VAL B 530 30.13 -15.64 8.10
C VAL B 530 29.53 -15.04 6.81
N VAL B 531 28.29 -14.56 6.87
CA VAL B 531 27.66 -14.01 5.69
C VAL B 531 27.69 -12.50 5.83
N VAL B 532 28.22 -11.85 4.81
CA VAL B 532 28.15 -10.41 4.67
C VAL B 532 27.13 -10.05 3.58
N LEU B 533 26.10 -9.29 3.97
CA LEU B 533 25.12 -8.75 3.01
C LEU B 533 25.63 -7.36 2.56
N SER B 534 25.86 -7.23 1.25
CA SER B 534 26.34 -6.00 0.59
C SER B 534 25.23 -5.49 -0.34
N SER B 535 24.52 -4.42 0.05
CA SER B 535 23.27 -4.12 -0.62
C SER B 535 22.75 -2.70 -0.39
N GLY B 536 21.68 -2.35 -1.11
CA GLY B 536 21.07 -1.01 -1.00
C GLY B 536 19.72 -0.99 -0.32
N LYS B 537 19.22 -2.17 0.10
CA LYS B 537 17.94 -2.29 0.81
C LYS B 537 17.87 -3.59 1.61
N PRO B 538 16.77 -3.87 2.35
CA PRO B 538 16.65 -5.16 3.00
C PRO B 538 16.66 -6.34 2.04
N ILE B 539 17.13 -7.49 2.56
CA ILE B 539 17.13 -8.79 1.88
C ILE B 539 16.43 -9.81 2.79
N THR B 540 15.46 -10.52 2.22
CA THR B 540 14.60 -11.44 2.97
C THR B 540 15.15 -12.86 2.85
N GLU B 541 16.05 -13.23 3.78
CA GLU B 541 16.51 -14.61 3.96
C GLU B 541 16.54 -14.95 5.45
N PRO B 542 15.38 -15.11 6.09
CA PRO B 542 15.31 -15.49 7.51
C PRO B 542 16.17 -16.68 8.00
N TRP B 543 16.33 -17.69 7.16
CA TRP B 543 17.13 -18.89 7.47
C TRP B 543 18.62 -18.57 7.73
N LEU B 544 19.11 -17.45 7.23
CA LEU B 544 20.50 -17.10 7.50
C LEU B 544 20.77 -16.94 8.98
N SER B 545 19.81 -16.40 9.75
CA SER B 545 20.01 -16.01 11.16
C SER B 545 20.64 -17.11 12.06
N ASN B 546 20.07 -18.32 11.97
CA ASN B 546 20.44 -19.44 12.84
C ASN B 546 21.19 -20.58 12.11
N ASN B 547 21.48 -20.44 10.80
CA ASN B 547 22.26 -21.47 10.08
C ASN B 547 23.66 -21.01 9.66
N THR B 548 24.06 -19.79 10.02
CA THR B 548 25.39 -19.31 9.80
C THR B 548 25.98 -18.97 11.15
N ALA B 549 27.29 -18.82 11.20
CA ALA B 549 27.98 -18.50 12.41
C ALA B 549 27.78 -17.02 12.74
N ALA B 550 27.82 -16.17 11.71
CA ALA B 550 27.55 -14.74 11.93
C ALA B 550 26.94 -14.09 10.68
N LEU B 551 26.22 -12.97 10.90
CA LEU B 551 25.53 -12.28 9.85
C LEU B 551 25.80 -10.79 9.97
N VAL B 552 26.28 -10.21 8.85
CA VAL B 552 26.73 -8.82 8.79
C VAL B 552 26.07 -8.09 7.62
N GLN B 553 25.51 -6.91 7.93
CA GLN B 553 24.97 -5.98 6.92
C GLN B 553 25.93 -4.81 6.65
N GLN B 554 26.34 -4.66 5.40
CA GLN B 554 27.06 -3.45 5.00
C GLN B 554 26.31 -2.89 3.80
N PHE B 555 25.52 -1.83 4.02
CA PHE B 555 24.88 -1.19 2.89
C PHE B 555 25.96 -0.60 1.96
N TYR B 556 25.56 -0.26 0.75
CA TYR B 556 26.53 -0.03 -0.33
C TYR B 556 27.76 0.75 0.16
N PRO B 557 28.95 0.15 0.00
CA PRO B 557 30.12 0.72 0.65
C PRO B 557 30.68 2.01 0.04
N SER B 558 31.55 2.63 0.82
CA SER B 558 32.42 3.69 0.41
C SER B 558 33.57 3.08 -0.38
N GLU B 559 34.47 3.93 -0.88
CA GLU B 559 35.62 3.46 -1.65
C GLU B 559 36.63 2.75 -0.76
N GLN B 560 36.49 2.93 0.55
CA GLN B 560 37.24 2.19 1.59
C GLN B 560 36.48 0.97 2.16
N GLY B 561 35.44 0.49 1.49
CA GLY B 561 34.49 -0.49 2.09
C GLY B 561 35.13 -1.76 2.60
N GLY B 562 36.12 -2.26 1.86
CA GLY B 562 36.83 -3.46 2.22
C GLY B 562 37.60 -3.29 3.53
N ASN B 563 38.26 -2.13 3.68
CA ASN B 563 39.01 -1.82 4.91
C ASN B 563 38.04 -1.67 6.10
N ALA B 564 36.99 -0.87 5.88
CA ALA B 564 35.95 -0.68 6.83
C ALA B 564 35.37 -2.03 7.26
N LEU B 565 35.14 -2.94 6.29
CA LEU B 565 34.58 -4.27 6.59
C LEU B 565 35.62 -5.07 7.36
N ALA B 566 36.86 -5.11 6.86
CA ALA B 566 37.94 -5.80 7.57
C ALA B 566 38.08 -5.27 9.01
N ASP B 567 38.00 -3.95 9.21
CA ASP B 567 38.15 -3.35 10.54
C ASP B 567 37.18 -3.94 11.57
N VAL B 568 35.94 -4.24 11.13
CA VAL B 568 34.89 -4.87 11.96
C VAL B 568 35.13 -6.37 12.15
N LEU B 569 35.39 -7.08 11.04
CA LEU B 569 35.49 -8.55 11.00
C LEU B 569 36.61 -9.05 11.93
N PHE B 570 37.76 -8.37 11.96
CA PHE B 570 38.92 -8.75 12.81
C PHE B 570 39.02 -7.98 14.15
N GLY B 571 38.10 -7.05 14.42
CA GLY B 571 37.90 -6.47 15.75
C GLY B 571 38.72 -5.23 16.07
N ASP B 572 39.40 -4.62 15.10
CA ASP B 572 40.01 -3.30 15.32
C ASP B 572 38.93 -2.27 15.63
N TYR B 573 37.74 -2.42 15.04
CA TYR B 573 36.56 -1.61 15.41
C TYR B 573 35.42 -2.52 15.88
N ASN B 574 34.86 -2.21 17.06
CA ASN B 574 33.75 -2.94 17.64
C ASN B 574 32.50 -2.39 16.97
N PRO B 575 31.83 -3.18 16.09
CA PRO B 575 30.67 -2.70 15.33
C PRO B 575 29.56 -2.04 16.15
N SER B 576 29.05 -0.91 15.63
CA SER B 576 28.15 0.03 16.30
C SER B 576 26.92 0.44 15.48
N GLY B 577 26.75 -0.10 14.27
CA GLY B 577 25.67 0.31 13.42
C GLY B 577 24.35 -0.20 13.97
N LYS B 578 23.29 0.57 13.73
CA LYS B 578 21.91 0.19 14.05
C LYS B 578 21.04 0.43 12.81
N LEU B 579 20.10 -0.48 12.51
CA LEU B 579 19.31 -0.38 11.26
C LEU B 579 18.50 0.93 11.10
N SER B 580 18.62 1.53 9.91
CA SER B 580 17.88 2.75 9.54
C SER B 580 16.52 2.39 8.93
N VAL B 581 16.32 1.09 8.64
CA VAL B 581 15.13 0.55 7.98
C VAL B 581 14.87 -0.87 8.53
N SER B 582 13.58 -1.25 8.63
CA SER B 582 13.17 -2.58 9.10
C SER B 582 13.30 -3.60 7.93
N PHE B 583 13.73 -4.82 8.30
CA PHE B 583 13.86 -6.00 7.41
C PHE B 583 12.64 -6.86 7.61
N PRO B 584 11.82 -7.06 6.56
CA PRO B 584 10.69 -7.97 6.67
C PRO B 584 11.17 -9.40 6.48
N HIS B 585 10.28 -10.35 6.76
CA HIS B 585 10.52 -11.78 6.45
C HIS B 585 10.34 -12.07 4.94
N SER B 586 9.42 -11.36 4.27
CA SER B 586 9.13 -11.60 2.86
C SER B 586 8.54 -10.34 2.27
N VAL B 587 8.65 -10.23 0.95
CA VAL B 587 8.07 -9.11 0.19
C VAL B 587 6.53 -9.10 0.33
N GLY B 588 5.96 -10.24 0.72
CA GLY B 588 4.54 -10.37 0.91
C GLY B 588 4.06 -9.77 2.21
N ASP B 589 5.00 -9.29 3.03
CA ASP B 589 4.74 -8.81 4.40
C ASP B 589 4.72 -7.27 4.48
N LEU B 590 4.82 -6.58 3.33
CA LEU B 590 5.08 -5.15 3.32
C LEU B 590 3.78 -4.38 3.50
N PRO B 591 3.81 -3.13 4.01
CA PRO B 591 5.00 -2.47 4.53
C PRO B 591 5.34 -2.96 5.94
N ILE B 592 6.50 -2.51 6.43
CA ILE B 592 7.12 -3.09 7.64
C ILE B 592 7.71 -2.02 8.59
N TYR B 593 7.47 -0.73 8.30
CA TYR B 593 7.99 0.38 9.14
C TYR B 593 7.58 0.24 10.62
N TYR B 594 8.48 0.61 11.56
CA TYR B 594 8.32 0.37 13.06
C TYR B 594 7.20 1.29 13.60
N ASP B 595 6.97 2.43 12.93
CA ASP B 595 6.09 3.55 13.42
C ASP B 595 4.62 3.46 12.98
N TYR B 596 4.21 2.23 12.64
CA TYR B 596 2.83 1.92 12.26
C TYR B 596 1.81 2.56 13.24
N LEU B 597 0.68 3.04 12.73
CA LEU B 597 -0.40 3.50 13.64
C LEU B 597 -0.92 2.40 14.56
N ASN B 598 -1.37 2.80 15.74
CA ASN B 598 -2.09 1.87 16.58
C ASN B 598 -3.26 1.20 15.80
N SER B 599 -3.41 -0.12 16.03
CA SER B 599 -4.37 -1.04 15.42
C SER B 599 -3.73 -1.80 14.27
N ALA B 600 -2.47 -1.45 13.91
CA ALA B 600 -1.74 -2.16 12.88
C ALA B 600 -0.79 -3.17 13.50
N ARG B 601 -0.25 -4.04 12.65
CA ARG B 601 0.93 -4.93 12.90
C ARG B 601 0.63 -6.08 13.87
N GLU B 602 0.23 -5.75 15.11
CA GLU B 602 0.11 -6.75 16.14
C GLU B 602 -1.35 -7.12 16.32
N ILE B 603 -1.82 -8.10 15.55
CA ILE B 603 -3.24 -8.36 15.52
C ILE B 603 -3.55 -9.77 16.00
N GLY B 604 -2.99 -10.82 15.38
CA GLY B 604 -3.33 -12.20 15.80
C GLY B 604 -2.10 -13.08 15.85
N ASP B 605 -2.28 -14.37 15.63
CA ASP B 605 -1.18 -15.32 15.63
C ASP B 605 -0.59 -15.47 14.21
N ALA B 606 0.74 -15.68 14.15
CA ALA B 606 1.43 -15.89 12.88
C ALA B 606 1.62 -17.39 12.66
N GLY B 607 1.49 -17.78 11.40
CA GLY B 607 1.82 -19.13 10.94
C GLY B 607 3.28 -19.24 10.56
N TYR B 608 3.68 -20.45 10.14
CA TYR B 608 5.06 -20.77 9.88
C TYR B 608 5.21 -21.98 8.93
N ILE B 609 6.26 -21.93 8.10
CA ILE B 609 6.62 -22.99 7.17
C ILE B 609 7.98 -23.57 7.60
N TYR B 610 8.00 -24.81 8.09
CA TYR B 610 9.27 -25.41 8.51
C TYR B 610 10.05 -25.84 7.28
N SER B 611 11.37 -25.77 7.36
CA SER B 611 12.25 -26.23 6.26
C SER B 611 11.98 -27.71 5.90
N ASN B 612 11.59 -28.54 6.87
CA ASN B 612 11.19 -29.94 6.59
C ASN B 612 9.79 -30.07 5.95
N GLY B 613 9.18 -28.97 5.46
CA GLY B 613 7.87 -29.01 4.79
C GLY B 613 6.64 -28.88 5.69
N THR B 614 6.73 -29.16 6.99
CA THR B 614 5.57 -29.03 7.88
C THR B 614 4.99 -27.60 7.88
N LEU B 615 3.65 -27.53 7.87
CA LEU B 615 2.88 -26.28 7.87
C LEU B 615 2.14 -26.08 9.20
N GLU B 616 2.45 -24.99 9.90
CA GLU B 616 1.71 -24.55 11.10
C GLU B 616 0.86 -23.34 10.67
N PHE B 617 -0.45 -23.56 10.59
CA PHE B 617 -1.38 -22.55 10.10
C PHE B 617 -1.72 -21.57 11.24
N GLY B 618 -1.57 -20.27 10.96
CA GLY B 618 -2.04 -19.20 11.82
C GLY B 618 -3.05 -18.31 11.10
N HIS B 619 -3.00 -17.00 11.34
CA HIS B 619 -4.10 -16.12 10.89
C HIS B 619 -3.61 -14.82 10.27
N GLN B 620 -2.71 -14.13 10.98
CA GLN B 620 -1.96 -13.01 10.47
C GLN B 620 -0.47 -13.39 10.54
N TYR B 621 0.07 -14.06 9.49
CA TYR B 621 -0.63 -14.55 8.30
C TYR B 621 -0.91 -16.06 8.45
N ALA B 622 -1.79 -16.63 7.61
CA ALA B 622 -1.95 -18.08 7.51
C ALA B 622 -0.61 -18.83 7.61
N LEU B 623 0.39 -18.37 6.85
CA LEU B 623 1.67 -19.11 6.74
C LEU B 623 2.86 -18.15 6.64
N GLY B 624 2.80 -17.07 7.43
CA GLY B 624 3.82 -16.00 7.41
C GLY B 624 3.68 -15.11 8.64
N ASN B 625 4.66 -14.22 8.82
CA ASN B 625 4.72 -13.34 9.99
C ASN B 625 4.82 -11.85 9.61
N PRO B 626 3.86 -10.98 10.01
CA PRO B 626 3.93 -9.56 9.63
C PRO B 626 4.92 -8.72 10.44
N LYS B 627 5.46 -9.30 11.51
CA LYS B 627 6.52 -8.73 12.34
C LYS B 627 7.85 -8.71 11.58
N ALA B 628 8.63 -7.66 11.87
CA ALA B 628 9.94 -7.45 11.30
C ALA B 628 10.81 -8.66 11.64
N TRP B 629 11.59 -9.10 10.66
CA TRP B 629 12.68 -10.03 10.90
C TRP B 629 13.73 -9.34 11.77
N TYR B 630 14.10 -8.13 11.38
CA TYR B 630 14.97 -7.26 12.19
C TYR B 630 14.30 -5.90 12.24
N PRO B 631 13.95 -5.37 13.44
CA PRO B 631 13.34 -4.06 13.50
C PRO B 631 14.30 -2.87 13.33
N PHE B 632 13.72 -1.72 12.95
CA PHE B 632 14.37 -0.44 13.01
C PHE B 632 15.17 -0.29 14.31
N GLY B 633 16.42 0.14 14.19
CA GLY B 633 17.31 0.40 15.34
C GLY B 633 18.03 -0.81 15.90
N TYR B 634 17.88 -1.96 15.23
CA TYR B 634 18.49 -3.18 15.68
C TYR B 634 19.97 -3.11 15.31
N GLY B 635 20.82 -3.45 16.28
CA GLY B 635 22.19 -3.76 15.94
C GLY B 635 22.95 -4.33 17.12
N LYS B 636 23.74 -5.38 16.89
CA LYS B 636 24.54 -5.98 17.99
C LYS B 636 25.97 -5.40 18.09
N SER B 637 26.68 -5.82 19.15
CA SER B 637 28.07 -5.43 19.48
C SER B 637 28.82 -6.68 19.92
N TYR B 638 30.15 -6.61 19.94
CA TYR B 638 31.01 -7.67 20.56
C TYR B 638 30.97 -7.58 22.09
N SER B 639 30.51 -6.43 22.60
CA SER B 639 30.26 -6.18 24.00
C SER B 639 28.75 -6.28 24.27
N SER B 640 28.36 -6.38 25.54
CA SER B 640 26.96 -6.32 25.93
C SER B 640 26.79 -5.05 26.74
N PHE B 641 25.57 -4.54 26.79
CA PHE B 641 25.33 -3.30 27.51
C PHE B 641 24.18 -3.47 28.50
N GLU B 642 24.42 -3.06 29.76
CA GLU B 642 23.46 -3.15 30.87
C GLU B 642 22.97 -1.73 31.16
N TYR B 643 21.67 -1.52 31.10
CA TYR B 643 21.08 -0.21 31.25
C TYR B 643 20.53 -0.12 32.67
N GLY B 644 20.79 1.01 33.32
CA GLY B 644 20.18 1.30 34.60
C GLY B 644 18.77 1.86 34.50
N ALA B 645 18.38 2.54 35.58
CA ALA B 645 17.08 3.14 35.68
C ALA B 645 17.04 4.38 34.80
N VAL B 646 15.91 4.58 34.12
CA VAL B 646 15.68 5.74 33.30
C VAL B 646 15.17 6.81 34.24
N LYS B 647 15.77 7.99 34.22
CA LYS B 647 15.32 9.10 35.07
C LYS B 647 14.96 10.29 34.19
N LEU B 648 13.96 11.06 34.65
CA LEU B 648 13.55 12.30 33.97
C LEU B 648 13.77 13.48 34.93
N ASP B 649 14.40 14.56 34.42
CA ASP B 649 14.67 15.74 35.23
C ASP B 649 13.36 16.47 35.59
N LYS B 650 12.30 16.31 34.78
CA LYS B 650 10.95 16.86 35.03
C LYS B 650 9.89 15.79 34.75
N THR B 651 8.82 15.76 35.55
CA THR B 651 7.68 14.81 35.38
C THR B 651 6.40 15.57 34.98
N ASN B 652 6.02 16.61 35.71
CA ASN B 652 4.84 17.42 35.39
C ASN B 652 5.35 18.63 34.59
N VAL B 653 4.93 18.77 33.32
CA VAL B 653 5.54 19.75 32.39
C VAL B 653 4.50 20.42 31.49
N THR B 654 4.94 21.43 30.75
CA THR B 654 4.09 22.13 29.76
C THR B 654 4.64 21.92 28.34
N GLU B 655 3.86 22.41 27.38
CA GLU B 655 4.22 22.44 25.95
C GLU B 655 5.58 23.07 25.71
N ALA B 656 5.87 24.14 26.45
CA ALA B 656 7.10 24.97 26.34
C ALA B 656 8.40 24.29 26.83
N ASP B 657 8.30 23.36 27.78
CA ASP B 657 9.47 22.79 28.47
C ASP B 657 10.20 21.74 27.61
N THR B 658 11.35 21.30 28.12
CA THR B 658 12.20 20.29 27.56
C THR B 658 12.43 19.22 28.63
N VAL B 659 12.07 17.97 28.36
CA VAL B 659 12.26 16.87 29.28
C VAL B 659 13.57 16.21 28.87
N THR B 660 14.52 16.09 29.79
CA THR B 660 15.79 15.43 29.53
C THR B 660 15.75 14.01 30.12
N VAL B 661 16.00 13.03 29.25
CA VAL B 661 16.12 11.64 29.61
C VAL B 661 17.57 11.32 29.95
N SER B 662 17.71 10.55 31.01
CA SER B 662 18.98 10.17 31.58
C SER B 662 18.98 8.67 31.87
N VAL B 663 20.07 8.01 31.52
CA VAL B 663 20.23 6.61 31.90
C VAL B 663 21.71 6.23 31.93
N ASP B 664 22.09 5.35 32.85
CA ASP B 664 23.47 4.87 32.95
C ASP B 664 23.58 3.55 32.22
N VAL B 665 24.59 3.44 31.37
CA VAL B 665 24.78 2.29 30.54
C VAL B 665 26.17 1.72 30.86
N LYS B 666 26.20 0.45 31.26
CA LYS B 666 27.44 -0.26 31.61
C LYS B 666 27.87 -1.16 30.45
N ASN B 667 29.09 -0.97 29.94
CA ASN B 667 29.71 -1.97 29.08
C ASN B 667 30.12 -3.14 29.96
N THR B 668 29.50 -4.32 29.79
CA THR B 668 29.88 -5.48 30.64
C THR B 668 31.04 -6.33 30.09
N ASP B 669 31.62 -5.98 28.94
CA ASP B 669 32.78 -6.71 28.43
C ASP B 669 34.02 -6.26 29.21
N ALA B 670 34.75 -7.22 29.78
CA ALA B 670 36.02 -6.95 30.53
C ALA B 670 37.15 -6.54 29.60
N THR B 671 37.25 -7.16 28.43
CA THR B 671 38.41 -6.98 27.52
C THR B 671 38.29 -5.71 26.67
N ARG B 672 37.09 -5.40 26.13
CA ARG B 672 37.04 -4.39 25.01
C ARG B 672 35.96 -3.29 25.08
N GLU B 673 36.42 -2.11 24.67
CA GLU B 673 35.60 -0.94 24.44
C GLU B 673 34.44 -1.25 23.45
N GLY B 674 33.29 -0.62 23.69
CA GLY B 674 32.12 -0.86 22.90
C GLY B 674 31.30 0.39 22.75
N THR B 675 30.75 0.57 21.55
CA THR B 675 29.85 1.68 21.27
C THR B 675 28.41 1.20 21.23
N GLU B 676 27.53 1.95 21.92
CA GLU B 676 26.08 1.73 21.92
C GLU B 676 25.32 2.99 21.45
N VAL B 677 24.18 2.77 20.82
CA VAL B 677 23.27 3.82 20.37
C VAL B 677 22.05 3.65 21.25
N VAL B 678 22.00 4.44 22.30
CA VAL B 678 20.85 4.54 23.14
C VAL B 678 19.80 5.30 22.35
N GLN B 679 18.58 4.74 22.25
CA GLN B 679 17.48 5.28 21.43
C GLN B 679 16.25 5.46 22.31
N VAL B 680 15.53 6.56 22.11
CA VAL B 680 14.44 6.97 22.99
C VAL B 680 13.17 7.07 22.16
N TYR B 681 12.16 6.27 22.51
CA TYR B 681 10.86 6.26 21.81
C TYR B 681 9.78 6.88 22.69
N VAL B 682 8.99 7.75 22.08
CA VAL B 682 7.88 8.37 22.76
C VAL B 682 6.59 7.66 22.33
N VAL B 683 5.70 7.42 23.30
CA VAL B 683 4.38 6.88 23.06
C VAL B 683 3.37 7.93 23.58
N ASP B 684 2.50 8.44 22.72
CA ASP B 684 1.41 9.30 23.16
C ASP B 684 0.29 8.32 23.47
N GLU B 685 -0.01 8.15 24.76
CA GLU B 685 -0.71 6.99 25.28
C GLU B 685 -2.19 7.02 24.89
N VAL B 686 -2.83 8.16 25.10
CA VAL B 686 -4.23 8.38 24.77
C VAL B 686 -4.27 9.61 23.87
N ALA B 687 -4.90 9.50 22.69
CA ALA B 687 -4.87 10.61 21.68
C ALA B 687 -6.28 10.91 21.18
N SER B 688 -6.46 12.07 20.55
CA SER B 688 -7.79 12.43 20.04
C SER B 688 -8.01 11.80 18.65
N VAL B 689 -6.91 11.50 17.96
CA VAL B 689 -6.91 10.75 16.69
C VAL B 689 -5.83 9.66 16.77
N VAL B 690 -5.84 8.74 15.80
CA VAL B 690 -4.96 7.60 15.81
C VAL B 690 -3.56 8.04 15.39
N VAL B 691 -2.57 7.75 16.24
CA VAL B 691 -1.21 8.23 16.04
C VAL B 691 -0.26 7.05 15.88
N PRO B 692 1.00 7.29 15.48
CA PRO B 692 1.96 6.20 15.47
C PRO B 692 2.13 5.52 16.83
N ASN B 693 2.35 4.21 16.80
CA ASN B 693 2.42 3.40 18.03
C ASN B 693 3.58 3.86 18.93
N ARG B 694 4.72 4.21 18.32
CA ARG B 694 5.89 4.70 19.00
C ARG B 694 6.73 5.46 17.96
N LEU B 695 7.42 6.51 18.39
CA LEU B 695 8.28 7.25 17.48
C LEU B 695 9.65 7.52 18.12
N LEU B 696 10.71 7.33 17.35
CA LEU B 696 12.02 7.78 17.78
C LEU B 696 11.97 9.31 17.89
N LYS B 697 12.29 9.85 19.07
CA LYS B 697 12.39 11.29 19.31
C LYS B 697 13.77 11.73 19.85
N GLY B 698 14.72 10.80 19.95
CA GLY B 698 16.01 11.12 20.48
C GLY B 698 16.90 9.88 20.48
N PHE B 699 18.19 10.09 20.28
CA PHE B 699 19.20 9.05 20.48
C PHE B 699 20.56 9.65 20.85
N LYS B 700 21.46 8.80 21.34
CA LYS B 700 22.83 9.19 21.50
C LYS B 700 23.78 7.99 21.38
N LYS B 701 24.81 8.19 20.56
CA LYS B 701 25.84 7.21 20.34
C LYS B 701 26.99 7.49 21.32
N VAL B 702 27.33 6.48 22.13
CA VAL B 702 28.28 6.64 23.26
C VAL B 702 29.32 5.53 23.18
N VAL B 703 30.61 5.93 23.29
CA VAL B 703 31.73 5.02 23.39
C VAL B 703 31.97 4.78 24.89
N ILE B 704 31.84 3.52 25.30
CA ILE B 704 31.96 3.13 26.69
C ILE B 704 33.15 2.20 26.81
N PRO B 705 34.16 2.58 27.64
CA PRO B 705 35.32 1.70 27.87
C PRO B 705 34.95 0.38 28.54
N ALA B 706 35.81 -0.62 28.33
CA ALA B 706 35.69 -1.95 28.97
C ALA B 706 35.31 -1.86 30.46
N GLY B 707 34.22 -2.56 30.84
CA GLY B 707 33.73 -2.60 32.24
C GLY B 707 33.20 -1.29 32.83
N GLN B 708 33.17 -0.20 32.07
CA GLN B 708 32.78 1.10 32.60
C GLN B 708 31.30 1.38 32.37
N THR B 709 30.84 2.42 33.06
CA THR B 709 29.51 2.87 33.01
C THR B 709 29.57 4.32 32.54
N LYS B 710 28.62 4.69 31.68
CA LYS B 710 28.54 6.03 31.15
C LYS B 710 27.09 6.55 31.25
N THR B 711 26.95 7.80 31.70
CA THR B 711 25.66 8.45 31.84
C THR B 711 25.33 9.11 30.51
N VAL B 712 24.17 8.78 29.96
CA VAL B 712 23.71 9.30 28.66
C VAL B 712 22.54 10.23 28.93
N GLU B 713 22.52 11.35 28.21
CA GLU B 713 21.48 12.36 28.34
C GLU B 713 20.94 12.76 26.97
N ILE B 714 19.64 12.50 26.79
CA ILE B 714 18.96 12.78 25.55
C ILE B 714 17.83 13.76 25.85
N PRO B 715 17.86 14.94 25.21
CA PRO B 715 16.77 15.89 25.39
C PRO B 715 15.56 15.61 24.48
N LEU B 716 14.35 15.81 25.02
CA LEU B 716 13.10 15.78 24.23
C LEU B 716 12.37 17.11 24.42
N LYS B 717 12.34 17.92 23.38
CA LYS B 717 11.46 19.10 23.33
C LYS B 717 9.99 18.69 23.16
N VAL B 718 9.16 19.11 24.11
CA VAL B 718 7.74 18.72 24.20
C VAL B 718 6.92 19.20 22.98
N GLN B 719 7.22 20.38 22.44
CA GLN B 719 6.52 20.92 21.27
C GLN B 719 6.70 20.06 20.01
N ASP B 720 7.63 19.10 20.02
CA ASP B 720 7.83 18.21 18.83
C ASP B 720 7.09 16.85 18.95
N LEU B 721 6.23 16.68 19.95
CA LEU B 721 5.62 15.38 20.29
C LEU B 721 4.10 15.39 20.06
N GLY B 722 3.59 16.43 19.40
CA GLY B 722 2.17 16.55 19.11
C GLY B 722 1.74 15.72 17.93
N LEU B 723 0.47 15.95 17.57
CA LEU B 723 -0.25 15.25 16.50
C LEU B 723 -1.10 16.25 15.70
N TRP B 724 -1.70 15.75 14.63
CA TRP B 724 -2.61 16.56 13.84
C TRP B 724 -4.05 16.10 14.11
N ASN B 725 -4.81 16.96 14.80
CA ASN B 725 -6.09 16.60 15.36
C ASN B 725 -7.14 16.62 14.26
N VAL B 726 -8.37 16.30 14.66
CA VAL B 726 -9.48 16.17 13.75
C VAL B 726 -9.64 17.39 12.82
N ARG B 727 -9.28 18.61 13.27
CA ARG B 727 -9.38 19.83 12.41
C ARG B 727 -8.04 20.16 11.69
N MET B 728 -7.13 19.18 11.62
CA MET B 728 -5.80 19.31 11.04
C MET B 728 -5.06 20.50 11.66
N LYS B 729 -5.12 20.60 12.99
CA LYS B 729 -4.24 21.49 13.75
C LYS B 729 -3.22 20.67 14.56
N TYR B 730 -2.02 21.24 14.67
CA TYR B 730 -0.94 20.63 15.40
C TYR B 730 -1.17 21.01 16.86
N VAL B 731 -1.19 20.02 17.76
CA VAL B 731 -1.47 20.30 19.17
C VAL B 731 -0.72 19.29 20.02
N VAL B 732 -0.23 19.74 21.18
CA VAL B 732 0.34 18.84 22.15
C VAL B 732 -0.70 18.76 23.24
N GLU B 733 -1.40 17.64 23.26
CA GLU B 733 -2.56 17.49 24.02
C GLU B 733 -2.11 17.14 25.42
N PRO B 734 -2.76 17.73 26.46
CA PRO B 734 -2.47 17.36 27.84
C PRO B 734 -2.66 15.87 28.11
N GLY B 735 -1.74 15.27 28.85
CA GLY B 735 -1.85 13.89 29.21
C GLY B 735 -0.52 13.20 29.28
N ALA B 736 -0.56 11.89 29.48
CA ALA B 736 0.61 11.03 29.61
C ALA B 736 1.36 10.79 28.28
N PHE B 737 2.69 10.78 28.37
CA PHE B 737 3.59 10.40 27.31
C PHE B 737 4.58 9.39 27.87
N GLY B 738 4.67 8.22 27.26
CA GLY B 738 5.60 7.21 27.69
C GLY B 738 6.92 7.40 26.99
N VAL B 739 7.99 7.07 27.71
CA VAL B 739 9.35 7.19 27.25
C VAL B 739 9.97 5.81 27.34
N LEU B 740 10.37 5.25 26.20
CA LEU B 740 10.85 3.89 26.12
C LEU B 740 12.29 4.01 25.63
N VAL B 741 13.23 3.52 26.45
CA VAL B 741 14.66 3.68 26.25
C VAL B 741 15.18 2.31 25.90
N GLY B 742 16.00 2.23 24.84
CA GLY B 742 16.35 0.92 24.31
C GLY B 742 17.56 0.89 23.39
N SER B 743 18.00 -0.34 23.19
CA SER B 743 19.03 -0.73 22.24
C SER B 743 18.45 -0.91 20.81
N SER B 744 17.11 -0.91 20.68
CA SER B 744 16.42 -0.88 19.38
C SER B 744 14.97 -0.50 19.61
N SER B 745 14.21 -0.34 18.52
CA SER B 745 12.77 -0.01 18.62
C SER B 745 11.92 -1.12 19.30
N GLU B 746 12.43 -2.35 19.29
CA GLU B 746 11.80 -3.51 19.94
C GLU B 746 12.43 -3.77 21.31
N ASP B 747 13.77 -3.69 21.40
CA ASP B 747 14.57 -4.11 22.57
C ASP B 747 14.64 -2.95 23.57
N ILE B 748 13.57 -2.78 24.35
CA ILE B 748 13.45 -1.70 25.34
C ILE B 748 14.01 -2.22 26.67
N ARG B 749 14.81 -1.40 27.36
CA ARG B 749 15.51 -1.80 28.62
C ARG B 749 15.04 -1.05 29.86
N GLY B 750 14.35 0.07 29.65
CA GLY B 750 13.79 0.86 30.72
C GLY B 750 12.78 1.84 30.18
N ASN B 751 12.05 2.49 31.11
CA ASN B 751 11.02 3.44 30.72
C ASN B 751 10.65 4.41 31.88
N ALA B 752 9.92 5.46 31.54
CA ALA B 752 9.39 6.44 32.48
C ALA B 752 8.17 7.06 31.82
N THR B 753 7.43 7.89 32.57
CA THR B 753 6.32 8.66 32.04
C THR B 753 6.45 10.09 32.55
N PHE B 754 6.15 11.05 31.67
CA PHE B 754 5.92 12.42 32.08
C PHE B 754 4.52 12.82 31.66
N TYR B 755 4.04 13.93 32.20
CA TYR B 755 2.67 14.36 31.98
C TYR B 755 2.63 15.80 31.50
N VAL B 756 1.83 16.05 30.47
CA VAL B 756 1.71 17.40 29.92
C VAL B 756 0.44 18.02 30.49
N GLN B 757 0.54 19.25 31.00
CA GLN B 757 -0.61 19.90 31.66
C GLN B 757 -1.06 21.11 30.86
#